data_7ZF1
#
_entry.id   7ZF1
#
_cell.length_a   1.00
_cell.length_b   1.00
_cell.length_c   1.00
_cell.angle_alpha   90.00
_cell.angle_beta   90.00
_cell.angle_gamma   90.00
#
_symmetry.space_group_name_H-M   'P 1'
#
loop_
_entity.id
_entity.type
_entity.pdbx_description
1 polymer 'Fanconi anemia group I protein'
2 polymer 'Fanconi anemia group D2 protein'
3 polymer 'Ubiquitin-60S ribosomal protein L40'
4 polymer 'DNA (61-MER)'
5 polymer 'DNA (61-MER)'
#
loop_
_entity_poly.entity_id
_entity_poly.type
_entity_poly.pdbx_seq_one_letter_code
_entity_poly.pdbx_strand_id
1 'polypeptide(L)'
;MHHHHHHENLYFQGKPIPNPLLGLDSTMDQKILSLAAEKTADKLQEFLQTLREGDLTNLLQNQAVKGKVAGALLRAIFKG
SPCSEEAGTLRRRKIYTCCIQLVESGDLQKEIASEIIGLLMLEAHHFPGPLLVELANEFISAVREGSLVNGKSLELLPII
LTALATKKENLAYGKGVLSGEECKKQLINTLCSGRWDQQYVIQLTSMFKDVPLTAEEVEFVVEKALSMFSKMNLQEIPPL
VYQLLVLSSKGSRKSVLEGIIAFFSALDKQHNEEQSGDELLDVVTVPSGELRHVEGTIILHIVFAIKLDYELGRELVKHL
KVGQQGDSNNNLSPFSIALLLSVTRIQRFQDQVLDLLKTSVVKSFKDLQLLQGSKFLQNLVPHRSYVSTMILEVVKNSVH
SWDHVTQGLVELGFILMDSYGPKKVLDGKTIETSPSLSRMPNQHACKLGANILLETFKIHEMIRQEILEQVLNRVVTRAS
SPISHFLDLLSNIVMYAPLVLQSCSSKVTEAFDYLSFLPLQTVQRLLKAVQPLLKVSMSMRDCLILVLRKAMFANQLDAR
KSAVAGFLLLLKNFKVLGSLSSSQCSQSLSVSQVHVDVHSHYNSVANETFCLEIMDSLRRCLSQQADVRLMLYEGFYDVL
RRNSQLANSVMQTLLSQLKQFYEPKPDLLPPLKLEACILTQGDKISLQEPLDYLLCCIQHCLAWYKNTVIPLQQGEEEEE
EEEAFYEDLDDILESITNRMIKSELEDFELDKSADFSQSTSIGIKNNICAFLVMGVCEVLIEYNFSISSFSKNRFEDILS
LFMCYKKLSDILNEKAGKAKTKMANKTSDSLLSMKFVSSLLTALFRDSIQSHQESLSVLRSSNEFMRYAVNVALQKVQQL
KETGHVSGPDGQNPEKIFQNLCDITRVLLWRYTSIPTSVEESGKKEKGKSISLLCLEGLQKIFSAVQQFYQPKIQQFLRA
LDVTDKEGEEREDADVSVTQRTAFQIRQFQRSLLNLLSSQEEDFNSKEALLLVTVLTSLSKLLEPSSPQFVQMLSWTSKI
CKENSREDALFCKSLMNLLFSLHVSYKSPVILLRDLSQDIHGHLGDIDQDVEVEKTNHFAIVNLRTAAPTVCLLVLSQAE
KVLEEVDWLITKLKGQVSQETLSEEASSQATLPNQPVEKAIIMQLGTLLTFFHELVQTALPSGSCVDTLLKDLCKMYTTL
TALVRYYLQVCQSSGGIPKNMEKLVKLSGSHLTPLCYSFISYVQNKSKSLNYTGEKKEKPAAVATAMARVLRETKPIPNL
IFAIEQYEKFLIHLSKKSKVNLMQHMKLSTSRDFKIKGNILDMVLREDGEDENEEGTASEHGGQNKEPAKKKRKK
;
A
2 'polypeptide(L)'
;MHHHHHHLEVLFQGPGSMVSKRRLSKSEDKESLTEDASKTRKQPLSKKTKKSHIANEVEENDSIFVKLLKISGIILKTGE
SQNQLAVDQIAFQKKLFQTLRRHPSYPKIIEEFVSGLESYIEDEDSFRNCLLSCERLQDEEASMGASYSKSLIKLLLGID
ILQPAIIKTLFEKLPEYFFENKNSDEINIPRLIVSQLKWLDRVVDGKDLTTKIMQLISIAPENLQHDIITSLPEILGDSQ
HADVGKELSDLLIENTSLTVPILDVLSSLRLDPNFLLKVRQLVMDKLSSIRLEDLPVIIKFILHSVTAMDTLEVISELRE
KLDLQHCVLPSRLQASQVKLKSKGRASSSGNQESSGQSCIILLFDVIKSAIRYEKTISEAWIKAIENTASVSEHKVFDLV
MLFIIYSTNTQTKKYIDRVLRNKIRSGCIQEQLLQSTFSVHYLVLKDMCSSILSLAQSLLHSLDQSIISFGSLLYKYAFK
FFDTYCQQEVVGALVTHICSGNEAEVDTALDVLLELVVLNPSAMMMNAVFVKGILDYLDNISPQQIRKLFYVLSTLAFSK
QNEASSHIQDDMHLVIRKQLSSTVFKYKLIGIIGAVTMAGIMAADRSESPSLTQERANLSDEQCTQVTSLLQLVHSCSEQ
SPQASALYYDEFANLIQHEKLDPKALEWVGHTICNDFQDAFVVDSCVVPEGDFPFPVKALYGLEEYDTQDGIAINLLPLL
FSQDFAKDGGPVTSQESGQKLVSPLCLAPYFRLLRLCVERQHNGNLEEIDGLLDCPIFLTDLEPGEKLESMSAKERSFMC
SLIFLTLNWFREIVNAFCQETSPEMKGKVLTRLKHIVELQIILEKYLAVTPDYVPPLGNFDVETLDITPHTVTAISAKIR
KKGKIERKQKTDGSKTSSSDTLSEEKNSECDPTPSHRGQLNKEFTGKEEKTSLLLHNSHAFFRELDIEVFSILHCGLVTK
FILDTEMHTEATEVVQLGPPELLFLLEDLSQKLESMLTPPIARRVPFLKNKGSRNIGFSHLQQRSAQEIVHCVFQLLTPM
CNHLENIHNYFQCLAAENHGVVDGPGVKVQEYHIMSSCYQRLLQIFHGLFAWSGFSQPENQNLLYSALHVLSSRLKQGEH
SQPLEELLSQSVHYLQNFHQSIPSFQCALYLIRLLMVILEKSTASAQNKEKIASLARQFLCRVWPSGDKEKSNISNDQLH
ALLCIYLEHTESILKAIEEIAGVGVPELINSPKDASSSTFPTLTRHTFVVFFRVMMAELEKTVKKIEPGTAADSQQIHEE
KLLYWNMAVRDFSILINLIKVFDSHPVLHVCLKYGRLFVEAFLKQCMPLLDFSFRKHREDVLSLLETFQLDTRLLHHLCG
HSKIHQDTRLTQHVPLLKKTLELLVCRVKAMLTLNNCREAFWLGNLKNRDLQGEEIKSQNSQESTADESEDDMSSQASKS
KATEDGEEDEVSAGEKEQDSDESYDDSD
;
B
3 'polypeptide(L)' GPGSMQIFVKTLTGKTITLEVEPSDTIENVKAKIQDKEGIPPDQQRLIFAGKQLEDGRTLSDYNIQKESTLHLVLRLRGG C
4 'polydeoxyribonucleotide'
;(DG)(DG)(DC)(DA)(DC)(DA)(DG)(DG)(DT)(DT)(DC)(DA)(DG)(DA)(DG)(DC)(DA)(DG)(DG)(DC)
(DG)(DT)(DT)(DC)(DC)(DG)(DT)(DT)(DC)
;
S
5 'polydeoxyribonucleotide'
;(DG)(DA)(DA)(DC)(DG)(DG)(DA)(DA)(DC)(DG)(DC)(DC)(DT)(DG)(DC)(DT)(DC)(DT)(DG)(DA)
(DA)(DC)(DC)(DT)(DG)(DT)(DG)(DC)(DC)
;
T
#
loop_
_chem_comp.id
_chem_comp.type
_chem_comp.name
_chem_comp.formula
DA DNA linking 2'-DEOXYADENOSINE-5'-MONOPHOSPHATE 'C10 H14 N5 O6 P'
DC DNA linking 2'-DEOXYCYTIDINE-5'-MONOPHOSPHATE 'C9 H14 N3 O7 P'
DG DNA linking 2'-DEOXYGUANOSINE-5'-MONOPHOSPHATE 'C10 H14 N5 O7 P'
DT DNA linking THYMIDINE-5'-MONOPHOSPHATE 'C10 H15 N2 O8 P'
#
# COMPACT_ATOMS: atom_id res chain seq x y z
N GLN A 199 -52.43 -2.18 13.92
CA GLN A 199 -51.11 -2.79 13.73
C GLN A 199 -51.21 -4.31 13.69
N TYR A 200 -52.22 -4.87 14.35
CA TYR A 200 -52.45 -6.31 14.26
C TYR A 200 -52.73 -6.75 12.83
N VAL A 201 -53.39 -5.91 12.04
CA VAL A 201 -53.58 -6.20 10.62
C VAL A 201 -52.24 -6.27 9.90
N ILE A 202 -51.32 -5.38 10.26
CA ILE A 202 -49.99 -5.39 9.65
C ILE A 202 -49.26 -6.68 10.01
N GLN A 203 -49.34 -7.08 11.27
CA GLN A 203 -48.66 -8.30 11.71
C GLN A 203 -49.22 -9.54 11.03
N LEU A 204 -50.55 -9.66 10.96
CA LEU A 204 -51.13 -10.85 10.36
C LEU A 204 -50.89 -10.88 8.85
N THR A 205 -50.91 -9.72 8.20
CA THR A 205 -50.58 -9.69 6.77
C THR A 205 -49.12 -10.07 6.55
N SER A 206 -48.22 -9.61 7.43
CA SER A 206 -46.82 -10.00 7.32
C SER A 206 -46.64 -11.51 7.51
N MET A 207 -47.37 -12.09 8.47
CA MET A 207 -47.31 -13.53 8.67
C MET A 207 -47.85 -14.28 7.46
N PHE A 208 -48.94 -13.80 6.88
CA PHE A 208 -49.51 -14.45 5.70
C PHE A 208 -48.59 -14.33 4.49
N LYS A 209 -47.82 -13.24 4.41
CA LYS A 209 -46.90 -13.02 3.30
C LYS A 209 -45.59 -13.82 3.40
N ASP A 210 -45.47 -14.72 4.39
CA ASP A 210 -44.27 -15.54 4.50
C ASP A 210 -44.09 -16.48 3.31
N VAL A 211 -45.15 -16.78 2.56
CA VAL A 211 -45.06 -17.65 1.40
C VAL A 211 -44.23 -16.92 0.34
N PRO A 212 -43.57 -17.62 -0.60
CA PRO A 212 -42.66 -16.95 -1.53
C PRO A 212 -43.42 -16.28 -2.68
N LEU A 213 -43.37 -14.95 -2.71
CA LEU A 213 -43.93 -14.16 -3.79
C LEU A 213 -43.00 -12.99 -4.07
N THR A 214 -42.97 -12.56 -5.34
CA THR A 214 -42.08 -11.51 -5.82
C THR A 214 -42.82 -10.30 -6.38
N ALA A 215 -43.76 -10.52 -7.30
CA ALA A 215 -44.38 -9.40 -8.01
C ALA A 215 -45.22 -8.54 -7.07
N GLU A 216 -46.13 -9.17 -6.32
CA GLU A 216 -46.99 -8.42 -5.40
C GLU A 216 -46.33 -8.20 -4.05
N GLU A 217 -45.42 -9.10 -3.65
CA GLU A 217 -44.79 -8.99 -2.33
C GLU A 217 -43.96 -7.73 -2.21
N VAL A 218 -43.21 -7.37 -3.26
CA VAL A 218 -42.38 -6.17 -3.20
C VAL A 218 -43.25 -4.93 -3.04
N GLU A 219 -44.35 -4.85 -3.79
CA GLU A 219 -45.25 -3.71 -3.68
C GLU A 219 -45.88 -3.64 -2.29
N PHE A 220 -46.31 -4.79 -1.77
CA PHE A 220 -46.94 -4.81 -0.45
C PHE A 220 -45.97 -4.37 0.63
N VAL A 221 -44.75 -4.92 0.62
CA VAL A 221 -43.81 -4.60 1.70
C VAL A 221 -43.36 -3.15 1.60
N VAL A 222 -43.08 -2.64 0.39
CA VAL A 222 -42.61 -1.25 0.31
C VAL A 222 -43.72 -0.26 0.65
N GLU A 223 -44.95 -0.52 0.18
CA GLU A 223 -46.03 0.43 0.48
C GLU A 223 -46.40 0.38 1.95
N LYS A 224 -46.44 -0.81 2.55
CA LYS A 224 -46.67 -0.89 3.99
C LYS A 224 -45.52 -0.26 4.77
N ALA A 225 -44.28 -0.40 4.27
CA ALA A 225 -43.13 0.17 4.96
C ALA A 225 -43.23 1.69 5.01
N LEU A 226 -43.49 2.32 3.85
CA LEU A 226 -43.60 3.78 3.86
C LEU A 226 -44.85 4.24 4.62
N SER A 227 -45.92 3.45 4.58
CA SER A 227 -47.11 3.80 5.35
C SER A 227 -46.84 3.81 6.85
N MET A 228 -46.12 2.81 7.34
CA MET A 228 -45.80 2.78 8.77
C MET A 228 -44.74 3.80 9.13
N PHE A 229 -43.82 4.10 8.21
CA PHE A 229 -42.87 5.20 8.44
C PHE A 229 -43.60 6.51 8.60
N SER A 230 -44.71 6.71 7.89
CA SER A 230 -45.36 8.00 7.94
C SER A 230 -46.25 8.24 9.15
N LYS A 231 -46.65 7.19 9.87
CA LYS A 231 -47.64 7.38 10.94
C LYS A 231 -47.30 6.70 12.26
N MET A 232 -46.62 5.56 12.25
CA MET A 232 -46.62 4.69 13.41
C MET A 232 -45.82 5.27 14.58
N ASN A 233 -46.08 4.71 15.77
CA ASN A 233 -45.38 5.15 16.97
C ASN A 233 -43.94 4.71 16.95
N LEU A 234 -43.11 5.39 17.75
CA LEU A 234 -41.68 5.10 17.75
C LEU A 234 -41.38 3.71 18.28
N GLN A 235 -42.07 3.30 19.36
CA GLN A 235 -41.78 2.00 19.97
C GLN A 235 -42.19 0.84 19.07
N GLU A 236 -43.23 1.03 18.26
CA GLU A 236 -43.68 -0.02 17.36
C GLU A 236 -42.83 -0.13 16.09
N ILE A 237 -41.92 0.82 15.85
CA ILE A 237 -41.03 0.70 14.69
C ILE A 237 -40.12 -0.52 14.78
N PRO A 238 -39.41 -0.78 15.89
CA PRO A 238 -38.49 -1.94 15.94
C PRO A 238 -39.16 -3.28 15.64
N PRO A 239 -40.36 -3.56 16.18
CA PRO A 239 -41.03 -4.80 15.72
C PRO A 239 -41.38 -4.77 14.24
N LEU A 240 -41.84 -3.62 13.75
CA LEU A 240 -42.07 -3.49 12.31
C LEU A 240 -40.78 -3.60 11.53
N VAL A 241 -39.67 -3.10 12.10
CA VAL A 241 -38.37 -3.24 11.44
C VAL A 241 -38.00 -4.72 11.32
N TYR A 242 -38.22 -5.49 12.38
CA TYR A 242 -37.92 -6.92 12.34
C TYR A 242 -38.79 -7.62 11.30
N GLN A 243 -40.07 -7.26 11.26
CA GLN A 243 -41.00 -7.87 10.30
C GLN A 243 -40.58 -7.57 8.87
N LEU A 244 -40.28 -6.30 8.57
CA LEU A 244 -39.95 -5.96 7.19
C LEU A 244 -38.60 -6.52 6.78
N LEU A 245 -37.62 -6.56 7.69
CA LEU A 245 -36.31 -7.08 7.29
C LEU A 245 -36.36 -8.60 7.12
N VAL A 246 -37.15 -9.31 7.93
CA VAL A 246 -37.22 -10.76 7.75
C VAL A 246 -38.06 -11.11 6.54
N LEU A 247 -39.10 -10.33 6.23
CA LEU A 247 -39.86 -10.58 5.01
C LEU A 247 -39.06 -10.23 3.77
N SER A 248 -38.22 -9.20 3.86
CA SER A 248 -37.39 -8.80 2.73
C SER A 248 -36.25 -9.77 2.44
N SER A 249 -35.98 -10.72 3.35
CA SER A 249 -34.95 -11.73 3.08
C SER A 249 -35.32 -12.59 1.88
N LYS A 250 -36.61 -12.76 1.60
CA LYS A 250 -37.03 -13.49 0.42
C LYS A 250 -36.58 -12.78 -0.86
N GLY A 251 -36.69 -11.46 -0.89
CA GLY A 251 -36.25 -10.71 -2.05
C GLY A 251 -36.55 -9.24 -1.87
N SER A 252 -36.04 -8.44 -2.80
CA SER A 252 -36.22 -6.99 -2.80
C SER A 252 -35.66 -6.36 -1.53
N ARG A 253 -34.42 -6.74 -1.21
CA ARG A 253 -33.78 -6.24 0.00
C ARG A 253 -33.53 -4.74 -0.09
N LYS A 254 -32.93 -4.29 -1.19
CA LYS A 254 -32.52 -2.90 -1.29
C LYS A 254 -33.72 -1.95 -1.37
N SER A 255 -34.85 -2.42 -1.91
CA SER A 255 -36.03 -1.58 -2.03
C SER A 255 -36.53 -1.14 -0.66
N VAL A 256 -36.48 -2.02 0.33
CA VAL A 256 -36.85 -1.67 1.70
C VAL A 256 -35.68 -1.03 2.42
N LEU A 257 -34.43 -1.39 2.06
CA LEU A 257 -33.26 -0.83 2.73
C LEU A 257 -33.17 0.68 2.49
N GLU A 258 -33.36 1.11 1.24
CA GLU A 258 -33.32 2.53 0.93
C GLU A 258 -34.44 3.27 1.65
N GLY A 259 -35.63 2.66 1.72
CA GLY A 259 -36.73 3.29 2.41
C GLY A 259 -36.46 3.50 3.89
N ILE A 260 -35.96 2.45 4.56
CA ILE A 260 -35.75 2.56 6.00
C ILE A 260 -34.60 3.50 6.32
N ILE A 261 -33.50 3.44 5.54
CA ILE A 261 -32.38 4.32 5.83
C ILE A 261 -32.74 5.77 5.53
N ALA A 262 -33.54 6.01 4.47
CA ALA A 262 -34.01 7.37 4.20
C ALA A 262 -34.94 7.86 5.29
N PHE A 263 -35.80 6.98 5.82
CA PHE A 263 -36.71 7.38 6.90
C PHE A 263 -35.93 7.76 8.15
N PHE A 264 -34.91 6.97 8.50
CA PHE A 264 -34.11 7.32 9.67
C PHE A 264 -33.28 8.57 9.43
N SER A 265 -32.81 8.80 8.21
CA SER A 265 -32.15 10.06 7.90
C SER A 265 -33.09 11.23 8.07
N ALA A 266 -34.34 11.08 7.62
CA ALA A 266 -35.34 12.13 7.79
C ALA A 266 -35.63 12.37 9.26
N LEU A 267 -35.69 11.30 10.05
CA LEU A 267 -35.87 11.45 11.50
C LEU A 267 -34.69 12.20 12.11
N ASP A 268 -33.48 11.90 11.64
CA ASP A 268 -32.30 12.61 12.14
C ASP A 268 -32.37 14.10 11.82
N LYS A 269 -32.77 14.44 10.59
CA LYS A 269 -32.90 15.85 10.24
C LYS A 269 -34.01 16.52 11.03
N GLN A 270 -35.10 15.79 11.28
CA GLN A 270 -36.18 16.33 12.11
C GLN A 270 -35.69 16.62 13.52
N HIS A 271 -34.91 15.71 14.09
CA HIS A 271 -34.33 15.96 15.41
C HIS A 271 -33.37 17.15 15.37
N ASN A 272 -32.60 17.24 14.30
CA ASN A 272 -31.61 18.31 14.18
C ASN A 272 -32.29 19.67 14.14
N GLU A 273 -33.35 19.82 13.35
CA GLU A 273 -34.06 21.09 13.29
C GLU A 273 -34.88 21.34 14.55
N GLU A 274 -35.38 20.28 15.20
CA GLU A 274 -36.14 20.46 16.43
C GLU A 274 -35.24 20.98 17.56
N GLN A 275 -34.09 20.34 17.77
CA GLN A 275 -33.20 20.78 18.85
C GLN A 275 -32.54 22.12 18.51
N SER A 276 -32.29 22.38 17.23
CA SER A 276 -31.68 23.64 16.82
C SER A 276 -32.68 24.78 16.92
N VAL A 286 -40.80 15.32 20.02
CA VAL A 286 -40.15 16.06 21.10
C VAL A 286 -38.73 15.51 21.28
N PRO A 287 -37.74 16.34 21.65
CA PRO A 287 -36.41 15.78 21.93
C PRO A 287 -36.45 14.86 23.15
N SER A 288 -35.65 13.81 23.09
CA SER A 288 -35.56 12.83 24.18
C SER A 288 -34.37 11.93 23.93
N GLY A 289 -33.79 11.42 25.02
CA GLY A 289 -32.69 10.48 24.89
C GLY A 289 -33.11 9.18 24.22
N GLU A 290 -34.35 8.73 24.50
CA GLU A 290 -34.82 7.45 23.99
C GLU A 290 -34.86 7.41 22.46
N LEU A 291 -34.94 8.57 21.80
CA LEU A 291 -34.88 8.62 20.34
C LEU A 291 -33.61 7.95 19.83
N ARG A 292 -32.49 8.12 20.55
CA ARG A 292 -31.28 7.39 20.19
C ARG A 292 -31.39 5.92 20.58
N HIS A 293 -31.98 5.64 21.74
CA HIS A 293 -31.93 4.29 22.30
C HIS A 293 -32.65 3.29 21.41
N VAL A 294 -33.81 3.67 20.88
CA VAL A 294 -34.56 2.80 19.97
C VAL A 294 -33.73 2.51 18.73
N GLU A 295 -32.98 3.51 18.25
CA GLU A 295 -32.10 3.27 17.10
C GLU A 295 -31.03 2.25 17.46
N GLY A 296 -30.52 2.32 18.69
CA GLY A 296 -29.60 1.30 19.15
C GLY A 296 -30.23 -0.08 19.16
N THR A 297 -31.53 -0.18 19.43
CA THR A 297 -32.18 -1.49 19.35
C THR A 297 -32.36 -1.86 17.89
N ILE A 298 -32.58 -0.87 17.03
CA ILE A 298 -32.87 -1.19 15.63
C ILE A 298 -31.60 -1.67 14.92
N ILE A 299 -30.53 -0.86 15.00
CA ILE A 299 -29.35 -1.03 14.15
C ILE A 299 -28.74 -2.41 14.35
N LEU A 300 -28.66 -2.86 15.61
CA LEU A 300 -28.12 -4.17 15.95
C LEU A 300 -28.80 -5.28 15.16
N HIS A 301 -30.13 -5.26 15.12
CA HIS A 301 -30.85 -6.33 14.44
C HIS A 301 -30.53 -6.34 12.96
N ILE A 302 -30.45 -5.17 12.33
CA ILE A 302 -30.24 -5.19 10.89
C ILE A 302 -28.82 -5.65 10.59
N VAL A 303 -27.85 -5.35 11.47
CA VAL A 303 -26.51 -5.81 11.15
C VAL A 303 -26.43 -7.32 11.35
N PHE A 304 -27.27 -7.88 12.24
CA PHE A 304 -27.37 -9.33 12.30
C PHE A 304 -27.91 -9.88 10.98
N ALA A 305 -28.85 -9.17 10.37
CA ALA A 305 -29.28 -9.54 9.02
C ALA A 305 -28.11 -9.45 8.05
N ILE A 306 -27.28 -8.42 8.20
CA ILE A 306 -26.08 -8.33 7.37
C ILE A 306 -25.14 -9.49 7.70
N LYS A 307 -25.10 -9.91 8.97
CA LYS A 307 -24.34 -11.10 9.30
C LYS A 307 -25.00 -12.34 8.71
N LEU A 308 -26.33 -12.36 8.64
CA LEU A 308 -27.02 -13.52 8.09
C LEU A 308 -26.91 -13.56 6.58
N ASP A 309 -27.06 -12.41 5.91
CA ASP A 309 -27.09 -12.28 4.46
C ASP A 309 -25.91 -11.43 4.02
N TYR A 310 -24.93 -12.05 3.36
CA TYR A 310 -23.74 -11.34 2.92
C TYR A 310 -23.97 -10.59 1.61
N GLU A 311 -24.81 -11.13 0.72
CA GLU A 311 -25.09 -10.43 -0.53
C GLU A 311 -25.81 -9.10 -0.28
N LEU A 312 -26.60 -9.03 0.79
CA LEU A 312 -27.22 -7.76 1.17
C LEU A 312 -26.15 -6.70 1.46
N GLY A 313 -25.16 -7.07 2.28
CA GLY A 313 -24.07 -6.14 2.53
C GLY A 313 -23.27 -5.81 1.29
N ARG A 314 -23.12 -6.80 0.40
CA ARG A 314 -22.40 -6.57 -0.85
C ARG A 314 -23.09 -5.51 -1.70
N GLU A 315 -24.40 -5.67 -1.93
CA GLU A 315 -25.11 -4.68 -2.72
C GLU A 315 -25.19 -3.34 -2.00
N LEU A 316 -25.26 -3.34 -0.67
CA LEU A 316 -25.32 -2.10 0.09
C LEU A 316 -24.03 -1.31 -0.09
N VAL A 317 -22.89 -1.94 0.16
CA VAL A 317 -21.61 -1.23 0.04
C VAL A 317 -21.33 -0.90 -1.42
N LYS A 318 -21.85 -1.69 -2.37
CA LYS A 318 -21.67 -1.35 -3.78
C LYS A 318 -22.45 -0.09 -4.15
N HIS A 319 -23.70 0.02 -3.69
CA HIS A 319 -24.48 1.21 -4.03
C HIS A 319 -23.91 2.46 -3.39
N LEU A 320 -23.59 2.39 -2.08
CA LEU A 320 -23.08 3.56 -1.37
C LEU A 320 -21.62 3.87 -1.68
N LYS A 321 -20.97 3.10 -2.56
CA LYS A 321 -19.67 3.49 -3.06
C LYS A 321 -19.75 4.86 -3.72
N VAL A 322 -18.79 5.71 -3.41
CA VAL A 322 -18.67 7.02 -4.06
C VAL A 322 -17.98 6.82 -5.41
N GLY A 323 -18.78 6.59 -6.45
CA GLY A 323 -18.20 6.31 -7.76
C GLY A 323 -17.46 7.50 -8.34
N GLN A 324 -18.01 8.70 -8.15
CA GLN A 324 -17.33 9.94 -8.49
C GLN A 324 -17.65 10.95 -7.40
N GLN A 325 -17.05 12.13 -7.52
CA GLN A 325 -17.05 13.13 -6.44
C GLN A 325 -18.46 13.56 -6.05
N GLY A 326 -19.39 13.53 -7.00
CA GLY A 326 -20.78 13.88 -6.74
C GLY A 326 -21.71 12.70 -6.54
N ASP A 327 -21.21 11.46 -6.70
CA ASP A 327 -22.09 10.30 -6.60
C ASP A 327 -22.63 10.12 -5.19
N SER A 328 -21.86 10.53 -4.18
CA SER A 328 -22.37 10.51 -2.81
C SER A 328 -23.57 11.44 -2.68
N ASN A 329 -23.41 12.71 -3.06
CA ASN A 329 -24.48 13.71 -2.97
C ASN A 329 -25.11 13.65 -1.59
N ASN A 330 -24.27 13.66 -0.56
CA ASN A 330 -24.76 13.61 0.83
C ASN A 330 -25.62 12.38 1.09
N ASN A 331 -25.36 11.26 0.41
CA ASN A 331 -26.12 10.03 0.67
C ASN A 331 -25.76 9.59 2.08
N LEU A 332 -24.53 9.87 2.52
CA LEU A 332 -24.14 9.54 3.87
C LEU A 332 -24.96 10.33 4.88
N SER A 333 -24.91 9.86 6.12
CA SER A 333 -25.79 10.32 7.19
C SER A 333 -25.24 9.78 8.51
N PRO A 334 -25.69 10.30 9.66
CA PRO A 334 -25.26 9.69 10.93
C PRO A 334 -25.67 8.24 11.07
N PHE A 335 -26.92 7.91 10.71
CA PHE A 335 -27.34 6.52 10.80
C PHE A 335 -26.60 5.65 9.79
N SER A 336 -26.38 6.16 8.58
CA SER A 336 -25.63 5.39 7.59
C SER A 336 -24.19 5.18 8.02
N ILE A 337 -23.59 6.19 8.66
CA ILE A 337 -22.23 6.03 9.17
C ILE A 337 -22.19 5.00 10.29
N ALA A 338 -23.21 5.01 11.16
CA ALA A 338 -23.29 4.00 12.21
C ALA A 338 -23.44 2.60 11.62
N LEU A 339 -24.25 2.48 10.57
CA LEU A 339 -24.40 1.20 9.89
C LEU A 339 -23.07 0.75 9.27
N LEU A 340 -22.35 1.69 8.66
CA LEU A 340 -21.07 1.37 8.06
C LEU A 340 -20.06 0.92 9.10
N LEU A 341 -20.07 1.56 10.27
CA LEU A 341 -19.14 1.16 11.33
C LEU A 341 -19.51 -0.20 11.90
N SER A 342 -20.81 -0.48 12.02
CA SER A 342 -21.23 -1.81 12.46
C SER A 342 -20.81 -2.87 11.44
N VAL A 343 -20.92 -2.55 10.15
CA VAL A 343 -20.40 -3.45 9.12
C VAL A 343 -18.89 -3.58 9.25
N THR A 344 -18.21 -2.51 9.66
CA THR A 344 -16.78 -2.58 9.93
C THR A 344 -16.48 -3.56 11.06
N ARG A 345 -17.43 -3.75 11.98
CA ARG A 345 -17.25 -4.77 13.00
C ARG A 345 -17.11 -6.17 12.38
N ILE A 346 -17.94 -6.49 11.39
CA ILE A 346 -17.80 -7.77 10.69
C ILE A 346 -16.53 -7.74 9.86
N GLN A 347 -15.83 -8.88 9.84
CA GLN A 347 -14.45 -8.92 9.35
C GLN A 347 -14.35 -8.86 7.83
N ARG A 348 -15.33 -9.38 7.10
CA ARG A 348 -15.18 -9.51 5.64
C ARG A 348 -15.14 -8.15 4.97
N PHE A 349 -16.11 -7.28 5.25
CA PHE A 349 -16.18 -5.96 4.65
C PHE A 349 -15.43 -4.90 5.45
N GLN A 350 -14.56 -5.31 6.37
CA GLN A 350 -13.87 -4.34 7.23
C GLN A 350 -12.94 -3.45 6.42
N ASP A 351 -12.05 -4.06 5.63
CA ASP A 351 -11.09 -3.26 4.86
C ASP A 351 -11.78 -2.45 3.78
N GLN A 352 -12.78 -3.04 3.12
CA GLN A 352 -13.47 -2.35 2.03
C GLN A 352 -14.20 -1.12 2.54
N VAL A 353 -14.99 -1.26 3.61
CA VAL A 353 -15.73 -0.13 4.13
C VAL A 353 -14.79 0.89 4.76
N LEU A 354 -13.68 0.45 5.34
CA LEU A 354 -12.71 1.41 5.87
C LEU A 354 -12.10 2.24 4.75
N ASP A 355 -11.74 1.61 3.63
CA ASP A 355 -11.25 2.36 2.48
C ASP A 355 -12.32 3.30 1.94
N LEU A 356 -13.58 2.85 1.95
CA LEU A 356 -14.68 3.70 1.51
C LEU A 356 -14.79 4.96 2.37
N LEU A 357 -14.75 4.79 3.69
CA LEU A 357 -14.86 5.92 4.59
C LEU A 357 -13.67 6.86 4.44
N LYS A 358 -12.47 6.30 4.27
CA LYS A 358 -11.27 7.12 4.08
C LYS A 358 -11.39 7.95 2.79
N THR A 359 -11.81 7.32 1.69
CA THR A 359 -11.97 8.04 0.44
C THR A 359 -13.06 9.10 0.55
N SER A 360 -14.15 8.79 1.26
CA SER A 360 -15.21 9.77 1.44
C SER A 360 -14.73 10.98 2.21
N VAL A 361 -13.94 10.75 3.27
CA VAL A 361 -13.41 11.86 4.06
C VAL A 361 -12.47 12.71 3.21
N VAL A 362 -11.61 12.06 2.41
CA VAL A 362 -10.69 12.80 1.56
C VAL A 362 -11.45 13.64 0.54
N LYS A 363 -12.46 13.04 -0.10
CA LYS A 363 -13.24 13.77 -1.10
C LYS A 363 -13.98 14.94 -0.48
N SER A 364 -14.55 14.74 0.72
CA SER A 364 -15.27 15.82 1.37
C SER A 364 -14.33 16.95 1.78
N PHE A 365 -13.14 16.62 2.26
CA PHE A 365 -12.19 17.68 2.61
C PHE A 365 -11.75 18.45 1.38
N LYS A 366 -11.55 17.75 0.26
CA LYS A 366 -11.23 18.45 -0.99
C LYS A 366 -12.38 19.36 -1.41
N ASP A 367 -13.62 18.89 -1.25
CA ASP A 367 -14.78 19.71 -1.59
C ASP A 367 -14.86 20.96 -0.73
N LEU A 368 -14.60 20.81 0.58
CA LEU A 368 -14.59 21.98 1.45
C LEU A 368 -13.46 22.94 1.08
N GLN A 369 -12.31 22.41 0.68
CA GLN A 369 -11.21 23.27 0.27
C GLN A 369 -11.57 24.07 -0.97
N LEU A 370 -12.21 23.44 -1.95
CA LEU A 370 -12.65 24.18 -3.13
C LEU A 370 -13.74 25.19 -2.78
N LEU A 371 -14.66 24.82 -1.88
CA LEU A 371 -15.72 25.76 -1.50
C LEU A 371 -15.15 26.99 -0.82
N GLN A 372 -14.19 26.81 0.09
CA GLN A 372 -13.53 27.96 0.72
C GLN A 372 -12.58 28.69 -0.22
N GLY A 373 -12.15 28.06 -1.32
CA GLY A 373 -11.23 28.68 -2.24
C GLY A 373 -11.83 29.65 -3.23
N SER A 374 -13.15 29.85 -3.22
CA SER A 374 -13.78 30.77 -4.13
C SER A 374 -15.22 31.00 -3.69
N LYS A 375 -15.69 32.25 -3.81
CA LYS A 375 -17.05 32.60 -3.44
C LYS A 375 -18.07 32.28 -4.52
N PHE A 376 -17.63 31.96 -5.75
CA PHE A 376 -18.58 31.64 -6.81
C PHE A 376 -19.37 30.38 -6.48
N LEU A 377 -18.68 29.34 -5.98
CA LEU A 377 -19.38 28.13 -5.56
C LEU A 377 -20.29 28.41 -4.37
N GLN A 378 -19.88 29.31 -3.47
CA GLN A 378 -20.72 29.67 -2.34
C GLN A 378 -22.02 30.31 -2.82
N ASN A 379 -21.92 31.20 -3.80
CA ASN A 379 -23.13 31.79 -4.38
C ASN A 379 -23.97 30.73 -5.09
N LEU A 380 -23.32 29.81 -5.79
CA LEU A 380 -24.05 28.81 -6.58
C LEU A 380 -24.52 27.65 -5.73
N VAL A 381 -23.58 26.90 -5.15
CA VAL A 381 -23.88 25.64 -4.49
C VAL A 381 -24.27 25.91 -3.04
N PRO A 382 -25.14 25.10 -2.41
CA PRO A 382 -25.33 25.23 -0.96
C PRO A 382 -24.11 24.69 -0.21
N HIS A 383 -24.07 25.02 1.09
CA HIS A 383 -23.01 24.57 2.00
C HIS A 383 -23.46 23.39 2.85
N ARG A 384 -24.29 22.51 2.28
CA ARG A 384 -24.76 21.32 2.98
C ARG A 384 -23.78 20.16 2.91
N SER A 385 -22.64 20.29 2.25
CA SER A 385 -21.71 19.18 2.06
C SER A 385 -20.81 19.05 3.28
N TYR A 386 -20.96 17.95 4.03
CA TYR A 386 -20.08 17.68 5.16
C TYR A 386 -20.20 16.23 5.60
N VAL A 387 -19.05 15.54 5.64
CA VAL A 387 -18.96 14.22 6.28
C VAL A 387 -18.07 14.29 7.52
N SER A 388 -17.19 15.30 7.59
CA SER A 388 -16.29 15.43 8.73
C SER A 388 -17.05 15.60 10.03
N THR A 389 -18.01 16.52 10.07
CA THR A 389 -18.81 16.71 11.27
C THR A 389 -19.82 15.60 11.45
N MET A 390 -20.09 14.81 10.40
CA MET A 390 -20.99 13.67 10.51
C MET A 390 -20.47 12.65 11.51
N ILE A 391 -19.18 12.33 11.42
CA ILE A 391 -18.60 11.35 12.32
C ILE A 391 -18.55 11.90 13.74
N LEU A 392 -18.31 13.21 13.88
CA LEU A 392 -18.35 13.83 15.20
C LEU A 392 -19.75 13.73 15.81
N GLU A 393 -20.78 13.98 15.00
CA GLU A 393 -22.15 13.83 15.49
C GLU A 393 -22.46 12.38 15.86
N VAL A 394 -21.91 11.43 15.10
CA VAL A 394 -22.07 10.02 15.45
C VAL A 394 -21.40 9.72 16.78
N VAL A 395 -20.23 10.31 17.03
CA VAL A 395 -19.55 10.11 18.31
C VAL A 395 -20.38 10.70 19.44
N LYS A 396 -20.97 11.87 19.22
CA LYS A 396 -21.85 12.45 20.24
C LYS A 396 -23.06 11.56 20.50
N ASN A 397 -23.65 11.00 19.43
CA ASN A 397 -24.79 10.11 19.59
C ASN A 397 -24.40 8.77 20.19
N SER A 398 -23.13 8.37 20.19
CA SER A 398 -22.79 7.07 20.73
C SER A 398 -22.82 7.05 22.26
N VAL A 399 -23.01 8.21 22.92
CA VAL A 399 -23.20 8.20 24.37
C VAL A 399 -24.37 7.30 24.76
N HIS A 400 -25.37 7.17 23.89
CA HIS A 400 -26.62 6.46 24.21
C HIS A 400 -26.51 4.96 23.96
N SER A 401 -25.50 4.32 24.55
CA SER A 401 -25.38 2.86 24.59
C SER A 401 -25.22 2.27 23.19
N TRP A 402 -24.26 2.80 22.43
CA TRP A 402 -23.85 2.26 21.13
C TRP A 402 -22.40 1.81 21.29
N ASP A 403 -22.21 0.58 21.76
CA ASP A 403 -20.88 0.07 22.09
C ASP A 403 -20.22 -0.62 20.91
N HIS A 404 -21.00 -1.30 20.07
CA HIS A 404 -20.46 -1.93 18.87
C HIS A 404 -19.87 -0.89 17.91
N VAL A 405 -20.37 0.34 17.94
CA VAL A 405 -19.87 1.40 17.08
C VAL A 405 -18.42 1.76 17.42
N THR A 406 -18.04 1.60 18.70
CA THR A 406 -16.74 2.11 19.16
C THR A 406 -15.57 1.42 18.47
N GLN A 407 -15.71 0.12 18.18
CA GLN A 407 -14.67 -0.60 17.44
C GLN A 407 -14.47 0.03 16.07
N GLY A 408 -15.58 0.37 15.41
CA GLY A 408 -15.48 1.04 14.12
C GLY A 408 -14.81 2.39 14.21
N LEU A 409 -15.15 3.18 15.25
CA LEU A 409 -14.51 4.49 15.41
C LEU A 409 -13.01 4.35 15.60
N VAL A 410 -12.57 3.44 16.47
CA VAL A 410 -11.13 3.34 16.71
C VAL A 410 -10.41 2.83 15.47
N GLU A 411 -11.00 1.87 14.75
CA GLU A 411 -10.34 1.37 13.55
C GLU A 411 -10.25 2.45 12.47
N LEU A 412 -11.34 3.18 12.25
CA LEU A 412 -11.33 4.26 11.27
C LEU A 412 -10.32 5.34 11.66
N GLY A 413 -10.27 5.68 12.95
CA GLY A 413 -9.33 6.68 13.40
C GLY A 413 -7.89 6.26 13.19
N PHE A 414 -7.56 5.01 13.53
CA PHE A 414 -6.17 4.58 13.40
C PHE A 414 -5.76 4.47 11.94
N ILE A 415 -6.63 3.95 11.07
CA ILE A 415 -6.26 3.83 9.65
C ILE A 415 -6.12 5.22 9.03
N LEU A 416 -7.04 6.15 9.37
CA LEU A 416 -6.92 7.50 8.84
C LEU A 416 -5.67 8.20 9.37
N MET A 417 -5.33 7.97 10.64
CA MET A 417 -4.20 8.66 11.25
C MET A 417 -2.88 8.20 10.62
N ASP A 418 -2.69 6.88 10.50
CA ASP A 418 -1.42 6.39 9.97
C ASP A 418 -1.36 6.40 8.44
N SER A 419 -2.49 6.61 7.75
CA SER A 419 -2.43 6.66 6.29
C SER A 419 -1.72 7.93 5.81
N TYR A 420 -2.28 9.10 6.11
CA TYR A 420 -1.88 10.36 5.50
C TYR A 420 -0.96 11.19 6.38
N GLY A 421 -0.24 10.58 7.31
CA GLY A 421 0.66 11.32 8.15
C GLY A 421 1.85 11.85 7.37
N PRO A 422 2.55 12.86 7.91
CA PRO A 422 3.71 13.38 7.19
C PRO A 422 4.85 12.37 7.17
N LYS A 423 5.57 12.34 6.05
CA LYS A 423 6.65 11.38 5.83
C LYS A 423 7.94 12.05 5.35
N LYS A 424 7.82 13.19 4.69
CA LYS A 424 9.01 13.87 4.16
C LYS A 424 9.91 14.37 5.29
N VAL A 425 9.32 14.84 6.37
CA VAL A 425 10.10 15.36 7.50
C VAL A 425 10.83 14.21 8.19
N PRO A 435 2.77 20.17 0.65
CA PRO A 435 1.63 19.34 0.25
C PRO A 435 0.42 20.21 -0.13
N SER A 436 0.68 21.26 -0.92
CA SER A 436 -0.38 22.15 -1.34
C SER A 436 -1.41 21.44 -2.22
N LEU A 437 -0.99 20.39 -2.94
CA LEU A 437 -1.94 19.63 -3.75
C LEU A 437 -3.00 18.96 -2.88
N SER A 438 -2.60 18.47 -1.71
CA SER A 438 -3.48 17.77 -0.77
C SER A 438 -3.26 18.29 0.64
N ARG A 439 -3.25 19.62 0.79
CA ARG A 439 -3.05 20.25 2.08
C ARG A 439 -4.18 19.88 3.04
N MET A 440 -5.39 20.28 2.74
CA MET A 440 -6.55 19.96 3.55
C MET A 440 -6.97 18.49 3.39
N PRO A 441 -6.89 17.88 2.20
CA PRO A 441 -7.17 16.43 2.13
C PRO A 441 -6.31 15.57 3.02
N ASN A 442 -5.06 15.95 3.27
CA ASN A 442 -4.21 15.14 4.10
C ASN A 442 -4.03 15.63 5.51
N GLN A 443 -3.53 16.84 5.69
CA GLN A 443 -3.13 17.28 7.03
C GLN A 443 -4.34 17.46 7.93
N HIS A 444 -5.32 18.25 7.47
CA HIS A 444 -6.54 18.43 8.24
C HIS A 444 -7.25 17.11 8.47
N ALA A 445 -7.20 16.21 7.48
CA ALA A 445 -7.85 14.92 7.63
C ALA A 445 -7.21 14.13 8.77
N CYS A 446 -5.87 14.22 8.90
CA CYS A 446 -5.21 13.56 10.02
C CYS A 446 -5.72 14.12 11.34
N LYS A 447 -5.91 15.45 11.39
CA LYS A 447 -6.43 16.07 12.61
C LYS A 447 -7.81 15.52 12.94
N LEU A 448 -8.64 15.29 11.90
CA LEU A 448 -9.96 14.72 12.15
C LEU A 448 -9.83 13.36 12.80
N GLY A 449 -8.91 12.53 12.30
CA GLY A 449 -8.63 11.26 12.94
C GLY A 449 -8.19 11.46 14.38
N ALA A 450 -7.24 12.38 14.58
CA ALA A 450 -6.77 12.69 15.92
C ALA A 450 -7.92 13.18 16.78
N ASN A 451 -8.80 13.98 16.19
CA ASN A 451 -9.91 14.54 16.95
C ASN A 451 -10.81 13.41 17.47
N ILE A 452 -11.11 12.43 16.63
CA ILE A 452 -12.01 11.38 17.11
C ILE A 452 -11.28 10.51 18.11
N LEU A 453 -9.96 10.35 17.97
CA LEU A 453 -9.21 9.61 18.98
C LEU A 453 -9.26 10.32 20.33
N LEU A 454 -9.40 11.65 20.32
CA LEU A 454 -9.67 12.35 21.57
C LEU A 454 -11.11 12.09 22.01
N GLU A 455 -12.07 12.22 21.09
CA GLU A 455 -13.46 12.36 21.49
C GLU A 455 -13.99 11.07 22.10
N THR A 456 -13.76 9.94 21.43
CA THR A 456 -14.14 8.66 22.01
C THR A 456 -13.44 8.42 23.33
N PHE A 457 -12.19 8.85 23.45
CA PHE A 457 -11.48 8.69 24.71
C PHE A 457 -12.10 9.52 25.82
N LYS A 458 -12.76 10.63 25.46
CA LYS A 458 -13.47 11.41 26.46
C LYS A 458 -14.77 10.72 26.89
N ILE A 459 -15.38 9.93 26.00
CA ILE A 459 -16.76 9.49 26.19
C ILE A 459 -16.79 8.05 26.70
N HIS A 460 -16.28 7.12 25.89
CA HIS A 460 -16.42 5.70 26.20
C HIS A 460 -15.39 5.29 27.24
N GLU A 461 -15.87 4.82 28.40
CA GLU A 461 -14.97 4.49 29.50
C GLU A 461 -14.21 3.20 29.23
N MET A 462 -14.89 2.17 28.71
CA MET A 462 -14.27 0.86 28.57
C MET A 462 -13.15 0.87 27.53
N ILE A 463 -13.30 1.64 26.46
CA ILE A 463 -12.28 1.68 25.41
C ILE A 463 -11.02 2.43 25.82
N ARG A 464 -11.07 3.20 26.92
CA ARG A 464 -9.91 3.95 27.37
C ARG A 464 -8.73 3.04 27.65
N GLN A 465 -8.99 1.87 28.24
CA GLN A 465 -7.93 0.92 28.53
C GLN A 465 -7.35 0.27 27.27
N GLU A 466 -8.00 0.39 26.12
CA GLU A 466 -7.58 -0.31 24.91
C GLU A 466 -6.64 0.54 24.05
N ILE A 467 -7.14 1.70 23.59
CA ILE A 467 -6.53 2.44 22.49
C ILE A 467 -5.10 2.86 22.80
N LEU A 468 -4.83 3.14 24.08
CA LEU A 468 -3.51 3.59 24.52
C LEU A 468 -2.45 2.58 24.14
N GLU A 469 -2.74 1.29 24.32
CA GLU A 469 -1.79 0.24 23.96
C GLU A 469 -1.44 0.33 22.47
N GLN A 470 -2.47 0.49 21.63
CA GLN A 470 -2.22 0.62 20.19
C GLN A 470 -1.34 1.82 19.91
N VAL A 471 -1.61 2.94 20.60
CA VAL A 471 -0.78 4.14 20.42
C VAL A 471 0.65 3.82 20.82
N LEU A 472 0.83 3.18 21.98
CA LEU A 472 2.17 2.79 22.40
C LEU A 472 2.77 1.80 21.43
N ASN A 473 1.93 0.89 20.91
CA ASN A 473 2.41 -0.11 19.96
C ASN A 473 2.92 0.53 18.69
N ARG A 474 2.44 1.73 18.35
CA ARG A 474 3.03 2.49 17.25
C ARG A 474 4.21 3.31 17.72
N VAL A 475 4.10 3.94 18.89
CA VAL A 475 5.03 5.01 19.25
C VAL A 475 6.43 4.46 19.47
N VAL A 476 6.54 3.33 20.17
CA VAL A 476 7.83 2.70 20.34
C VAL A 476 8.33 2.09 19.03
N THR A 477 7.42 1.62 18.18
CA THR A 477 7.83 0.82 17.02
C THR A 477 8.27 1.69 15.85
N ARG A 478 7.36 2.51 15.32
CA ARG A 478 7.63 3.29 14.12
C ARG A 478 8.53 4.47 14.49
N ALA A 479 9.83 4.18 14.57
CA ALA A 479 10.84 5.18 14.92
C ALA A 479 11.41 5.90 13.72
N SER A 480 11.14 5.45 12.49
CA SER A 480 11.77 6.05 11.31
C SER A 480 11.03 7.32 10.88
N SER A 481 9.76 7.19 10.50
CA SER A 481 9.01 8.32 9.98
C SER A 481 8.58 9.25 11.11
N PRO A 482 8.19 10.49 10.80
CA PRO A 482 7.66 11.36 11.85
C PRO A 482 6.38 10.80 12.46
N ILE A 483 6.22 11.01 13.77
CA ILE A 483 5.12 10.46 14.57
C ILE A 483 4.48 11.58 15.37
N SER A 484 4.61 12.83 14.88
CA SER A 484 4.26 13.99 15.70
C SER A 484 2.78 14.06 16.02
N HIS A 485 1.91 13.70 15.08
CA HIS A 485 0.48 13.72 15.35
C HIS A 485 0.10 12.74 16.45
N PHE A 486 0.71 11.55 16.44
CA PHE A 486 0.46 10.59 17.52
C PHE A 486 0.98 11.11 18.84
N LEU A 487 2.12 11.82 18.82
CA LEU A 487 2.64 12.43 20.04
C LEU A 487 1.65 13.45 20.60
N ASP A 488 1.03 14.25 19.73
CA ASP A 488 0.11 15.28 20.20
C ASP A 488 -1.15 14.61 20.71
N LEU A 489 -1.58 13.53 20.09
CA LEU A 489 -2.72 12.78 20.58
C LEU A 489 -2.43 12.19 21.96
N LEU A 490 -1.23 11.63 22.14
CA LEU A 490 -0.85 11.04 23.41
C LEU A 490 -0.82 12.11 24.51
N SER A 491 -0.27 13.28 24.20
CA SER A 491 -0.24 14.37 25.16
C SER A 491 -1.64 14.82 25.53
N ASN A 492 -2.56 14.85 24.57
CA ASN A 492 -3.87 15.37 24.88
C ASN A 492 -4.71 14.37 25.66
N ILE A 493 -4.54 13.07 25.38
CA ILE A 493 -5.30 12.09 26.16
C ILE A 493 -4.74 11.96 27.57
N VAL A 494 -3.42 11.99 27.74
CA VAL A 494 -2.91 11.83 29.08
C VAL A 494 -3.22 13.09 29.86
N MET A 495 -3.16 14.26 29.24
CA MET A 495 -3.51 15.49 29.94
C MET A 495 -4.96 15.47 30.40
N TYR A 496 -5.86 14.96 29.55
CA TYR A 496 -7.28 14.96 29.92
C TYR A 496 -7.56 14.03 31.10
N ALA A 497 -6.92 12.87 31.13
CA ALA A 497 -7.23 11.83 32.12
C ALA A 497 -5.99 10.96 32.34
N PRO A 498 -5.00 11.47 33.10
CA PRO A 498 -3.78 10.67 33.32
C PRO A 498 -3.99 9.41 34.14
N LEU A 499 -5.12 9.30 34.86
CA LEU A 499 -5.34 8.15 35.75
C LEU A 499 -5.33 6.83 34.99
N VAL A 500 -5.83 6.84 33.74
CA VAL A 500 -5.83 5.62 32.93
C VAL A 500 -4.42 5.11 32.68
N LEU A 501 -3.43 6.01 32.68
CA LEU A 501 -2.05 5.56 32.52
C LEU A 501 -1.58 4.70 33.67
N GLN A 502 -2.21 4.80 34.84
CA GLN A 502 -1.91 3.87 35.92
C GLN A 502 -2.25 2.44 35.54
N SER A 503 -3.29 2.25 34.71
CA SER A 503 -3.68 0.91 34.30
C SER A 503 -2.60 0.24 33.46
N CYS A 504 -2.03 0.96 32.50
CA CYS A 504 -1.02 0.41 31.59
C CYS A 504 0.40 0.60 32.12
N SER A 505 0.62 0.19 33.37
CA SER A 505 1.95 0.27 33.94
C SER A 505 2.93 -0.66 33.22
N SER A 506 2.45 -1.86 32.86
CA SER A 506 3.32 -2.82 32.17
C SER A 506 3.74 -2.30 30.80
N LYS A 507 2.82 -1.65 30.08
CA LYS A 507 3.12 -1.18 28.73
C LYS A 507 4.17 -0.08 28.76
N VAL A 508 3.99 0.92 29.62
CA VAL A 508 4.99 1.97 29.73
C VAL A 508 6.30 1.41 30.29
N THR A 509 6.21 0.39 31.16
CA THR A 509 7.41 -0.23 31.71
C THR A 509 8.25 -0.86 30.61
N GLU A 510 7.63 -1.67 29.76
CA GLU A 510 8.37 -2.28 28.66
C GLU A 510 8.77 -1.24 27.62
N ALA A 511 8.04 -0.12 27.54
CA ALA A 511 8.45 0.97 26.66
C ALA A 511 9.72 1.64 27.15
N PHE A 512 9.87 1.78 28.47
CA PHE A 512 11.03 2.48 29.03
C PHE A 512 12.34 1.78 28.69
N ASP A 513 12.31 0.45 28.48
CA ASP A 513 13.52 -0.27 28.13
C ASP A 513 14.11 0.15 26.79
N TYR A 514 13.30 0.73 25.90
CA TYR A 514 13.75 1.12 24.56
C TYR A 514 14.25 2.56 24.49
N LEU A 515 14.33 3.27 25.62
CA LEU A 515 14.62 4.71 25.61
C LEU A 515 15.97 5.04 25.00
N SER A 516 16.91 4.10 24.96
CA SER A 516 18.16 4.30 24.24
C SER A 516 18.01 4.24 22.73
N PHE A 517 16.84 3.85 22.21
CA PHE A 517 16.62 3.66 20.78
C PHE A 517 15.29 4.28 20.37
N LEU A 518 15.06 5.53 20.76
CA LEU A 518 13.96 6.35 20.31
C LEU A 518 14.50 7.70 19.82
N PRO A 519 13.75 8.42 18.99
CA PRO A 519 14.12 9.82 18.73
C PRO A 519 13.93 10.66 19.98
N LEU A 520 14.70 11.75 20.05
CA LEU A 520 14.61 12.64 21.20
C LEU A 520 13.24 13.31 21.28
N GLN A 521 12.67 13.67 20.13
CA GLN A 521 11.40 14.39 20.12
C GLN A 521 10.27 13.51 20.67
N THR A 522 10.30 12.21 20.37
CA THR A 522 9.36 11.29 21.00
C THR A 522 9.57 11.26 22.51
N VAL A 523 10.84 11.29 22.94
CA VAL A 523 11.15 11.14 24.35
C VAL A 523 10.65 12.33 25.15
N GLN A 524 10.75 13.54 24.58
CA GLN A 524 10.32 14.74 25.31
C GLN A 524 8.85 14.66 25.66
N ARG A 525 8.00 14.38 24.69
CA ARG A 525 6.57 14.38 24.96
C ARG A 525 6.16 13.12 25.70
N LEU A 526 6.85 12.00 25.48
CA LEU A 526 6.51 10.79 26.23
C LEU A 526 6.81 10.96 27.72
N LEU A 527 8.01 11.48 28.04
CA LEU A 527 8.35 11.65 29.43
C LEU A 527 7.55 12.77 30.07
N LYS A 528 7.17 13.79 29.29
CA LYS A 528 6.24 14.79 29.82
C LYS A 528 4.88 14.19 30.08
N ALA A 529 4.50 13.21 29.29
CA ALA A 529 3.19 12.60 29.46
C ALA A 529 3.14 11.67 30.65
N VAL A 530 4.22 10.96 30.94
CA VAL A 530 4.19 9.94 31.99
C VAL A 530 4.45 10.51 33.38
N GLN A 531 4.51 11.82 33.55
CA GLN A 531 4.84 12.37 34.86
C GLN A 531 3.81 12.10 35.96
N PRO A 532 2.52 12.22 35.65
CA PRO A 532 1.57 11.84 36.73
C PRO A 532 1.74 10.41 37.20
N LEU A 533 2.17 9.50 36.33
CA LEU A 533 2.50 8.15 36.78
C LEU A 533 3.68 8.16 37.73
N LEU A 534 4.68 9.00 37.46
CA LEU A 534 5.85 9.06 38.31
C LEU A 534 5.56 9.66 39.68
N LYS A 535 4.47 10.44 39.81
CA LYS A 535 4.16 11.05 41.11
C LYS A 535 3.79 10.03 42.16
N VAL A 536 3.34 8.83 41.76
CA VAL A 536 2.84 7.80 42.68
C VAL A 536 3.83 6.65 42.81
N SER A 537 4.15 5.99 41.70
CA SER A 537 4.93 4.74 41.72
C SER A 537 6.39 5.04 41.98
N MET A 538 6.84 4.87 43.22
CA MET A 538 8.25 5.09 43.52
C MET A 538 9.12 3.99 42.92
N SER A 539 8.62 2.75 42.85
CA SER A 539 9.39 1.68 42.24
C SER A 539 9.61 1.93 40.75
N MET A 540 8.57 2.42 40.06
CA MET A 540 8.73 2.77 38.65
C MET A 540 9.70 3.94 38.48
N ARG A 541 9.71 4.87 39.43
CA ARG A 541 10.70 5.96 39.37
C ARG A 541 12.11 5.42 39.51
N ASP A 542 12.32 4.46 40.41
CA ASP A 542 13.63 3.87 40.56
C ASP A 542 14.04 3.13 39.29
N CYS A 543 13.10 2.41 38.69
CA CYS A 543 13.39 1.71 37.43
C CYS A 543 13.72 2.71 36.32
N LEU A 544 12.99 3.82 36.26
CA LEU A 544 13.23 4.83 35.25
C LEU A 544 14.62 5.43 35.40
N ILE A 545 14.99 5.81 36.63
CA ILE A 545 16.30 6.41 36.85
C ILE A 545 17.39 5.37 36.62
N LEU A 546 17.11 4.09 36.89
CA LEU A 546 18.06 3.04 36.60
C LEU A 546 18.35 2.95 35.10
N VAL A 547 17.30 2.95 34.28
CA VAL A 547 17.53 2.84 32.84
C VAL A 547 18.16 4.13 32.30
N LEU A 548 17.82 5.29 32.85
CA LEU A 548 18.51 6.53 32.47
C LEU A 548 20.01 6.47 32.78
N ARG A 549 20.37 6.12 34.01
CA ARG A 549 21.78 6.07 34.36
C ARG A 549 22.51 4.98 33.58
N LYS A 550 21.84 3.86 33.30
CA LYS A 550 22.41 2.86 32.42
C LYS A 550 22.52 3.38 30.99
N ALA A 551 21.64 4.29 30.60
CA ALA A 551 21.66 4.86 29.26
C ALA A 551 22.69 5.97 29.08
N MET A 552 23.36 6.40 30.17
CA MET A 552 24.29 7.51 30.06
C MET A 552 25.49 7.16 29.19
N PHE A 553 26.05 5.95 29.36
CA PHE A 553 27.29 5.56 28.71
C PHE A 553 27.08 4.93 27.33
N ALA A 554 25.85 4.91 26.81
CA ALA A 554 25.64 4.42 25.46
C ALA A 554 26.35 5.31 24.47
N ASN A 555 27.06 4.70 23.52
CA ASN A 555 27.81 5.45 22.53
C ASN A 555 26.94 6.21 21.54
N GLN A 556 25.66 5.85 21.43
CA GLN A 556 24.78 6.54 20.50
C GLN A 556 24.51 7.96 21.00
N LEU A 557 24.71 8.93 20.11
CA LEU A 557 24.52 10.33 20.48
C LEU A 557 23.07 10.62 20.85
N ASP A 558 22.13 10.10 20.05
CA ASP A 558 20.72 10.34 20.33
C ASP A 558 20.30 9.73 21.64
N ALA A 559 20.87 8.58 22.00
CA ALA A 559 20.57 7.97 23.30
C ALA A 559 21.02 8.87 24.44
N ARG A 560 22.22 9.44 24.34
CA ARG A 560 22.71 10.33 25.38
C ARG A 560 21.84 11.57 25.49
N LYS A 561 21.51 12.19 24.36
CA LYS A 561 20.68 13.39 24.39
C LYS A 561 19.30 13.10 24.96
N SER A 562 18.73 11.96 24.57
CA SER A 562 17.44 11.52 25.10
C SER A 562 17.51 11.35 26.62
N ALA A 563 18.56 10.68 27.10
CA ALA A 563 18.66 10.42 28.53
C ALA A 563 18.82 11.72 29.31
N VAL A 564 19.60 12.66 28.77
CA VAL A 564 19.82 13.91 29.49
C VAL A 564 18.55 14.76 29.49
N ALA A 565 17.82 14.78 28.38
CA ALA A 565 16.56 15.51 28.35
C ALA A 565 15.57 14.90 29.33
N GLY A 566 15.57 13.57 29.44
CA GLY A 566 14.72 12.93 30.44
C GLY A 566 15.11 13.30 31.85
N PHE A 567 16.42 13.33 32.13
CA PHE A 567 16.92 13.78 33.43
C PHE A 567 16.39 15.17 33.77
N LEU A 568 16.59 16.12 32.86
CA LEU A 568 16.20 17.50 33.12
C LEU A 568 14.68 17.62 33.27
N LEU A 569 13.92 16.91 32.44
CA LEU A 569 12.47 16.99 32.53
C LEU A 569 11.96 16.43 33.85
N LEU A 570 12.49 15.29 34.28
CA LEU A 570 11.98 14.68 35.50
C LEU A 570 12.36 15.49 36.73
N LEU A 571 13.60 16.01 36.78
CA LEU A 571 13.95 16.84 37.93
C LEU A 571 13.22 18.17 37.89
N LYS A 572 12.86 18.65 36.69
CA LYS A 572 12.01 19.83 36.59
C LYS A 572 10.63 19.55 37.18
N ASN A 573 10.06 18.39 36.94
CA ASN A 573 8.70 18.16 37.40
C ASN A 573 8.58 17.86 38.88
N PHE A 574 9.58 17.18 39.46
CA PHE A 574 9.52 16.92 40.90
C PHE A 574 9.76 18.21 41.67
N LYS A 575 8.75 18.66 42.40
CA LYS A 575 8.81 19.90 43.15
C LYS A 575 9.44 19.66 44.51
N VAL A 576 10.44 20.48 44.85
CA VAL A 576 11.00 20.49 46.19
C VAL A 576 10.06 21.32 47.07
N LEU A 577 9.48 20.69 48.09
CA LEU A 577 8.44 21.37 48.87
C LEU A 577 8.98 22.54 49.67
N GLY A 578 10.28 22.58 49.96
CA GLY A 578 10.85 23.64 50.76
C GLY A 578 11.25 24.86 49.97
N SER A 579 10.43 25.91 50.03
CA SER A 579 10.69 27.26 49.54
C SER A 579 10.69 27.39 48.01
N LEU A 580 10.21 26.41 47.27
CA LEU A 580 10.13 26.54 45.82
C LEU A 580 9.11 27.61 45.45
N SER A 581 9.44 28.40 44.42
CA SER A 581 8.70 29.62 44.10
C SER A 581 7.48 29.31 43.24
N SER A 582 6.35 29.05 43.89
CA SER A 582 5.00 29.08 43.30
C SER A 582 4.92 28.02 42.19
N SER A 583 4.24 28.29 41.07
CA SER A 583 4.04 27.33 40.00
C SER A 583 3.95 28.08 38.68
N GLN A 584 4.58 27.50 37.65
CA GLN A 584 4.69 28.12 36.32
C GLN A 584 5.30 29.52 36.41
N SER A 600 4.34 17.80 44.28
CA SER A 600 4.56 18.13 45.67
C SER A 600 4.26 16.94 46.58
N HIS A 601 5.10 15.91 46.48
CA HIS A 601 4.93 14.73 47.31
C HIS A 601 5.20 15.08 48.78
N TYR A 602 4.49 14.39 49.67
CA TYR A 602 4.62 14.69 51.10
C TYR A 602 6.02 14.39 51.62
N ASN A 603 6.72 13.43 51.01
CA ASN A 603 8.10 13.11 51.39
C ASN A 603 8.99 14.20 50.84
N SER A 604 9.07 15.34 51.53
CA SER A 604 9.85 16.47 51.05
C SER A 604 11.34 16.17 51.06
N VAL A 605 11.84 15.56 52.14
CA VAL A 605 13.27 15.25 52.23
C VAL A 605 13.66 14.21 51.19
N ALA A 606 12.76 13.27 50.89
CA ALA A 606 13.02 12.31 49.81
C ALA A 606 13.15 13.02 48.48
N ASN A 607 12.31 14.03 48.24
CA ASN A 607 12.41 14.78 47.01
C ASN A 607 13.74 15.49 46.99
N GLU A 608 14.12 16.12 48.09
CA GLU A 608 15.35 16.90 48.14
C GLU A 608 16.57 16.03 47.84
N THR A 609 16.69 14.89 48.53
CA THR A 609 17.84 14.03 48.30
C THR A 609 17.80 13.40 46.91
N PHE A 610 16.60 13.13 46.39
CA PHE A 610 16.49 12.63 45.02
C PHE A 610 17.00 13.65 44.02
N CYS A 611 16.60 14.91 44.20
CA CYS A 611 17.05 15.96 43.30
C CYS A 611 18.56 16.17 43.41
N LEU A 612 19.11 16.06 44.62
CA LEU A 612 20.54 16.27 44.78
C LEU A 612 21.37 15.14 44.16
N GLU A 613 20.93 13.88 44.32
CA GLU A 613 21.66 12.80 43.65
C GLU A 613 21.49 12.88 42.15
N ILE A 614 20.33 13.35 41.67
CA ILE A 614 20.17 13.59 40.24
C ILE A 614 21.14 14.68 39.78
N MET A 615 21.37 15.68 40.63
CA MET A 615 22.34 16.71 40.29
C MET A 615 23.75 16.14 40.25
N ASP A 616 24.06 15.18 41.12
CA ASP A 616 25.36 14.51 41.03
C ASP A 616 25.48 13.73 39.71
N SER A 617 24.38 13.14 39.27
CA SER A 617 24.42 12.47 38.00
C SER A 617 24.65 13.52 36.92
N LEU A 618 24.06 14.69 37.06
CA LEU A 618 24.30 15.75 36.07
C LEU A 618 25.75 16.20 36.08
N ARG A 619 26.39 16.21 37.26
CA ARG A 619 27.81 16.50 37.33
C ARG A 619 28.60 15.47 36.54
N ARG A 620 28.17 14.21 36.59
CA ARG A 620 28.75 13.21 35.70
C ARG A 620 28.44 13.53 34.25
N CYS A 621 27.21 13.99 33.98
CA CYS A 621 26.76 14.21 32.61
C CYS A 621 27.59 15.28 31.90
N LEU A 622 27.95 16.35 32.62
CA LEU A 622 28.35 17.59 31.97
C LEU A 622 29.62 17.42 31.14
N SER A 623 30.55 16.59 31.62
CA SER A 623 31.78 16.30 30.87
C SER A 623 31.45 15.26 29.80
N GLN A 624 30.93 15.75 28.68
CA GLN A 624 30.56 14.91 27.55
C GLN A 624 30.68 15.74 26.28
N GLN A 625 30.26 15.17 25.15
CA GLN A 625 30.33 15.87 23.87
C GLN A 625 29.40 17.10 23.88
N ALA A 626 29.56 17.92 22.83
CA ALA A 626 29.06 19.28 22.86
C ALA A 626 27.54 19.36 22.90
N ASP A 627 26.86 18.48 22.16
CA ASP A 627 25.40 18.58 22.06
C ASP A 627 24.72 18.35 23.40
N VAL A 628 25.24 17.41 24.19
CA VAL A 628 24.71 17.15 25.52
C VAL A 628 24.85 18.40 26.39
N ARG A 629 26.02 19.04 26.33
CA ARG A 629 26.23 20.25 27.12
C ARG A 629 25.30 21.36 26.68
N LEU A 630 25.10 21.51 25.36
CA LEU A 630 24.22 22.54 24.85
C LEU A 630 22.80 22.35 25.34
N MET A 631 22.29 21.12 25.26
CA MET A 631 20.95 20.83 25.77
C MET A 631 20.88 21.07 27.28
N LEU A 632 21.95 20.72 28.00
CA LEU A 632 21.99 20.89 29.44
C LEU A 632 21.85 22.36 29.83
N TYR A 633 22.64 23.23 29.19
CA TYR A 633 22.58 24.64 29.53
C TYR A 633 21.30 25.28 29.04
N GLU A 634 20.73 24.78 27.95
CA GLU A 634 19.42 25.28 27.51
C GLU A 634 18.35 24.96 28.54
N GLY A 635 18.41 23.77 29.13
CA GLY A 635 17.34 23.34 30.04
C GLY A 635 17.50 23.79 31.48
N PHE A 636 18.71 24.19 31.90
CA PHE A 636 18.87 24.68 33.27
C PHE A 636 18.01 25.90 33.58
N TYR A 637 17.71 26.76 32.60
CA TYR A 637 16.87 27.91 32.93
C TYR A 637 15.46 27.47 33.31
N ASP A 638 14.87 26.56 32.53
CA ASP A 638 13.55 26.05 32.86
C ASP A 638 13.58 25.29 34.18
N VAL A 639 14.68 24.56 34.44
CA VAL A 639 14.83 23.86 35.71
C VAL A 639 14.81 24.86 36.86
N LEU A 640 15.55 25.94 36.72
CA LEU A 640 15.60 26.96 37.78
C LEU A 640 14.25 27.63 37.94
N ARG A 641 13.52 27.83 36.83
CA ARG A 641 12.21 28.48 36.91
C ARG A 641 11.20 27.62 37.66
N ARG A 642 11.11 26.35 37.30
CA ARG A 642 10.16 25.45 37.98
C ARG A 642 10.70 24.87 39.28
N ASN A 643 11.99 25.04 39.59
CA ASN A 643 12.57 24.55 40.84
C ASN A 643 13.67 25.50 41.27
N SER A 644 13.47 26.15 42.42
CA SER A 644 14.34 27.25 42.85
C SER A 644 15.50 26.78 43.72
N GLN A 645 15.28 25.79 44.59
CA GLN A 645 16.30 25.41 45.55
C GLN A 645 17.53 24.80 44.86
N LEU A 646 17.28 23.99 43.83
CA LEU A 646 18.39 23.36 43.10
C LEU A 646 19.31 24.37 42.43
N ALA A 647 18.83 25.61 42.22
CA ALA A 647 19.69 26.70 41.75
C ALA A 647 20.93 26.84 42.61
N ASN A 648 20.79 26.67 43.92
CA ASN A 648 21.92 26.80 44.84
C ASN A 648 23.02 25.81 44.52
N SER A 649 22.67 24.66 43.92
CA SER A 649 23.66 23.75 43.38
C SER A 649 24.06 24.13 41.95
N VAL A 650 23.07 24.47 41.11
CA VAL A 650 23.28 24.54 39.67
C VAL A 650 24.31 25.61 39.34
N MET A 651 24.13 26.80 39.91
CA MET A 651 25.08 27.89 39.70
C MET A 651 26.48 27.48 40.13
N GLN A 652 26.58 26.80 41.28
CA GLN A 652 27.89 26.33 41.74
C GLN A 652 28.48 25.37 40.73
N THR A 653 27.66 24.46 40.21
CA THR A 653 28.13 23.57 39.15
C THR A 653 28.58 24.37 37.94
N LEU A 654 27.77 25.36 37.54
CA LEU A 654 28.16 26.23 36.45
C LEU A 654 29.41 27.00 36.81
N LEU A 655 29.51 27.43 38.08
CA LEU A 655 30.69 28.16 38.51
C LEU A 655 31.92 27.29 38.41
N SER A 656 31.77 25.99 38.68
CA SER A 656 32.88 25.07 38.49
C SER A 656 33.32 25.06 37.04
N GLN A 657 32.33 24.97 36.13
CA GLN A 657 32.65 25.10 34.71
C GLN A 657 33.26 26.45 34.41
N LEU A 658 32.74 27.50 35.06
CA LEU A 658 33.32 28.82 34.90
C LEU A 658 34.76 28.81 35.42
N LYS A 659 34.97 28.16 36.56
CA LYS A 659 36.33 28.06 37.09
C LYS A 659 37.20 27.16 36.24
N GLN A 660 36.62 26.33 35.38
CA GLN A 660 37.41 25.55 34.44
C GLN A 660 37.96 26.40 33.30
N PHE A 661 37.45 27.63 33.10
CA PHE A 661 37.91 28.48 32.00
C PHE A 661 38.18 29.93 32.38
N TYR A 662 37.60 30.46 33.45
CA TYR A 662 37.80 31.85 33.84
C TYR A 662 39.06 31.94 34.69
N GLU A 663 40.10 32.59 34.15
CA GLU A 663 41.32 32.77 34.93
C GLU A 663 41.05 33.76 36.07
N PRO A 664 41.74 33.60 37.22
CA PRO A 664 41.41 34.46 38.37
C PRO A 664 42.09 35.82 38.34
N LYS A 665 43.25 35.90 37.71
CA LYS A 665 44.04 37.13 37.73
C LYS A 665 43.39 38.18 36.82
N PRO A 666 43.00 39.37 37.33
CA PRO A 666 42.51 40.39 36.39
C PRO A 666 43.57 40.89 35.44
N ASP A 667 44.86 40.74 35.76
CA ASP A 667 45.91 41.17 34.85
C ASP A 667 45.93 40.33 33.58
N LEU A 668 45.54 39.06 33.65
CA LEU A 668 45.55 38.19 32.49
C LEU A 668 44.50 38.64 31.48
N LEU A 669 44.86 38.58 30.20
CA LEU A 669 44.00 39.15 29.16
C LEU A 669 42.77 38.30 28.87
N PRO A 670 42.87 37.01 28.51
CA PRO A 670 41.68 36.31 28.05
C PRO A 670 40.84 35.82 29.23
N PRO A 671 39.51 35.74 29.10
CA PRO A 671 38.71 34.88 29.99
C PRO A 671 38.42 33.50 29.43
N LEU A 672 39.00 33.13 28.28
CA LEU A 672 38.73 31.85 27.63
C LEU A 672 40.04 31.27 27.14
N LYS A 673 40.27 30.00 27.44
CA LYS A 673 41.42 29.26 26.92
C LYS A 673 40.94 28.41 25.74
N LEU A 674 41.46 28.70 24.56
CA LEU A 674 40.99 28.04 23.36
C LEU A 674 41.33 26.56 23.34
N GLU A 675 42.45 26.17 23.97
CA GLU A 675 42.84 24.76 23.97
C GLU A 675 41.85 23.92 24.78
N ALA A 676 41.55 24.34 26.00
CA ALA A 676 40.61 23.59 26.83
C ALA A 676 39.19 23.68 26.30
N CYS A 677 38.82 24.82 25.71
CA CYS A 677 37.45 25.03 25.26
C CYS A 677 37.08 24.07 24.12
N ILE A 678 38.03 23.82 23.22
CA ILE A 678 37.80 23.02 22.02
C ILE A 678 38.34 21.61 22.23
N LEU A 679 37.66 20.63 21.65
CA LEU A 679 38.08 19.23 21.73
C LEU A 679 39.21 18.95 20.74
N THR A 680 40.45 19.22 21.13
CA THR A 680 41.57 18.83 20.30
C THR A 680 41.70 17.31 20.31
N GLN A 681 41.75 16.72 19.12
CA GLN A 681 41.75 15.26 18.99
C GLN A 681 42.38 14.90 17.66
N GLY A 682 42.74 13.62 17.54
CA GLY A 682 43.45 13.14 16.36
C GLY A 682 42.67 13.24 15.07
N ASP A 683 43.27 13.93 14.09
CA ASP A 683 42.78 14.01 12.72
C ASP A 683 41.43 14.73 12.59
N LYS A 684 40.98 15.45 13.61
CA LYS A 684 39.75 16.21 13.51
C LYS A 684 39.68 17.20 14.66
N ILE A 685 38.78 18.17 14.52
CA ILE A 685 38.55 19.21 15.52
C ILE A 685 37.05 19.37 15.69
N SER A 686 36.61 19.53 16.94
CA SER A 686 35.20 19.64 17.25
C SER A 686 35.02 20.45 18.53
N LEU A 687 33.81 20.93 18.75
CA LEU A 687 33.48 21.66 19.96
C LEU A 687 33.33 20.69 21.13
N GLN A 688 33.67 21.17 22.32
CA GLN A 688 33.55 20.42 23.57
C GLN A 688 32.53 21.04 24.52
N GLU A 689 32.61 22.35 24.74
CA GLU A 689 31.84 23.05 25.75
C GLU A 689 31.61 24.49 25.31
N PRO A 690 30.41 24.87 24.81
CA PRO A 690 30.25 26.26 24.36
C PRO A 690 30.25 27.27 25.51
N LEU A 691 31.36 28.00 25.65
CA LEU A 691 31.48 28.96 26.75
C LEU A 691 30.50 30.11 26.61
N ASP A 692 30.15 30.50 25.38
CA ASP A 692 29.12 31.51 25.20
C ASP A 692 27.80 31.04 25.79
N TYR A 693 27.46 29.76 25.62
CA TYR A 693 26.25 29.23 26.23
C TYR A 693 26.38 29.12 27.74
N LEU A 694 27.60 28.85 28.25
CA LEU A 694 27.81 28.89 29.69
C LEU A 694 27.48 30.26 30.26
N LEU A 695 28.04 31.31 29.64
CA LEU A 695 27.77 32.66 30.10
C LEU A 695 26.30 33.01 29.92
N CYS A 696 25.68 32.44 28.89
CA CYS A 696 24.29 32.73 28.61
C CYS A 696 23.44 32.19 29.73
N CYS A 697 23.65 30.93 30.08
CA CYS A 697 22.89 30.30 31.15
C CYS A 697 23.18 30.96 32.49
N ILE A 698 24.44 31.33 32.73
CA ILE A 698 24.80 31.99 33.99
C ILE A 698 24.08 33.32 34.10
N GLN A 699 24.04 34.09 33.01
CA GLN A 699 23.39 35.39 33.02
C GLN A 699 21.88 35.24 33.24
N HIS A 700 21.25 34.29 32.57
CA HIS A 700 19.82 34.17 32.72
C HIS A 700 19.48 33.68 34.13
N CYS A 701 20.22 32.72 34.68
CA CYS A 701 19.94 32.23 36.03
C CYS A 701 20.19 33.32 37.06
N LEU A 702 21.29 34.07 36.93
CA LEU A 702 21.60 35.12 37.88
C LEU A 702 20.57 36.23 37.82
N ALA A 703 20.15 36.62 36.61
CA ALA A 703 19.13 37.65 36.49
C ALA A 703 17.80 37.19 37.08
N TRP A 704 17.45 35.91 36.86
CA TRP A 704 16.23 35.38 37.45
C TRP A 704 16.28 35.43 38.97
N TYR A 705 17.42 35.00 39.55
CA TYR A 705 17.53 35.00 41.00
C TYR A 705 17.49 36.42 41.56
N LYS A 706 18.24 37.33 40.95
CA LYS A 706 18.27 38.72 41.42
C LYS A 706 16.90 39.37 41.31
N ASN A 707 16.15 39.03 40.27
CA ASN A 707 14.83 39.63 40.07
C ASN A 707 13.78 39.04 40.98
N THR A 708 13.89 37.75 41.34
CA THR A 708 12.82 37.03 42.03
C THR A 708 13.14 36.74 43.49
N VAL A 709 14.24 36.05 43.77
CA VAL A 709 14.41 35.43 45.09
C VAL A 709 14.91 36.46 46.11
N ILE A 710 15.90 37.28 45.73
CA ILE A 710 16.42 38.28 46.65
C ILE A 710 15.34 39.27 47.10
N PRO A 711 14.55 39.86 46.21
CA PRO A 711 13.38 40.63 46.69
C PRO A 711 12.39 39.79 47.47
N LEU A 712 12.23 38.51 47.11
CA LEU A 712 11.29 37.67 47.85
C LEU A 712 11.78 37.39 49.26
N GLN A 713 13.09 37.31 49.47
CA GLN A 713 13.65 37.06 50.79
C GLN A 713 13.37 38.24 51.71
N GLU A 721 25.55 33.74 54.61
CA GLU A 721 26.29 32.53 54.90
C GLU A 721 26.87 31.93 53.61
N GLU A 722 26.07 31.99 52.53
CA GLU A 722 26.49 31.48 51.22
C GLU A 722 26.08 32.42 50.09
N GLU A 723 25.85 33.70 50.39
CA GLU A 723 25.43 34.65 49.35
C GLU A 723 26.60 35.15 48.51
N ALA A 724 27.83 35.06 49.02
CA ALA A 724 28.95 35.83 48.46
C ALA A 724 29.22 35.47 47.00
N PHE A 725 29.05 34.20 46.64
CA PHE A 725 29.37 33.78 45.27
C PHE A 725 28.53 34.51 44.24
N TYR A 726 27.30 34.92 44.62
CA TYR A 726 26.47 35.70 43.72
C TYR A 726 27.19 36.98 43.29
N GLU A 727 27.64 37.79 44.25
CA GLU A 727 28.36 38.99 43.84
C GLU A 727 29.70 38.62 43.22
N ASP A 728 30.28 37.49 43.65
CA ASP A 728 31.51 37.02 43.01
C ASP A 728 31.25 36.76 41.54
N LEU A 729 30.10 36.14 41.22
CA LEU A 729 29.76 35.91 39.83
C LEU A 729 29.66 37.23 39.08
N ASP A 730 29.04 38.23 39.70
CA ASP A 730 28.98 39.56 39.09
C ASP A 730 30.38 40.08 38.87
N ASP A 731 31.23 39.95 39.90
CA ASP A 731 32.62 40.39 39.79
C ASP A 731 33.32 39.64 38.67
N ILE A 732 33.05 38.33 38.58
CA ILE A 732 33.64 37.51 37.53
C ILE A 732 33.22 38.06 36.17
N LEU A 733 31.92 38.30 35.99
CA LEU A 733 31.45 38.83 34.72
C LEU A 733 31.98 40.23 34.51
N GLU A 734 32.08 41.02 35.60
CA GLU A 734 32.66 42.35 35.49
C GLU A 734 34.09 42.27 35.02
N SER A 735 34.85 41.33 35.55
CA SER A 735 36.22 41.16 35.09
C SER A 735 36.20 40.63 33.66
N ILE A 736 35.26 39.74 33.33
CA ILE A 736 35.17 39.24 31.97
C ILE A 736 34.73 40.36 31.05
N THR A 737 33.98 41.35 31.56
CA THR A 737 33.71 42.53 30.75
C THR A 737 35.00 43.29 30.49
N ASN A 738 35.66 43.75 31.56
CA ASN A 738 36.81 44.64 31.42
C ASN A 738 37.93 44.10 30.55
N ARG A 739 38.33 42.89 30.84
CA ARG A 739 39.44 42.34 30.09
C ARG A 739 39.02 42.26 28.64
N MET A 740 37.75 41.97 28.37
CA MET A 740 37.32 41.83 26.99
C MET A 740 37.39 43.15 26.24
N ILE A 741 37.03 44.27 26.87
CA ILE A 741 37.07 45.52 26.14
C ILE A 741 38.54 45.87 25.90
N LYS A 742 39.42 45.58 26.86
CA LYS A 742 40.85 45.78 26.68
C LYS A 742 41.48 44.74 25.75
N SER A 743 40.74 43.68 25.41
CA SER A 743 41.25 42.61 24.54
C SER A 743 41.48 43.02 23.11
N GLU A 744 42.00 42.12 22.30
CA GLU A 744 42.26 42.39 20.89
C GLU A 744 42.40 41.06 20.16
N LEU A 745 42.45 41.15 18.82
CA LEU A 745 42.58 39.96 18.00
C LEU A 745 43.90 39.24 18.17
N GLU A 746 44.93 39.92 18.68
CA GLU A 746 46.24 39.29 18.81
C GLU A 746 46.20 38.13 19.80
N ASP A 747 45.43 38.27 20.88
CA ASP A 747 45.32 37.19 21.85
C ASP A 747 44.70 35.94 21.24
N PHE A 748 43.62 36.11 20.47
CA PHE A 748 42.90 34.99 19.89
C PHE A 748 43.47 34.53 18.54
N GLU A 749 44.51 35.19 18.03
CA GLU A 749 45.17 34.80 16.78
C GLU A 749 44.20 34.79 15.61
N LEU A 750 43.67 35.97 15.31
CA LEU A 750 42.67 36.18 14.27
C LEU A 750 43.18 37.22 13.27
N ASP A 751 42.63 37.15 12.07
CA ASP A 751 43.07 37.99 10.96
C ASP A 751 44.55 37.75 10.65
N PHE A 756 41.28 31.32 7.29
CA PHE A 756 40.73 30.39 8.28
C PHE A 756 39.39 29.85 7.80
N SER A 757 39.38 28.58 7.43
CA SER A 757 38.20 27.93 6.86
C SER A 757 38.33 26.42 7.09
N GLN A 758 37.51 25.65 6.38
CA GLN A 758 37.51 24.20 6.51
C GLN A 758 38.66 23.52 5.77
N SER A 759 39.56 24.29 5.13
CA SER A 759 40.68 23.68 4.42
C SER A 759 41.62 22.95 5.37
N THR A 760 41.88 23.54 6.53
CA THR A 760 42.83 23.00 7.51
C THR A 760 42.20 23.05 8.90
N SER A 761 42.72 22.19 9.78
CA SER A 761 42.24 22.13 11.15
C SER A 761 42.50 23.44 11.90
N ILE A 762 43.60 24.12 11.57
CA ILE A 762 43.92 25.39 12.22
C ILE A 762 42.83 26.41 11.92
N GLY A 763 42.43 26.51 10.66
CA GLY A 763 41.33 27.40 10.30
C GLY A 763 40.02 26.98 10.93
N ILE A 764 39.80 25.68 11.09
CA ILE A 764 38.56 25.20 11.70
C ILE A 764 38.47 25.66 13.15
N LYS A 765 39.56 25.46 13.91
CA LYS A 765 39.54 25.90 15.30
C LYS A 765 39.49 27.42 15.40
N ASN A 766 40.09 28.13 14.46
CA ASN A 766 40.02 29.58 14.49
C ASN A 766 38.61 30.04 14.23
N ASN A 767 37.91 29.42 13.29
CA ASN A 767 36.52 29.78 13.03
C ASN A 767 35.63 29.47 14.23
N ILE A 768 35.85 28.32 14.87
CA ILE A 768 35.06 27.98 16.05
C ILE A 768 35.33 28.98 17.16
N CYS A 769 36.59 29.39 17.34
CA CYS A 769 36.92 30.41 18.32
C CYS A 769 36.27 31.74 17.97
N ALA A 770 36.19 32.07 16.67
CA ALA A 770 35.50 33.30 16.26
C ALA A 770 34.04 33.26 16.66
N PHE A 771 33.37 32.13 16.43
CA PHE A 771 31.98 31.99 16.84
C PHE A 771 31.85 32.11 18.35
N LEU A 772 32.78 31.50 19.09
CA LEU A 772 32.71 31.54 20.55
C LEU A 772 32.89 32.95 21.10
N VAL A 773 33.88 33.69 20.58
CA VAL A 773 34.11 35.03 21.08
C VAL A 773 32.95 35.93 20.70
N MET A 774 32.36 35.73 19.52
CA MET A 774 31.18 36.52 19.15
C MET A 774 30.03 36.24 20.11
N GLY A 775 29.79 34.96 20.42
CA GLY A 775 28.70 34.62 21.33
C GLY A 775 28.89 35.17 22.72
N VAL A 776 30.09 34.99 23.28
CA VAL A 776 30.32 35.46 24.64
C VAL A 776 30.33 36.99 24.67
N CYS A 777 30.76 37.64 23.57
CA CYS A 777 30.71 39.09 23.51
C CYS A 777 29.28 39.60 23.53
N GLU A 778 28.37 38.98 22.77
CA GLU A 778 26.99 39.44 22.82
C GLU A 778 26.32 39.09 24.13
N VAL A 779 26.72 37.99 24.78
CA VAL A 779 26.19 37.71 26.11
C VAL A 779 26.73 38.72 27.11
N LEU A 780 27.96 39.20 26.91
CA LEU A 780 28.46 40.28 27.76
C LEU A 780 27.70 41.57 27.51
N ILE A 781 27.27 41.80 26.26
CA ILE A 781 26.40 42.95 25.98
C ILE A 781 25.09 42.81 26.76
N GLU A 782 24.51 41.61 26.75
CA GLU A 782 23.32 41.32 27.55
C GLU A 782 23.55 41.65 29.02
N TYR A 783 24.66 41.17 29.59
CA TYR A 783 24.92 41.38 31.01
C TYR A 783 25.11 42.86 31.33
N ASN A 784 25.94 43.54 30.54
CA ASN A 784 26.25 44.94 30.83
C ASN A 784 25.02 45.82 30.66
N PHE A 785 24.21 45.56 29.64
CA PHE A 785 22.95 46.28 29.50
C PHE A 785 22.01 45.97 30.67
N SER A 786 22.07 44.75 31.20
CA SER A 786 21.17 44.39 32.30
C SER A 786 21.53 45.13 33.58
N ILE A 787 22.81 45.11 33.96
CA ILE A 787 23.20 45.64 35.28
C ILE A 787 23.41 47.14 35.32
N SER A 788 23.59 47.80 34.15
CA SER A 788 24.07 49.17 34.13
C SER A 788 23.06 50.14 34.75
N SER A 789 21.78 49.96 34.46
CA SER A 789 20.75 50.94 34.81
C SER A 789 21.06 52.30 34.18
N PHE A 790 21.54 52.27 32.93
CA PHE A 790 21.81 53.47 32.14
C PHE A 790 22.84 54.39 32.78
N SER A 791 24.07 53.89 32.90
CA SER A 791 25.24 54.70 33.26
C SER A 791 26.07 54.98 32.02
N LYS A 792 26.71 56.16 31.99
CA LYS A 792 27.48 56.56 30.83
C LYS A 792 28.69 55.65 30.62
N ASN A 793 29.42 55.32 31.69
CA ASN A 793 30.59 54.45 31.55
C ASN A 793 30.18 53.06 31.10
N ARG A 794 29.09 52.53 31.65
CA ARG A 794 28.63 51.20 31.28
C ARG A 794 28.22 51.16 29.81
N PHE A 795 27.54 52.19 29.33
CA PHE A 795 27.14 52.20 27.92
C PHE A 795 28.34 52.45 27.01
N GLU A 796 29.36 53.18 27.48
CA GLU A 796 30.61 53.26 26.73
C GLU A 796 31.25 51.88 26.61
N ASP A 797 31.23 51.11 27.70
CA ASP A 797 31.73 49.73 27.65
C ASP A 797 30.92 48.89 26.68
N ILE A 798 29.59 49.09 26.67
CA ILE A 798 28.72 48.37 25.75
C ILE A 798 29.09 48.73 24.31
N LEU A 799 29.34 50.01 24.05
CA LEU A 799 29.68 50.44 22.69
C LEU A 799 31.01 49.84 22.24
N SER A 800 32.02 49.87 23.11
CA SER A 800 33.31 49.30 22.74
C SER A 800 33.21 47.79 22.53
N LEU A 801 32.48 47.11 23.41
CA LEU A 801 32.27 45.67 23.30
C LEU A 801 31.54 45.31 22.01
N PHE A 802 30.50 46.07 21.67
CA PHE A 802 29.78 45.81 20.44
C PHE A 802 30.63 46.15 19.22
N MET A 803 31.49 47.15 19.31
CA MET A 803 32.41 47.43 18.20
C MET A 803 33.36 46.27 17.99
N CYS A 804 33.85 45.67 19.08
CA CYS A 804 34.67 44.47 18.97
C CYS A 804 33.91 43.35 18.27
N TYR A 805 32.65 43.14 18.68
CA TYR A 805 31.81 42.13 18.03
C TYR A 805 31.59 42.44 16.56
N LYS A 806 31.38 43.70 16.23
CA LYS A 806 31.12 44.09 14.84
C LYS A 806 32.33 43.84 13.96
N LYS A 807 33.53 44.18 14.44
CA LYS A 807 34.71 43.89 13.63
C LYS A 807 34.97 42.39 13.53
N LEU A 808 34.65 41.63 14.58
CA LEU A 808 34.73 40.17 14.47
C LEU A 808 33.80 39.64 13.40
N SER A 809 32.56 40.14 13.37
CA SER A 809 31.59 39.71 12.37
C SER A 809 32.04 40.10 10.97
N ASP A 810 32.58 41.31 10.83
CA ASP A 810 33.07 41.76 9.53
C ASP A 810 34.25 40.91 9.06
N ILE A 811 35.13 40.54 9.99
CA ILE A 811 36.26 39.69 9.62
C ILE A 811 35.78 38.32 9.18
N LEU A 812 34.79 37.77 9.88
CA LEU A 812 34.23 36.48 9.47
C LEU A 812 33.57 36.57 8.11
N ASN A 813 32.85 37.67 7.85
CA ASN A 813 32.22 37.85 6.55
C ASN A 813 33.25 37.98 5.44
N GLU A 814 34.34 38.69 5.70
CA GLU A 814 35.42 38.81 4.72
C GLU A 814 36.06 37.46 4.47
N LYS A 815 36.22 36.64 5.52
CA LYS A 815 36.70 35.28 5.32
C LYS A 815 35.75 34.47 4.46
N ALA A 816 34.45 34.62 4.69
CA ALA A 816 33.47 33.92 3.86
C ALA A 816 33.52 34.40 2.42
N GLY A 817 33.67 35.71 2.22
CA GLY A 817 33.72 36.27 0.88
C GLY A 817 35.04 35.96 0.18
N ALA A 824 26.44 29.27 5.29
CA ALA A 824 26.68 28.26 6.31
C ALA A 824 27.54 28.82 7.44
N ASN A 825 28.62 29.52 7.07
CA ASN A 825 29.51 30.08 8.08
C ASN A 825 28.89 31.31 8.75
N LYS A 826 28.24 32.16 7.96
CA LYS A 826 27.65 33.38 8.53
C LYS A 826 26.46 33.07 9.43
N THR A 827 25.66 32.08 9.07
CA THR A 827 24.44 31.77 9.81
C THR A 827 24.80 31.24 11.19
N SER A 828 24.54 32.03 12.22
CA SER A 828 24.72 31.62 13.61
C SER A 828 23.60 32.23 14.43
N ASP A 829 22.76 31.38 15.00
CA ASP A 829 21.64 31.85 15.82
C ASP A 829 22.19 32.53 17.07
N SER A 830 22.09 33.85 17.11
CA SER A 830 22.65 34.61 18.22
C SER A 830 21.90 34.30 19.51
N LEU A 831 22.60 34.44 20.63
CA LEU A 831 22.09 34.07 21.93
C LEU A 831 21.30 35.17 22.61
N LEU A 832 20.94 36.23 21.89
CA LEU A 832 20.16 37.31 22.48
C LEU A 832 18.77 36.80 22.85
N SER A 833 18.37 37.06 24.09
CA SER A 833 17.09 36.57 24.57
C SER A 833 15.94 37.39 24.00
N MET A 834 14.78 36.74 23.85
CA MET A 834 13.62 37.38 23.22
C MET A 834 13.14 38.56 24.03
N LYS A 835 13.06 38.41 25.36
CA LYS A 835 12.68 39.53 26.23
C LYS A 835 13.67 40.66 26.10
N PHE A 836 14.96 40.35 26.07
CA PHE A 836 15.96 41.40 25.95
C PHE A 836 15.91 42.08 24.61
N VAL A 837 15.63 41.33 23.53
CA VAL A 837 15.55 41.95 22.21
C VAL A 837 14.37 42.91 22.17
N SER A 838 13.21 42.51 22.72
CA SER A 838 12.06 43.41 22.76
C SER A 838 12.37 44.66 23.58
N SER A 839 12.99 44.47 24.76
CA SER A 839 13.31 45.60 25.61
C SER A 839 14.31 46.53 24.93
N LEU A 840 15.28 45.97 24.22
CA LEU A 840 16.29 46.78 23.54
C LEU A 840 15.66 47.60 22.42
N LEU A 841 14.76 47.00 21.64
CA LEU A 841 14.10 47.76 20.56
C LEU A 841 13.24 48.87 21.15
N THR A 842 12.46 48.56 22.19
CA THR A 842 11.60 49.57 22.79
C THR A 842 12.42 50.71 23.39
N ALA A 843 13.54 50.37 24.04
CA ALA A 843 14.40 51.41 24.59
C ALA A 843 15.05 52.23 23.50
N LEU A 844 15.44 51.59 22.39
CA LEU A 844 16.13 52.30 21.33
C LEU A 844 15.22 53.33 20.67
N PHE A 845 14.02 52.91 20.26
CA PHE A 845 13.12 53.82 19.54
C PHE A 845 12.27 54.65 20.50
N ARG A 846 11.53 54.01 21.40
CA ARG A 846 10.61 54.71 22.29
C ARG A 846 11.35 55.05 23.58
N ASP A 847 11.79 56.31 23.70
CA ASP A 847 12.55 56.76 24.86
C ASP A 847 12.26 58.23 25.10
N SER A 848 11.96 58.58 26.36
CA SER A 848 11.57 59.94 26.74
C SER A 848 12.38 60.47 27.91
N ILE A 849 12.84 59.58 28.80
CA ILE A 849 13.51 60.03 30.02
C ILE A 849 14.87 60.59 29.67
N GLN A 850 15.20 61.75 30.26
CA GLN A 850 16.44 62.43 29.94
C GLN A 850 17.66 61.63 30.36
N SER A 851 17.61 61.00 31.54
CA SER A 851 18.73 60.20 32.00
C SER A 851 18.99 59.02 31.07
N HIS A 852 17.92 58.38 30.58
CA HIS A 852 18.07 57.38 29.54
C HIS A 852 18.66 58.00 28.27
N GLN A 853 18.15 59.18 27.88
CA GLN A 853 18.56 59.79 26.62
C GLN A 853 20.02 60.16 26.61
N GLU A 854 20.61 60.48 27.77
CA GLU A 854 22.01 60.87 27.82
C GLU A 854 22.91 59.73 27.35
N SER A 855 22.64 58.51 27.82
CA SER A 855 23.40 57.35 27.36
C SER A 855 22.95 56.92 25.96
N LEU A 856 21.65 57.01 25.68
CA LEU A 856 21.15 56.53 24.39
C LEU A 856 21.61 57.40 23.24
N SER A 857 21.97 58.66 23.48
CA SER A 857 22.58 59.47 22.43
C SER A 857 23.93 58.89 22.01
N VAL A 858 24.72 58.44 22.99
CA VAL A 858 25.99 57.81 22.67
C VAL A 858 25.75 56.46 22.01
N LEU A 859 24.74 55.73 22.48
CA LEU A 859 24.48 54.40 21.92
C LEU A 859 24.02 54.50 20.47
N ARG A 860 23.03 55.35 20.19
CA ARG A 860 22.47 55.49 18.85
C ARG A 860 23.40 56.22 17.88
N SER A 861 24.50 56.82 18.36
CA SER A 861 25.39 57.55 17.48
C SER A 861 25.99 56.64 16.40
N SER A 862 26.20 55.36 16.73
CA SER A 862 26.58 54.36 15.74
C SER A 862 25.32 53.71 15.19
N ASN A 863 25.10 53.88 13.88
CA ASN A 863 23.97 53.23 13.23
C ASN A 863 24.15 51.72 13.10
N GLU A 864 25.37 51.21 13.29
CA GLU A 864 25.61 49.78 13.21
C GLU A 864 24.80 49.03 14.26
N PHE A 865 24.79 49.53 15.50
CA PHE A 865 24.00 48.89 16.55
C PHE A 865 22.50 48.98 16.25
N MET A 866 22.07 50.10 15.67
CA MET A 866 20.67 50.25 15.32
C MET A 866 20.26 49.21 14.28
N ARG A 867 21.13 48.98 13.28
CA ARG A 867 20.86 47.92 12.31
C ARG A 867 20.90 46.55 12.97
N TYR A 868 21.83 46.37 13.91
CA TYR A 868 22.03 45.05 14.52
C TYR A 868 20.83 44.63 15.36
N ALA A 869 20.21 45.57 16.06
CA ALA A 869 19.06 45.23 16.90
C ALA A 869 17.90 44.71 16.06
N VAL A 870 17.56 45.45 15.00
CA VAL A 870 16.49 44.99 14.11
C VAL A 870 16.91 43.71 13.39
N ASN A 871 18.20 43.54 13.12
CA ASN A 871 18.65 42.33 12.44
C ASN A 871 18.49 41.10 13.33
N VAL A 872 18.82 41.21 14.61
CA VAL A 872 18.61 40.06 15.49
C VAL A 872 17.12 39.82 15.69
N ALA A 873 16.30 40.88 15.67
CA ALA A 873 14.86 40.68 15.70
C ALA A 873 14.38 39.91 14.47
N LEU A 874 14.91 40.25 13.29
CA LEU A 874 14.60 39.52 12.07
C LEU A 874 14.99 38.05 12.21
N GLN A 875 16.18 37.78 12.74
CA GLN A 875 16.64 36.41 12.89
C GLN A 875 15.73 35.64 13.85
N LYS A 876 15.31 36.30 14.94
CA LYS A 876 14.43 35.64 15.90
C LYS A 876 13.08 35.31 15.27
N VAL A 877 12.51 36.23 14.51
CA VAL A 877 11.20 35.97 13.91
C VAL A 877 11.33 34.90 12.82
N GLN A 878 12.43 34.91 12.07
CA GLN A 878 12.64 33.88 11.06
C GLN A 878 12.81 32.51 11.70
N GLN A 879 13.46 32.44 12.85
CA GLN A 879 13.55 31.18 13.56
C GLN A 879 12.15 30.77 13.99
N LEU A 880 11.38 31.70 14.52
CA LEU A 880 10.01 31.39 14.93
C LEU A 880 9.15 30.89 13.77
N LYS A 881 9.51 31.26 12.54
CA LYS A 881 8.70 30.86 11.38
C LYS A 881 8.64 29.34 11.23
N GLU A 882 9.79 28.66 11.36
CA GLU A 882 9.82 27.22 11.14
C GLU A 882 9.27 26.43 12.31
N THR A 883 9.34 26.97 13.52
CA THR A 883 8.85 26.25 14.70
C THR A 883 8.47 27.25 15.78
N GLY A 884 7.58 26.80 16.67
CA GLY A 884 7.14 27.67 17.76
C GLY A 884 8.26 28.05 18.71
N HIS A 885 9.20 27.15 18.93
CA HIS A 885 10.29 27.43 19.85
C HIS A 885 11.25 28.45 19.25
N VAL A 886 12.01 29.11 20.13
CA VAL A 886 13.02 30.08 19.77
C VAL A 886 14.28 29.78 20.55
N SER A 887 15.39 30.36 20.08
CA SER A 887 16.70 30.04 20.66
C SER A 887 16.80 30.50 22.10
N GLY A 888 16.23 31.67 22.43
CA GLY A 888 16.33 32.21 23.75
C GLY A 888 15.42 31.49 24.72
N PRO A 889 15.38 31.98 25.95
CA PRO A 889 14.45 31.42 26.95
C PRO A 889 13.00 31.64 26.54
N ASP A 890 12.11 30.99 27.29
CA ASP A 890 10.66 31.12 27.11
C ASP A 890 10.23 30.65 25.72
N GLY A 891 10.95 29.70 25.14
CA GLY A 891 10.53 29.18 23.84
C GLY A 891 9.24 28.39 23.92
N GLN A 892 9.05 27.64 25.01
CA GLN A 892 7.88 26.78 25.11
C GLN A 892 6.60 27.59 25.27
N ASN A 893 6.66 28.68 26.06
CA ASN A 893 5.43 29.45 26.33
C ASN A 893 4.97 30.18 25.08
N PRO A 894 3.73 29.91 24.59
CA PRO A 894 3.27 30.70 23.44
C PRO A 894 2.70 32.04 23.85
N GLU A 895 2.01 32.07 24.99
CA GLU A 895 1.38 33.31 25.44
C GLU A 895 2.42 34.37 25.78
N LYS A 896 3.48 33.98 26.48
CA LYS A 896 4.51 34.94 26.87
C LYS A 896 5.23 35.51 25.66
N ILE A 897 5.65 34.63 24.74
CA ILE A 897 6.38 35.10 23.57
C ILE A 897 5.49 35.97 22.69
N PHE A 898 4.20 35.61 22.55
CA PHE A 898 3.31 36.43 21.74
C PHE A 898 3.07 37.79 22.37
N GLN A 899 2.84 37.82 23.68
CA GLN A 899 2.60 39.09 24.36
C GLN A 899 3.83 39.99 24.29
N ASN A 900 5.01 39.39 24.25
CA ASN A 900 6.22 40.16 24.13
C ASN A 900 6.44 40.57 22.69
N LEU A 901 5.96 39.78 21.75
CA LEU A 901 6.15 40.07 20.34
C LEU A 901 5.28 41.24 19.88
N CYS A 902 4.12 41.41 20.54
CA CYS A 902 3.27 42.56 20.26
C CYS A 902 4.02 43.88 20.44
N ASP A 903 4.88 43.94 21.47
CA ASP A 903 5.63 45.16 21.74
C ASP A 903 6.58 45.50 20.61
N ILE A 904 7.34 44.52 20.11
CA ILE A 904 8.26 44.81 19.03
C ILE A 904 7.50 45.15 17.76
N THR A 905 6.33 44.53 17.53
CA THR A 905 5.55 44.90 16.35
C THR A 905 5.13 46.36 16.39
N ARG A 906 4.56 46.81 17.51
CA ARG A 906 4.09 48.18 17.58
C ARG A 906 5.25 49.17 17.54
N VAL A 907 6.36 48.83 18.20
CA VAL A 907 7.52 49.73 18.20
C VAL A 907 8.09 49.87 16.79
N LEU A 908 8.26 48.75 16.09
CA LEU A 908 8.84 48.80 14.76
C LEU A 908 7.91 49.49 13.76
N LEU A 909 6.60 49.26 13.90
CA LEU A 909 5.64 49.94 13.05
C LEU A 909 5.67 51.45 13.28
N TRP A 910 5.81 51.88 14.55
CA TRP A 910 5.98 53.29 14.83
C TRP A 910 7.24 53.83 14.17
N ARG A 911 8.33 53.07 14.20
CA ARG A 911 9.59 53.52 13.59
C ARG A 911 9.34 53.78 12.14
N TYR A 912 8.81 52.80 11.43
CA TYR A 912 8.62 53.00 10.00
C TYR A 912 7.64 54.15 9.71
N THR A 913 6.57 54.24 10.49
CA THR A 913 5.53 55.24 10.18
C THR A 913 6.04 56.66 10.40
N SER A 914 6.69 56.92 11.54
CA SER A 914 7.04 58.29 11.89
C SER A 914 8.32 58.79 11.22
N ILE A 915 9.05 57.95 10.50
CA ILE A 915 10.34 58.29 9.90
C ILE A 915 10.22 58.04 8.40
N PRO A 916 10.33 59.05 7.53
CA PRO A 916 10.44 58.77 6.10
C PRO A 916 11.88 58.44 5.70
N THR A 917 12.03 58.06 4.43
CA THR A 917 13.35 57.67 3.93
C THR A 917 14.32 58.84 3.87
N SER A 918 13.82 60.07 3.77
CA SER A 918 14.69 61.24 3.69
C SER A 918 15.48 61.44 4.97
N VAL A 919 14.94 60.98 6.10
CA VAL A 919 15.61 61.14 7.38
C VAL A 919 16.92 60.34 7.42
N GLU A 920 16.99 59.25 6.64
CA GLU A 920 18.18 58.40 6.65
C GLU A 920 19.41 59.17 6.16
N GLU A 921 19.39 59.61 4.90
CA GLU A 921 20.44 60.48 4.35
C GLU A 921 21.80 59.78 4.37
N SER A 922 21.79 58.48 4.10
CA SER A 922 22.97 57.64 4.15
C SER A 922 23.54 57.43 2.75
N GLY A 923 24.77 56.95 2.70
CA GLY A 923 25.41 56.68 1.43
C GLY A 923 24.80 55.48 0.73
N LYS A 924 25.10 55.36 -0.57
CA LYS A 924 24.50 54.31 -1.38
C LYS A 924 24.96 52.91 -0.97
N LYS A 925 26.09 52.80 -0.27
CA LYS A 925 26.55 51.49 0.18
C LYS A 925 25.56 50.87 1.16
N GLU A 926 25.11 51.67 2.14
CA GLU A 926 24.16 51.21 3.16
C GLU A 926 22.73 51.69 2.92
N LYS A 927 22.46 52.38 1.80
CA LYS A 927 21.09 52.79 1.51
C LYS A 927 20.20 51.57 1.26
N GLY A 928 20.70 50.60 0.51
CA GLY A 928 19.98 49.35 0.36
C GLY A 928 19.83 48.62 1.68
N LYS A 929 20.85 48.70 2.54
CA LYS A 929 20.81 48.15 3.89
C LYS A 929 20.26 49.15 4.91
N SER A 930 19.48 50.14 4.47
CA SER A 930 18.89 51.10 5.39
C SER A 930 17.93 50.39 6.33
N ILE A 931 17.82 50.91 7.55
CA ILE A 931 17.03 50.24 8.57
C ILE A 931 15.53 50.25 8.23
N SER A 932 15.08 51.16 7.37
CA SER A 932 13.69 51.12 6.93
C SER A 932 13.39 49.86 6.12
N LEU A 933 14.31 49.48 5.22
CA LEU A 933 14.09 48.27 4.44
C LEU A 933 14.09 47.03 5.33
N LEU A 934 15.00 46.98 6.31
CA LEU A 934 15.00 45.88 7.27
C LEU A 934 13.71 45.87 8.08
N CYS A 935 13.20 47.06 8.40
CA CYS A 935 11.93 47.14 9.12
C CYS A 935 10.78 46.57 8.30
N LEU A 936 10.74 46.89 7.01
CA LEU A 936 9.69 46.32 6.16
C LEU A 936 9.85 44.81 6.02
N GLU A 937 11.11 44.33 5.96
CA GLU A 937 11.35 42.90 5.95
C GLU A 937 10.76 42.24 7.20
N GLY A 938 11.00 42.86 8.36
CA GLY A 938 10.49 42.30 9.60
C GLY A 938 8.98 42.35 9.67
N LEU A 939 8.38 43.44 9.17
CA LEU A 939 6.94 43.54 9.16
C LEU A 939 6.33 42.47 8.27
N GLN A 940 6.91 42.24 7.09
CA GLN A 940 6.41 41.19 6.21
C GLN A 940 6.51 39.83 6.88
N LYS A 941 7.66 39.53 7.48
CA LYS A 941 7.86 38.21 8.09
C LYS A 941 6.89 37.99 9.26
N ILE A 942 6.76 38.99 10.12
CA ILE A 942 5.93 38.81 11.32
C ILE A 942 4.45 38.78 10.95
N PHE A 943 4.02 39.60 9.98
CA PHE A 943 2.63 39.55 9.56
C PHE A 943 2.34 38.28 8.78
N SER A 944 3.35 37.57 8.32
CA SER A 944 3.07 36.28 7.70
C SER A 944 3.01 35.23 8.83
N ALA A 945 3.79 35.41 9.90
CA ALA A 945 3.84 34.40 10.94
C ALA A 945 2.64 34.44 11.89
N VAL A 946 2.10 35.64 12.15
CA VAL A 946 1.20 35.82 13.29
C VAL A 946 -0.11 35.06 13.10
N GLN A 947 -0.81 35.31 11.98
CA GLN A 947 -2.05 34.57 11.75
C GLN A 947 -1.79 33.10 11.45
N GLN A 948 -0.59 32.75 11.00
CA GLN A 948 -0.26 31.34 10.84
C GLN A 948 -0.27 30.62 12.17
N PHE A 949 0.35 31.22 13.19
CA PHE A 949 0.49 30.56 14.49
C PHE A 949 -0.66 30.90 15.44
N TYR A 950 -0.82 32.17 15.79
CA TYR A 950 -1.73 32.59 16.86
C TYR A 950 -3.05 33.08 16.25
N GLN A 951 -3.80 32.11 15.72
CA GLN A 951 -5.10 32.42 15.11
C GLN A 951 -6.12 32.98 16.12
N PRO A 952 -6.34 32.39 17.30
CA PRO A 952 -7.48 32.86 18.11
C PRO A 952 -7.29 34.25 18.69
N LYS A 953 -6.06 34.66 19.00
CA LYS A 953 -5.78 35.92 19.67
C LYS A 953 -5.48 37.06 18.69
N ILE A 954 -6.02 36.99 17.47
CA ILE A 954 -5.74 38.02 16.47
C ILE A 954 -6.37 39.34 16.87
N GLN A 955 -7.56 39.31 17.47
CA GLN A 955 -8.22 40.53 17.91
C GLN A 955 -7.38 41.25 18.95
N GLN A 956 -6.90 40.53 19.96
CA GLN A 956 -6.06 41.15 20.97
C GLN A 956 -4.72 41.58 20.38
N PHE A 957 -4.19 40.82 19.42
CA PHE A 957 -2.96 41.21 18.75
C PHE A 957 -3.10 42.56 18.07
N LEU A 958 -4.15 42.73 17.27
CA LEU A 958 -4.34 43.98 16.56
C LEU A 958 -4.69 45.11 17.52
N ARG A 959 -5.43 44.81 18.60
CA ARG A 959 -5.73 45.85 19.58
C ARG A 959 -4.47 46.35 20.27
N ALA A 960 -3.58 45.42 20.64
CA ALA A 960 -2.32 45.82 21.26
C ALA A 960 -1.33 46.42 20.26
N LEU A 961 -1.54 46.18 18.96
CA LEU A 961 -0.64 46.75 17.95
C LEU A 961 -0.68 48.27 17.96
N ASP A 962 -1.87 48.85 18.08
CA ASP A 962 -2.03 50.29 18.07
C ASP A 962 -1.65 50.90 19.42
N VAL A 976 -13.81 46.87 19.13
CA VAL A 976 -14.65 46.87 17.94
C VAL A 976 -14.27 45.68 17.05
N SER A 977 -14.87 45.61 15.87
CA SER A 977 -14.58 44.54 14.94
C SER A 977 -13.15 44.65 14.42
N VAL A 978 -12.55 43.49 14.08
CA VAL A 978 -11.19 43.46 13.57
C VAL A 978 -11.12 44.08 12.19
N THR A 979 -12.24 44.12 11.45
CA THR A 979 -12.25 44.76 10.13
C THR A 979 -12.01 46.27 10.24
N GLN A 980 -12.77 46.92 11.12
CA GLN A 980 -12.57 48.35 11.36
C GLN A 980 -11.19 48.62 11.92
N ARG A 981 -10.66 47.70 12.73
CA ARG A 981 -9.32 47.87 13.28
C ARG A 981 -8.26 47.83 12.19
N THR A 982 -8.29 46.79 11.35
CA THR A 982 -7.27 46.64 10.32
C THR A 982 -7.45 47.63 9.18
N ALA A 983 -8.62 48.26 9.06
CA ALA A 983 -8.81 49.34 8.10
C ALA A 983 -7.76 50.42 8.26
N PHE A 984 -7.43 50.75 9.52
CA PHE A 984 -6.43 51.78 9.80
C PHE A 984 -5.07 51.39 9.23
N GLN A 985 -4.60 50.19 9.56
CA GLN A 985 -3.26 49.77 9.13
C GLN A 985 -3.18 49.62 7.63
N ILE A 986 -4.20 49.05 7.00
CA ILE A 986 -4.14 48.95 5.54
C ILE A 986 -4.21 50.34 4.91
N ARG A 987 -4.89 51.29 5.55
CA ARG A 987 -4.91 52.65 5.02
C ARG A 987 -3.53 53.29 5.07
N GLN A 988 -2.81 53.16 6.20
CA GLN A 988 -1.46 53.73 6.25
C GLN A 988 -0.51 53.05 5.27
N PHE A 989 -0.59 51.72 5.16
CA PHE A 989 0.26 51.02 4.21
C PHE A 989 -0.09 51.42 2.77
N GLN A 990 -1.37 51.62 2.50
CA GLN A 990 -1.79 52.08 1.18
C GLN A 990 -1.25 53.47 0.88
N ARG A 991 -1.30 54.38 1.86
CA ARG A 991 -0.76 55.71 1.64
C ARG A 991 0.74 55.66 1.39
N SER A 992 1.45 54.81 2.12
CA SER A 992 2.88 54.67 1.90
C SER A 992 3.17 54.11 0.51
N LEU A 993 2.38 53.13 0.06
CA LEU A 993 2.58 52.58 -1.28
C LEU A 993 2.30 53.63 -2.35
N LEU A 994 1.25 54.43 -2.15
CA LEU A 994 0.94 55.49 -3.12
C LEU A 994 2.05 56.52 -3.18
N ASN A 995 2.61 56.89 -2.03
CA ASN A 995 3.74 57.81 -2.02
C ASN A 995 4.95 57.22 -2.73
N LEU A 996 5.24 55.93 -2.48
CA LEU A 996 6.39 55.31 -3.10
C LEU A 996 6.23 55.20 -4.61
N LEU A 997 5.04 54.82 -5.08
CA LEU A 997 4.82 54.55 -6.49
C LEU A 997 4.65 55.83 -7.31
N SER A 998 4.34 56.96 -6.67
CA SER A 998 4.31 58.26 -7.33
C SER A 998 5.68 58.96 -7.31
N SER A 999 6.75 58.22 -7.07
CA SER A 999 8.09 58.80 -6.99
C SER A 999 8.67 58.97 -8.40
N GLN A 1000 9.97 59.23 -8.48
CA GLN A 1000 10.63 59.41 -9.76
C GLN A 1000 10.55 58.14 -10.61
N GLU A 1001 10.17 58.31 -11.88
CA GLU A 1001 9.93 57.18 -12.76
C GLU A 1001 11.22 56.46 -13.16
N GLU A 1002 12.37 57.13 -13.13
CA GLU A 1002 13.61 56.52 -13.58
C GLU A 1002 13.98 55.33 -12.72
N ASP A 1003 13.84 55.44 -11.40
CA ASP A 1003 14.14 54.35 -10.50
C ASP A 1003 13.27 54.48 -9.26
N PHE A 1004 13.08 53.35 -8.58
CA PHE A 1004 12.29 53.31 -7.36
C PHE A 1004 12.72 52.08 -6.56
N ASN A 1005 12.40 52.10 -5.26
CA ASN A 1005 12.79 51.01 -4.38
C ASN A 1005 11.94 49.79 -4.67
N SER A 1006 12.37 48.97 -5.63
CA SER A 1006 11.60 47.79 -6.01
C SER A 1006 11.48 46.80 -4.86
N LYS A 1007 12.56 46.63 -4.10
CA LYS A 1007 12.50 45.76 -2.93
C LYS A 1007 11.48 46.27 -1.91
N GLU A 1008 11.51 47.58 -1.64
CA GLU A 1008 10.55 48.17 -0.72
C GLU A 1008 9.12 48.01 -1.23
N ALA A 1009 8.91 48.23 -2.53
CA ALA A 1009 7.57 48.13 -3.09
C ALA A 1009 7.03 46.71 -3.00
N LEU A 1010 7.85 45.71 -3.36
CA LEU A 1010 7.36 44.34 -3.36
C LEU A 1010 7.20 43.82 -1.93
N LEU A 1011 8.07 44.24 -1.01
CA LEU A 1011 7.84 43.90 0.40
C LEU A 1011 6.54 44.51 0.89
N LEU A 1012 6.27 45.76 0.52
CA LEU A 1012 5.05 46.43 0.98
C LEU A 1012 3.81 45.77 0.42
N VAL A 1013 3.80 45.45 -0.87
CA VAL A 1013 2.62 44.82 -1.45
C VAL A 1013 2.47 43.39 -0.93
N THR A 1014 3.58 42.72 -0.57
CA THR A 1014 3.47 41.44 0.11
C THR A 1014 2.81 41.61 1.47
N VAL A 1015 3.15 42.68 2.18
CA VAL A 1015 2.51 42.96 3.46
C VAL A 1015 1.01 43.20 3.27
N LEU A 1016 0.65 43.95 2.22
CA LEU A 1016 -0.76 44.15 1.90
C LEU A 1016 -1.46 42.83 1.63
N THR A 1017 -0.83 41.96 0.84
CA THR A 1017 -1.44 40.67 0.54
C THR A 1017 -1.61 39.82 1.79
N SER A 1018 -0.60 39.82 2.67
CA SER A 1018 -0.69 39.03 3.89
C SER A 1018 -1.79 39.54 4.80
N LEU A 1019 -1.89 40.85 4.96
CA LEU A 1019 -2.90 41.41 5.86
C LEU A 1019 -4.30 41.43 5.24
N SER A 1020 -4.41 41.32 3.92
CA SER A 1020 -5.71 41.39 3.27
C SER A 1020 -6.58 40.18 3.61
N LYS A 1021 -5.97 39.01 3.79
CA LYS A 1021 -6.73 37.81 4.11
C LYS A 1021 -7.44 37.92 5.45
N LEU A 1022 -6.95 38.77 6.35
CA LEU A 1022 -7.63 38.99 7.62
C LEU A 1022 -9.01 39.63 7.44
N LEU A 1023 -9.18 40.44 6.41
CA LEU A 1023 -10.42 41.20 6.24
C LEU A 1023 -11.60 40.26 5.98
N GLU A 1024 -12.74 40.62 6.55
CA GLU A 1024 -13.98 39.93 6.22
C GLU A 1024 -14.39 40.33 4.80
N PRO A 1025 -14.65 39.37 3.89
CA PRO A 1025 -14.92 39.77 2.49
C PRO A 1025 -16.15 40.66 2.31
N SER A 1026 -17.20 40.46 3.09
CA SER A 1026 -18.45 41.18 2.86
C SER A 1026 -18.43 42.61 3.39
N SER A 1027 -17.42 43.00 4.16
CA SER A 1027 -17.40 44.34 4.73
C SER A 1027 -17.03 45.38 3.67
N PRO A 1028 -17.31 46.67 3.91
CA PRO A 1028 -16.90 47.69 2.94
C PRO A 1028 -15.38 47.84 2.79
N GLN A 1029 -14.61 47.37 3.77
CA GLN A 1029 -13.16 47.54 3.70
C GLN A 1029 -12.57 46.74 2.53
N PHE A 1030 -13.11 45.54 2.29
CA PHE A 1030 -12.70 44.76 1.13
C PHE A 1030 -13.02 45.50 -0.15
N VAL A 1031 -14.17 46.17 -0.21
CA VAL A 1031 -14.54 46.95 -1.39
C VAL A 1031 -13.56 48.10 -1.60
N GLN A 1032 -13.18 48.77 -0.50
CA GLN A 1032 -12.21 49.86 -0.59
C GLN A 1032 -10.87 49.36 -1.11
N MET A 1033 -10.39 48.23 -0.58
CA MET A 1033 -9.13 47.67 -1.04
C MET A 1033 -9.20 47.27 -2.51
N LEU A 1034 -10.31 46.66 -2.91
CA LEU A 1034 -10.49 46.27 -4.31
C LEU A 1034 -10.46 47.47 -5.23
N SER A 1035 -11.19 48.54 -4.86
CA SER A 1035 -11.21 49.74 -5.69
C SER A 1035 -9.84 50.39 -5.77
N TRP A 1036 -9.12 50.48 -4.65
CA TRP A 1036 -7.80 51.11 -4.68
C TRP A 1036 -6.81 50.29 -5.49
N THR A 1037 -6.86 48.96 -5.36
CA THR A 1037 -5.99 48.11 -6.19
C THR A 1037 -6.32 48.27 -7.67
N SER A 1038 -7.62 48.35 -8.00
CA SER A 1038 -8.00 48.59 -9.40
C SER A 1038 -7.46 49.92 -9.90
N LYS A 1039 -7.54 50.97 -9.08
CA LYS A 1039 -7.01 52.26 -9.47
C LYS A 1039 -5.50 52.20 -9.69
N ILE A 1040 -4.78 51.53 -8.80
CA ILE A 1040 -3.33 51.43 -8.92
C ILE A 1040 -2.96 50.67 -10.19
N CYS A 1041 -3.66 49.58 -10.47
CA CYS A 1041 -3.37 48.81 -11.68
C CYS A 1041 -3.68 49.62 -12.94
N LYS A 1042 -4.81 50.32 -12.96
CA LYS A 1042 -5.21 51.06 -14.15
C LYS A 1042 -4.39 52.31 -14.38
N GLU A 1043 -3.80 52.90 -13.34
CA GLU A 1043 -3.13 54.21 -13.45
C GLU A 1043 -1.62 54.11 -13.61
N ASN A 1044 -0.98 53.10 -13.02
CA ASN A 1044 0.48 53.05 -12.90
C ASN A 1044 1.06 52.00 -13.85
N SER A 1045 2.30 52.25 -14.28
CA SER A 1045 3.02 51.34 -15.17
C SER A 1045 4.51 51.53 -14.92
N ARG A 1046 5.11 50.62 -14.16
CA ARG A 1046 6.52 50.63 -13.84
C ARG A 1046 7.21 49.41 -14.44
N GLU A 1047 8.46 49.60 -14.85
CA GLU A 1047 9.24 48.57 -15.53
C GLU A 1047 9.83 47.64 -14.48
N ASP A 1048 9.05 46.66 -14.04
CA ASP A 1048 9.53 45.66 -13.09
C ASP A 1048 8.60 44.45 -13.15
N ALA A 1049 9.14 43.31 -13.58
CA ALA A 1049 8.32 42.11 -13.73
C ALA A 1049 7.80 41.62 -12.38
N LEU A 1050 8.67 41.56 -11.37
CA LEU A 1050 8.27 41.03 -10.07
C LEU A 1050 7.19 41.89 -9.43
N PHE A 1051 7.31 43.21 -9.56
CA PHE A 1051 6.32 44.12 -8.97
C PHE A 1051 4.96 43.90 -9.60
N CYS A 1052 4.91 43.81 -10.93
CA CYS A 1052 3.64 43.56 -11.62
C CYS A 1052 3.08 42.19 -11.26
N LYS A 1053 3.95 41.19 -11.13
CA LYS A 1053 3.48 39.86 -10.76
C LYS A 1053 2.86 39.86 -9.37
N SER A 1054 3.51 40.53 -8.41
CA SER A 1054 2.96 40.59 -7.06
C SER A 1054 1.66 41.36 -7.03
N LEU A 1055 1.57 42.48 -7.76
CA LEU A 1055 0.31 43.22 -7.81
C LEU A 1055 -0.79 42.39 -8.45
N MET A 1056 -0.48 41.66 -9.51
CA MET A 1056 -1.48 40.81 -10.15
C MET A 1056 -1.96 39.71 -9.21
N ASN A 1057 -1.03 39.08 -8.49
CA ASN A 1057 -1.42 38.05 -7.53
C ASN A 1057 -2.30 38.62 -6.44
N LEU A 1058 -1.96 39.81 -5.93
CA LEU A 1058 -2.79 40.47 -4.93
C LEU A 1058 -4.18 40.77 -5.49
N LEU A 1059 -4.25 41.30 -6.71
CA LEU A 1059 -5.53 41.67 -7.30
C LEU A 1059 -6.40 40.45 -7.51
N PHE A 1060 -5.83 39.35 -8.01
CA PHE A 1060 -6.62 38.16 -8.24
C PHE A 1060 -7.05 37.52 -6.93
N SER A 1061 -6.16 37.49 -5.93
CA SER A 1061 -6.52 36.92 -4.64
C SER A 1061 -7.64 37.69 -3.97
N LEU A 1062 -7.68 39.01 -4.16
CA LEU A 1062 -8.80 39.79 -3.67
C LEU A 1062 -10.06 39.55 -4.51
N HIS A 1063 -9.91 39.54 -5.83
CA HIS A 1063 -11.07 39.52 -6.71
C HIS A 1063 -11.82 38.20 -6.64
N VAL A 1064 -11.08 37.08 -6.57
CA VAL A 1064 -11.72 35.76 -6.50
C VAL A 1064 -12.57 35.66 -5.25
N SER A 1065 -12.10 36.25 -4.14
CA SER A 1065 -12.95 36.35 -2.96
C SER A 1065 -14.15 37.24 -3.22
N TYR A 1066 -13.95 38.36 -3.92
CA TYR A 1066 -15.06 39.29 -4.13
C TYR A 1066 -16.12 38.69 -5.07
N LYS A 1067 -15.71 38.15 -6.21
CA LYS A 1067 -16.62 37.54 -7.18
C LYS A 1067 -15.79 36.69 -8.13
N SER A 1068 -16.42 36.22 -9.20
CA SER A 1068 -15.69 35.46 -10.20
C SER A 1068 -14.76 36.41 -10.97
N PRO A 1069 -13.55 35.98 -11.33
CA PRO A 1069 -12.63 36.90 -11.99
C PRO A 1069 -12.83 37.02 -13.50
N VAL A 1070 -13.88 36.41 -14.05
CA VAL A 1070 -13.99 36.22 -15.49
C VAL A 1070 -14.11 37.55 -16.23
N ILE A 1071 -14.78 38.52 -15.64
CA ILE A 1071 -14.86 39.84 -16.27
C ILE A 1071 -13.47 40.47 -16.32
N LEU A 1072 -12.70 40.34 -15.24
CA LEU A 1072 -11.34 40.84 -15.24
C LEU A 1072 -10.48 40.09 -16.24
N LEU A 1073 -10.72 38.78 -16.39
CA LEU A 1073 -10.03 38.01 -17.43
C LEU A 1073 -10.29 38.59 -18.81
N ARG A 1074 -11.57 38.85 -19.11
CA ARG A 1074 -11.93 39.38 -20.42
C ARG A 1074 -11.33 40.77 -20.64
N ASP A 1075 -11.33 41.61 -19.59
CA ASP A 1075 -10.83 42.97 -19.75
C ASP A 1075 -9.31 42.99 -19.87
N LEU A 1076 -8.61 42.06 -19.22
CA LEU A 1076 -7.17 41.95 -19.40
C LEU A 1076 -6.82 41.30 -20.74
N SER A 1077 -7.71 40.49 -21.29
CA SER A 1077 -7.43 39.85 -22.56
C SER A 1077 -7.24 40.90 -23.67
N GLN A 1078 -8.11 41.91 -23.76
CA GLN A 1078 -7.94 42.93 -24.79
C GLN A 1078 -6.64 43.69 -24.60
N ASP A 1079 -6.24 43.93 -23.35
CA ASP A 1079 -5.02 44.67 -23.10
C ASP A 1079 -3.79 43.89 -23.52
N ILE A 1080 -3.74 42.59 -23.18
CA ILE A 1080 -2.58 41.79 -23.59
C ILE A 1080 -2.56 41.64 -25.10
N HIS A 1081 -3.73 41.50 -25.73
CA HIS A 1081 -3.78 41.38 -27.18
C HIS A 1081 -3.31 42.67 -27.85
N GLY A 1082 -3.70 43.82 -27.30
CA GLY A 1082 -3.27 45.08 -27.87
C GLY A 1082 -1.78 45.30 -27.72
N HIS A 1083 -1.23 44.99 -26.54
CA HIS A 1083 0.18 45.25 -26.31
C HIS A 1083 1.07 44.30 -27.12
N LEU A 1084 0.72 43.01 -27.17
CA LEU A 1084 1.63 42.05 -27.80
C LEU A 1084 1.63 42.20 -29.32
N GLY A 1085 0.48 41.96 -29.95
CA GLY A 1085 0.35 42.03 -31.39
C GLY A 1085 -0.61 40.98 -31.91
N ASP A 1086 -0.33 40.49 -33.11
CA ASP A 1086 -1.17 39.51 -33.77
C ASP A 1086 -0.31 38.64 -34.68
N ILE A 1087 -0.80 37.43 -34.94
CA ILE A 1087 -0.06 36.48 -35.78
C ILE A 1087 -0.30 36.71 -37.27
N ASP A 1088 -1.39 37.37 -37.65
CA ASP A 1088 -1.68 37.59 -39.06
C ASP A 1088 -0.80 38.66 -39.67
N GLN A 1089 -0.44 39.69 -38.90
CA GLN A 1089 0.24 40.89 -39.40
C GLN A 1089 -0.58 41.61 -40.47
N ASP A 1090 -1.91 41.45 -40.44
CA ASP A 1090 -2.83 42.19 -41.31
C ASP A 1090 -3.96 42.84 -40.54
N VAL A 1091 -4.02 42.67 -39.21
CA VAL A 1091 -5.03 43.27 -38.36
C VAL A 1091 -4.32 44.00 -37.22
N GLU A 1092 -4.74 45.23 -36.96
CA GLU A 1092 -4.15 46.09 -35.94
C GLU A 1092 -5.12 46.24 -34.78
N VAL A 1093 -4.64 45.99 -33.57
CA VAL A 1093 -5.45 46.04 -32.36
C VAL A 1093 -4.65 46.73 -31.26
N GLU A 1094 -5.29 47.63 -30.53
CA GLU A 1094 -4.66 48.27 -29.37
C GLU A 1094 -5.75 48.92 -28.53
N LYS A 1095 -5.89 48.48 -27.29
CA LYS A 1095 -6.78 49.12 -26.31
C LYS A 1095 -6.03 49.12 -24.98
N THR A 1096 -5.28 50.19 -24.73
CA THR A 1096 -4.41 50.26 -23.55
C THR A 1096 -5.13 50.74 -22.31
N ASN A 1097 -6.34 51.31 -22.42
CA ASN A 1097 -7.01 51.87 -21.26
C ASN A 1097 -7.57 50.83 -20.31
N HIS A 1098 -7.54 49.53 -20.67
CA HIS A 1098 -8.10 48.51 -19.79
C HIS A 1098 -7.32 48.40 -18.49
N PHE A 1099 -6.00 48.24 -18.58
CA PHE A 1099 -5.13 48.16 -17.41
C PHE A 1099 -3.75 48.64 -17.81
N ALA A 1100 -3.36 49.82 -17.31
CA ALA A 1100 -2.05 50.37 -17.65
C ALA A 1100 -0.90 49.56 -17.06
N ILE A 1101 -1.16 48.71 -16.06
CA ILE A 1101 -0.10 47.92 -15.46
C ILE A 1101 0.50 46.95 -16.47
N VAL A 1102 -0.28 46.51 -17.45
CA VAL A 1102 0.27 45.69 -18.53
C VAL A 1102 1.24 46.55 -19.33
N ASN A 1103 2.30 45.90 -19.84
CA ASN A 1103 3.33 46.60 -20.58
C ASN A 1103 4.00 45.64 -21.53
N LEU A 1104 4.43 46.17 -22.68
CA LEU A 1104 5.07 45.36 -23.70
C LEU A 1104 6.35 44.70 -23.19
N ARG A 1105 7.02 45.33 -22.22
CA ARG A 1105 8.23 44.77 -21.61
C ARG A 1105 7.95 43.69 -20.58
N THR A 1106 6.69 43.54 -20.12
CA THR A 1106 6.34 42.59 -19.07
C THR A 1106 5.07 41.80 -19.35
N ALA A 1107 4.37 42.06 -20.47
CA ALA A 1107 3.09 41.38 -20.70
C ALA A 1107 3.30 39.91 -21.05
N ALA A 1108 4.28 39.61 -21.92
CA ALA A 1108 4.38 38.24 -22.43
C ALA A 1108 4.87 37.26 -21.38
N PRO A 1109 6.09 37.40 -20.82
CA PRO A 1109 6.61 36.31 -19.99
C PRO A 1109 5.93 36.21 -18.63
N THR A 1110 5.63 37.34 -17.99
CA THR A 1110 5.19 37.37 -16.60
C THR A 1110 3.67 37.35 -16.45
N VAL A 1111 2.97 38.26 -17.12
CA VAL A 1111 1.53 38.38 -16.92
C VAL A 1111 0.80 37.16 -17.46
N CYS A 1112 1.27 36.61 -18.59
CA CYS A 1112 0.54 35.54 -19.25
C CYS A 1112 0.52 34.27 -18.41
N LEU A 1113 1.63 33.94 -17.75
CA LEU A 1113 1.64 32.76 -16.90
C LEU A 1113 0.65 32.90 -15.75
N LEU A 1114 0.61 34.08 -15.13
CA LEU A 1114 -0.31 34.32 -14.01
C LEU A 1114 -1.76 34.22 -14.46
N VAL A 1115 -2.10 34.89 -15.56
CA VAL A 1115 -3.49 34.90 -16.00
C VAL A 1115 -3.91 33.50 -16.47
N LEU A 1116 -3.00 32.75 -17.10
CA LEU A 1116 -3.31 31.37 -17.47
C LEU A 1116 -3.53 30.49 -16.24
N SER A 1117 -2.72 30.69 -15.20
CA SER A 1117 -2.91 29.90 -13.97
C SER A 1117 -4.26 30.20 -13.34
N GLN A 1118 -4.65 31.48 -13.31
CA GLN A 1118 -5.97 31.81 -12.77
C GLN A 1118 -7.09 31.22 -13.63
N ALA A 1119 -6.90 31.25 -14.95
CA ALA A 1119 -7.84 30.59 -15.85
C ALA A 1119 -7.97 29.11 -15.51
N GLU A 1120 -6.84 28.45 -15.28
CA GLU A 1120 -6.87 27.03 -14.94
C GLU A 1120 -7.58 26.79 -13.63
N LYS A 1121 -7.43 27.70 -12.67
CA LYS A 1121 -8.14 27.59 -11.40
C LYS A 1121 -9.66 27.64 -11.62
N VAL A 1122 -10.12 28.59 -12.44
CA VAL A 1122 -11.57 28.67 -12.64
C VAL A 1122 -12.08 27.47 -13.44
N LEU A 1123 -11.30 26.94 -14.39
CA LEU A 1123 -11.70 25.68 -15.01
C LEU A 1123 -11.74 24.53 -14.02
N GLU A 1124 -10.84 24.52 -13.03
CA GLU A 1124 -10.90 23.47 -12.02
C GLU A 1124 -12.20 23.55 -11.24
N GLU A 1125 -12.59 24.77 -10.86
CA GLU A 1125 -13.89 24.99 -10.24
C GLU A 1125 -15.02 24.50 -11.14
N VAL A 1126 -14.93 24.81 -12.43
CA VAL A 1126 -15.98 24.46 -13.37
C VAL A 1126 -16.14 22.95 -13.48
N ASP A 1127 -15.02 22.23 -13.65
CA ASP A 1127 -15.12 20.79 -13.83
C ASP A 1127 -15.53 20.09 -12.54
N TRP A 1128 -15.15 20.63 -11.38
CA TRP A 1128 -15.71 20.11 -10.13
C TRP A 1128 -17.21 20.28 -10.09
N LEU A 1129 -17.70 21.46 -10.48
CA LEU A 1129 -19.14 21.71 -10.40
C LEU A 1129 -19.91 20.83 -11.37
N ILE A 1130 -19.41 20.68 -12.61
CA ILE A 1130 -20.14 19.85 -13.57
C ILE A 1130 -20.04 18.38 -13.18
N THR A 1131 -18.95 17.97 -12.52
CA THR A 1131 -18.89 16.63 -11.97
C THR A 1131 -19.96 16.42 -10.92
N LYS A 1132 -20.20 17.41 -10.06
CA LYS A 1132 -21.30 17.29 -9.10
C LYS A 1132 -22.65 17.27 -9.81
N LEU A 1133 -22.79 17.99 -10.92
CA LEU A 1133 -24.03 17.90 -11.70
C LEU A 1133 -24.24 16.49 -12.25
N LYS A 1134 -23.17 15.87 -12.77
CA LYS A 1134 -23.29 14.48 -13.22
C LYS A 1134 -23.63 13.56 -12.06
N GLY A 1135 -23.07 13.84 -10.88
CA GLY A 1135 -23.39 13.04 -9.72
C GLY A 1135 -24.85 13.13 -9.32
N GLN A 1136 -25.41 14.35 -9.30
CA GLN A 1136 -26.82 14.49 -8.96
C GLN A 1136 -27.71 13.97 -10.07
N VAL A 1137 -27.22 13.94 -11.32
CA VAL A 1137 -27.93 13.26 -12.39
C VAL A 1137 -28.01 11.77 -12.08
N SER A 1138 -26.89 11.19 -11.65
CA SER A 1138 -26.91 9.78 -11.25
C SER A 1138 -27.82 9.55 -10.06
N GLN A 1139 -27.91 10.52 -9.15
CA GLN A 1139 -28.85 10.42 -8.04
C GLN A 1139 -30.29 10.40 -8.54
N GLU A 1140 -30.60 11.23 -9.53
CA GLU A 1140 -31.94 11.27 -10.11
C GLU A 1140 -31.91 11.94 -11.48
N LEU A 1152 -36.43 22.01 -10.33
CA LEU A 1152 -35.29 22.07 -11.25
C LEU A 1152 -34.39 23.25 -10.93
N PRO A 1153 -33.73 23.24 -9.77
CA PRO A 1153 -32.85 24.35 -9.40
C PRO A 1153 -31.56 24.44 -10.21
N ASN A 1154 -31.22 23.40 -10.97
CA ASN A 1154 -29.96 23.38 -11.70
C ASN A 1154 -29.94 24.30 -12.92
N GLN A 1155 -31.09 24.86 -13.32
CA GLN A 1155 -31.11 25.74 -14.48
C GLN A 1155 -30.29 27.02 -14.29
N PRO A 1156 -30.45 27.79 -13.20
CA PRO A 1156 -29.55 28.94 -13.01
C PRO A 1156 -28.08 28.55 -12.88
N VAL A 1157 -27.79 27.41 -12.27
CA VAL A 1157 -26.41 26.94 -12.19
C VAL A 1157 -25.86 26.68 -13.59
N GLU A 1158 -26.66 26.04 -14.43
CA GLU A 1158 -26.27 25.77 -15.81
C GLU A 1158 -26.07 27.07 -16.58
N LYS A 1159 -26.94 28.06 -16.35
CA LYS A 1159 -26.80 29.35 -17.02
C LYS A 1159 -25.51 30.04 -16.60
N ALA A 1160 -25.17 29.96 -15.31
CA ALA A 1160 -23.90 30.52 -14.83
C ALA A 1160 -22.71 29.82 -15.48
N ILE A 1161 -22.79 28.49 -15.60
CA ILE A 1161 -21.72 27.74 -16.27
C ILE A 1161 -21.54 28.21 -17.70
N ILE A 1162 -22.66 28.33 -18.43
CA ILE A 1162 -22.59 28.69 -19.84
C ILE A 1162 -22.06 30.11 -20.00
N MET A 1163 -22.47 31.04 -19.12
CA MET A 1163 -21.95 32.39 -19.19
C MET A 1163 -20.44 32.41 -18.92
N GLN A 1164 -19.99 31.66 -17.91
CA GLN A 1164 -18.57 31.64 -17.59
C GLN A 1164 -17.75 31.08 -18.75
N LEU A 1165 -18.22 29.98 -19.34
CA LEU A 1165 -17.51 29.44 -20.51
C LEU A 1165 -17.55 30.42 -21.67
N GLY A 1166 -18.66 31.12 -21.87
CA GLY A 1166 -18.73 32.06 -22.98
C GLY A 1166 -17.73 33.19 -22.85
N THR A 1167 -17.66 33.80 -21.67
CA THR A 1167 -16.69 34.89 -21.49
C THR A 1167 -15.26 34.38 -21.53
N LEU A 1168 -14.99 33.18 -20.98
CA LEU A 1168 -13.62 32.68 -21.02
C LEU A 1168 -13.25 32.25 -22.44
N LEU A 1169 -14.21 31.78 -23.22
CA LEU A 1169 -13.98 31.54 -24.64
C LEU A 1169 -13.64 32.85 -25.35
N THR A 1170 -14.31 33.95 -24.97
CA THR A 1170 -13.94 35.24 -25.54
C THR A 1170 -12.51 35.62 -25.16
N PHE A 1171 -12.12 35.33 -23.92
CA PHE A 1171 -10.75 35.59 -23.47
C PHE A 1171 -9.75 34.79 -24.30
N PHE A 1172 -10.05 33.51 -24.54
CA PHE A 1172 -9.22 32.68 -25.40
C PHE A 1172 -9.16 33.24 -26.81
N HIS A 1173 -10.31 33.61 -27.36
CA HIS A 1173 -10.38 34.12 -28.72
C HIS A 1173 -9.58 35.40 -28.88
N GLU A 1174 -9.53 36.23 -27.83
CA GLU A 1174 -8.73 37.44 -27.89
C GLU A 1174 -7.24 37.13 -27.84
N LEU A 1175 -6.83 36.20 -26.96
CA LEU A 1175 -5.39 35.98 -26.80
C LEU A 1175 -4.80 35.14 -27.92
N VAL A 1176 -5.59 34.22 -28.52
CA VAL A 1176 -5.02 33.16 -29.35
C VAL A 1176 -4.36 33.72 -30.61
N GLN A 1177 -4.79 34.88 -31.09
CA GLN A 1177 -4.07 35.49 -32.21
C GLN A 1177 -2.70 36.03 -31.82
N THR A 1178 -2.42 36.17 -30.53
CA THR A 1178 -1.18 36.82 -30.14
C THR A 1178 0.07 36.02 -30.33
N ALA A 1179 1.14 36.68 -30.74
CA ALA A 1179 2.42 36.03 -31.02
C ALA A 1179 3.24 35.98 -29.73
N LEU A 1180 2.91 35.00 -28.90
CA LEU A 1180 3.63 34.84 -27.64
C LEU A 1180 5.06 34.37 -27.91
N PRO A 1181 5.99 34.59 -26.96
CA PRO A 1181 7.34 34.04 -27.14
C PRO A 1181 7.33 32.53 -27.05
N SER A 1182 8.22 31.91 -27.81
CA SER A 1182 8.40 30.47 -27.72
C SER A 1182 9.05 30.09 -26.40
N GLY A 1183 8.45 29.13 -25.70
CA GLY A 1183 9.00 28.69 -24.43
C GLY A 1183 7.99 27.97 -23.57
N SER A 1184 8.00 28.25 -22.27
CA SER A 1184 7.06 27.61 -21.36
C SER A 1184 5.66 28.20 -21.49
N CYS A 1185 5.55 29.47 -21.90
CA CYS A 1185 4.27 30.15 -21.94
C CYS A 1185 3.32 29.49 -22.95
N VAL A 1186 3.82 29.19 -24.14
CA VAL A 1186 2.99 28.52 -25.15
C VAL A 1186 2.61 27.12 -24.66
N ASP A 1187 3.50 26.45 -23.94
CA ASP A 1187 3.18 25.13 -23.41
C ASP A 1187 2.04 25.21 -22.40
N THR A 1188 2.09 26.19 -21.50
CA THR A 1188 0.98 26.39 -20.56
C THR A 1188 -0.30 26.73 -21.30
N LEU A 1189 -0.21 27.53 -22.36
CA LEU A 1189 -1.39 27.85 -23.15
C LEU A 1189 -2.00 26.62 -23.79
N LEU A 1190 -1.16 25.74 -24.35
CA LEU A 1190 -1.66 24.53 -24.97
C LEU A 1190 -2.30 23.61 -23.94
N LYS A 1191 -1.67 23.46 -22.77
CA LYS A 1191 -2.23 22.62 -21.72
C LYS A 1191 -3.57 23.18 -21.24
N ASP A 1192 -3.66 24.50 -21.11
CA ASP A 1192 -4.90 25.09 -20.63
C ASP A 1192 -6.00 25.02 -21.68
N LEU A 1193 -5.63 25.09 -22.97
CA LEU A 1193 -6.59 24.81 -24.04
C LEU A 1193 -7.13 23.40 -23.95
N CYS A 1194 -6.24 22.42 -23.70
CA CYS A 1194 -6.68 21.04 -23.52
C CYS A 1194 -7.65 20.94 -22.36
N LYS A 1195 -7.34 21.64 -21.26
CA LYS A 1195 -8.24 21.64 -20.10
C LYS A 1195 -9.61 22.22 -20.47
N MET A 1196 -9.62 23.31 -21.24
CA MET A 1196 -10.88 23.94 -21.63
C MET A 1196 -11.72 23.00 -22.48
N TYR A 1197 -11.11 22.39 -23.50
CA TYR A 1197 -11.91 21.53 -24.37
C TYR A 1197 -12.34 20.25 -23.65
N THR A 1198 -11.55 19.76 -22.70
CA THR A 1198 -12.00 18.62 -21.91
C THR A 1198 -13.19 19.00 -21.03
N THR A 1199 -13.20 20.21 -20.47
CA THR A 1199 -14.37 20.63 -19.71
C THR A 1199 -15.60 20.77 -20.60
N LEU A 1200 -15.41 21.25 -21.83
CA LEU A 1200 -16.53 21.29 -22.77
C LEU A 1200 -17.05 19.89 -23.10
N THR A 1201 -16.13 18.92 -23.26
CA THR A 1201 -16.57 17.55 -23.52
C THR A 1201 -17.35 17.01 -22.33
N ALA A 1202 -16.92 17.33 -21.12
CA ALA A 1202 -17.67 16.93 -19.93
C ALA A 1202 -19.05 17.57 -19.91
N LEU A 1203 -19.14 18.83 -20.36
CA LEU A 1203 -20.42 19.52 -20.38
C LEU A 1203 -21.40 18.84 -21.35
N VAL A 1204 -20.95 18.55 -22.57
CA VAL A 1204 -21.85 17.87 -23.50
C VAL A 1204 -22.13 16.44 -23.04
N ARG A 1205 -21.19 15.80 -22.34
CA ARG A 1205 -21.47 14.50 -21.75
C ARG A 1205 -22.60 14.59 -20.73
N TYR A 1206 -22.58 15.64 -19.90
CA TYR A 1206 -23.69 15.85 -18.97
C TYR A 1206 -24.99 16.07 -19.71
N TYR A 1207 -24.94 16.79 -20.83
CA TYR A 1207 -26.17 17.01 -21.59
C TYR A 1207 -26.70 15.72 -22.20
N LEU A 1208 -25.80 14.81 -22.59
CA LEU A 1208 -26.23 13.56 -23.22
C LEU A 1208 -27.14 12.75 -22.30
N GLN A 1209 -26.84 12.74 -21.00
CA GLN A 1209 -27.63 11.94 -20.07
C GLN A 1209 -29.03 12.53 -19.88
N VAL A 1210 -29.13 13.86 -19.80
CA VAL A 1210 -30.39 14.49 -19.42
C VAL A 1210 -31.29 14.76 -20.62
N CYS A 1211 -30.74 15.21 -21.76
CA CYS A 1211 -31.59 15.52 -22.91
C CYS A 1211 -32.15 14.26 -23.54
N GLN A 1212 -31.41 13.15 -23.47
CA GLN A 1212 -31.94 11.88 -23.97
C GLN A 1212 -33.18 11.46 -23.21
N SER A 1213 -33.15 11.60 -21.88
CA SER A 1213 -34.35 11.34 -21.09
C SER A 1213 -35.45 12.34 -21.41
N SER A 1214 -35.09 13.62 -21.52
CA SER A 1214 -36.09 14.65 -21.79
C SER A 1214 -36.64 14.56 -23.21
N GLY A 1215 -35.81 14.13 -24.17
CA GLY A 1215 -36.20 14.12 -25.57
C GLY A 1215 -36.06 15.45 -26.28
N GLY A 1216 -35.57 16.49 -25.61
CA GLY A 1216 -35.39 17.79 -26.21
C GLY A 1216 -34.21 18.49 -25.58
N ILE A 1217 -33.90 19.67 -26.12
CA ILE A 1217 -32.72 20.44 -25.74
C ILE A 1217 -33.12 21.90 -25.53
N PRO A 1218 -32.62 22.63 -24.49
CA PRO A 1218 -32.86 24.08 -24.45
C PRO A 1218 -32.01 24.84 -25.46
N LYS A 1219 -32.02 26.18 -25.39
CA LYS A 1219 -31.43 27.04 -26.42
C LYS A 1219 -30.10 27.67 -26.02
N ASN A 1220 -29.60 27.44 -24.81
CA ASN A 1220 -28.38 28.10 -24.35
C ASN A 1220 -27.15 27.47 -24.93
N MET A 1221 -26.99 26.17 -24.73
CA MET A 1221 -25.78 25.48 -25.18
C MET A 1221 -25.63 25.56 -26.69
N GLU A 1222 -26.74 25.69 -27.43
CA GLU A 1222 -26.64 25.89 -28.87
C GLU A 1222 -25.90 27.18 -29.18
N LYS A 1223 -26.24 28.26 -28.47
CA LYS A 1223 -25.52 29.52 -28.64
C LYS A 1223 -24.06 29.37 -28.23
N LEU A 1224 -23.81 28.64 -27.13
CA LEU A 1224 -22.43 28.43 -26.71
C LEU A 1224 -21.64 27.66 -27.77
N VAL A 1225 -22.25 26.62 -28.35
CA VAL A 1225 -21.55 25.81 -29.34
C VAL A 1225 -21.29 26.63 -30.60
N LYS A 1226 -22.28 27.43 -31.03
CA LYS A 1226 -22.09 28.19 -32.25
C LYS A 1226 -21.05 29.29 -32.06
N LEU A 1227 -21.04 29.96 -30.90
CA LEU A 1227 -20.03 30.98 -30.70
C LEU A 1227 -18.64 30.36 -30.53
N SER A 1228 -18.57 29.16 -29.92
CA SER A 1228 -17.29 28.47 -29.84
C SER A 1228 -16.77 28.12 -31.22
N GLY A 1229 -17.65 27.59 -32.08
CA GLY A 1229 -17.23 27.23 -33.43
C GLY A 1229 -16.83 28.43 -34.26
N SER A 1230 -17.53 29.56 -34.09
CA SER A 1230 -17.18 30.75 -34.85
C SER A 1230 -15.88 31.37 -34.33
N HIS A 1231 -15.68 31.37 -33.02
CA HIS A 1231 -14.54 32.08 -32.44
C HIS A 1231 -13.27 31.24 -32.47
N LEU A 1232 -13.26 30.10 -31.77
CA LEU A 1232 -12.02 29.47 -31.33
C LEU A 1232 -11.62 28.24 -32.15
N THR A 1233 -12.57 27.57 -32.82
CA THR A 1233 -12.26 26.26 -33.38
C THR A 1233 -11.26 26.35 -34.53
N PRO A 1234 -11.54 27.04 -35.65
CA PRO A 1234 -10.49 27.19 -36.67
C PRO A 1234 -9.31 28.01 -36.18
N LEU A 1235 -9.55 28.93 -35.25
CA LEU A 1235 -8.47 29.75 -34.71
C LEU A 1235 -7.45 28.90 -33.97
N CYS A 1236 -7.88 27.81 -33.34
CA CYS A 1236 -6.93 26.89 -32.73
C CYS A 1236 -6.00 26.29 -33.77
N TYR A 1237 -6.54 25.87 -34.91
CA TYR A 1237 -5.71 25.26 -35.94
C TYR A 1237 -4.75 26.28 -36.52
N SER A 1238 -5.22 27.51 -36.74
CA SER A 1238 -4.34 28.57 -37.24
C SER A 1238 -3.22 28.87 -36.25
N PHE A 1239 -3.54 28.91 -34.95
CA PHE A 1239 -2.53 29.20 -33.95
C PHE A 1239 -1.53 28.07 -33.83
N ILE A 1240 -1.98 26.82 -33.98
CA ILE A 1240 -1.07 25.68 -33.95
C ILE A 1240 -0.11 25.75 -35.13
N SER A 1241 -0.65 26.11 -36.32
CA SER A 1241 0.20 26.30 -37.49
C SER A 1241 1.21 27.41 -37.25
N TYR A 1242 0.79 28.50 -36.61
CA TYR A 1242 1.73 29.56 -36.27
C TYR A 1242 2.80 29.05 -35.31
N VAL A 1243 2.42 28.23 -34.34
CA VAL A 1243 3.35 27.75 -33.32
C VAL A 1243 4.47 26.95 -33.97
N GLN A 1244 4.12 26.11 -34.92
CA GLN A 1244 5.16 25.36 -35.61
C GLN A 1244 5.91 26.27 -36.59
N ASN A 1245 5.23 27.30 -37.14
CA ASN A 1245 5.89 28.13 -38.11
C ASN A 1245 6.90 29.07 -37.42
N LYS A 1246 6.67 29.46 -36.16
CA LYS A 1246 7.59 30.35 -35.46
C LYS A 1246 8.87 29.59 -35.16
N SER A 1247 9.88 29.80 -35.99
CA SER A 1247 11.14 29.09 -35.85
C SER A 1247 12.04 29.80 -34.83
N LYS A 1248 13.11 29.11 -34.45
CA LYS A 1248 14.05 29.63 -33.46
C LYS A 1248 14.79 30.85 -34.01
N ALA A 1264 21.92 13.83 -26.05
CA ALA A 1264 20.97 13.06 -25.27
C ALA A 1264 20.16 13.97 -24.34
N THR A 1265 20.84 14.99 -23.80
CA THR A 1265 20.15 15.94 -22.92
C THR A 1265 19.07 16.70 -23.69
N ALA A 1266 19.37 17.13 -24.91
CA ALA A 1266 18.37 17.80 -25.72
C ALA A 1266 17.23 16.88 -26.13
N MET A 1267 17.46 15.57 -26.17
CA MET A 1267 16.40 14.64 -26.51
C MET A 1267 15.26 14.68 -25.50
N ALA A 1268 15.60 14.86 -24.22
CA ALA A 1268 14.56 14.95 -23.19
C ALA A 1268 13.66 16.17 -23.43
N ARG A 1269 14.25 17.32 -23.73
CA ARG A 1269 13.46 18.52 -24.01
C ARG A 1269 12.64 18.34 -25.29
N VAL A 1270 13.23 17.72 -26.32
CA VAL A 1270 12.54 17.55 -27.59
C VAL A 1270 11.33 16.64 -27.41
N LEU A 1271 11.48 15.57 -26.62
CA LEU A 1271 10.34 14.68 -26.36
C LEU A 1271 9.34 15.31 -25.42
N ARG A 1272 9.80 16.18 -24.50
CA ARG A 1272 8.88 16.88 -23.62
C ARG A 1272 7.98 17.83 -24.42
N GLU A 1273 8.54 18.53 -25.40
CA GLU A 1273 7.80 19.52 -26.17
C GLU A 1273 7.09 18.92 -27.39
N THR A 1274 6.82 17.61 -27.38
CA THR A 1274 6.17 16.92 -28.49
C THR A 1274 4.69 16.60 -28.25
N LYS A 1275 4.26 16.54 -26.99
CA LYS A 1275 2.92 16.09 -26.60
C LYS A 1275 1.79 17.09 -26.78
N PRO A 1276 1.90 18.33 -26.25
CA PRO A 1276 0.69 19.17 -26.14
C PRO A 1276 0.02 19.56 -27.45
N ILE A 1277 0.79 19.70 -28.53
CA ILE A 1277 0.20 20.12 -29.80
C ILE A 1277 -0.70 18.99 -30.32
N PRO A 1278 -0.28 17.72 -30.33
CA PRO A 1278 -1.26 16.65 -30.57
C PRO A 1278 -2.38 16.59 -29.56
N ASN A 1279 -2.07 16.87 -28.30
CA ASN A 1279 -3.07 16.72 -27.27
C ASN A 1279 -4.21 17.69 -27.49
N LEU A 1280 -3.93 18.88 -27.98
CA LEU A 1280 -4.97 19.89 -28.24
C LEU A 1280 -5.97 19.38 -29.26
N ILE A 1281 -5.49 18.83 -30.38
CA ILE A 1281 -6.41 18.33 -31.39
C ILE A 1281 -7.13 17.09 -30.89
N PHE A 1282 -6.48 16.30 -30.02
CA PHE A 1282 -7.19 15.17 -29.43
C PHE A 1282 -8.37 15.65 -28.60
N ALA A 1283 -8.18 16.71 -27.81
CA ALA A 1283 -9.28 17.27 -27.04
C ALA A 1283 -10.36 17.82 -27.96
N ILE A 1284 -9.96 18.53 -29.03
CA ILE A 1284 -10.92 19.16 -29.92
C ILE A 1284 -11.76 18.12 -30.63
N GLU A 1285 -11.11 17.03 -31.05
CA GLU A 1285 -11.80 15.97 -31.77
C GLU A 1285 -12.66 15.21 -30.81
N GLN A 1286 -12.21 15.01 -29.58
CA GLN A 1286 -13.08 14.42 -28.56
C GLN A 1286 -14.37 15.22 -28.42
N TYR A 1287 -14.24 16.55 -28.41
CA TYR A 1287 -15.42 17.40 -28.38
C TYR A 1287 -16.28 17.19 -29.63
N GLU A 1288 -15.63 17.05 -30.79
CA GLU A 1288 -16.37 16.79 -32.02
C GLU A 1288 -17.16 15.49 -31.94
N LYS A 1289 -16.52 14.42 -31.46
CA LYS A 1289 -17.19 13.14 -31.32
C LYS A 1289 -18.37 13.23 -30.36
N PHE A 1290 -18.17 13.90 -29.22
CA PHE A 1290 -19.24 13.94 -28.23
C PHE A 1290 -20.40 14.79 -28.70
N LEU A 1291 -20.13 15.91 -29.39
CA LEU A 1291 -21.25 16.70 -29.91
C LEU A 1291 -21.92 15.99 -31.09
N ILE A 1292 -21.19 15.15 -31.82
CA ILE A 1292 -21.84 14.31 -32.83
C ILE A 1292 -22.82 13.36 -32.17
N HIS A 1293 -22.39 12.73 -31.07
CA HIS A 1293 -23.29 11.86 -30.32
C HIS A 1293 -24.49 12.62 -29.78
N LEU A 1294 -24.25 13.85 -29.31
CA LEU A 1294 -25.34 14.68 -28.82
C LEU A 1294 -26.34 15.01 -29.93
N SER A 1295 -25.83 15.30 -31.13
CA SER A 1295 -26.72 15.56 -32.26
C SER A 1295 -27.51 14.31 -32.62
N LYS A 1296 -26.88 13.15 -32.54
CA LYS A 1296 -27.58 11.90 -32.83
C LYS A 1296 -28.70 11.66 -31.82
N LYS A 1297 -28.43 11.88 -30.54
CA LYS A 1297 -29.38 11.59 -29.47
C LYS A 1297 -30.28 12.76 -29.10
N SER A 1298 -30.19 13.90 -29.79
CA SER A 1298 -31.13 15.01 -29.54
C SER A 1298 -31.85 15.53 -30.79
N LYS A 1299 -31.59 14.97 -31.96
CA LYS A 1299 -32.33 15.34 -33.17
C LYS A 1299 -32.15 16.81 -33.53
N VAL A 1300 -30.99 17.39 -33.22
CA VAL A 1300 -30.59 18.70 -33.69
C VAL A 1300 -29.18 18.58 -34.24
N ASN A 1301 -28.97 19.01 -35.50
CA ASN A 1301 -27.66 18.86 -36.20
C ASN A 1301 -26.67 19.95 -35.82
N LEU A 1302 -26.18 19.92 -34.60
CA LEU A 1302 -25.27 20.95 -34.11
C LEU A 1302 -23.98 21.00 -34.92
N MET A 1303 -23.65 19.95 -35.67
CA MET A 1303 -22.42 19.96 -36.47
C MET A 1303 -22.44 21.04 -37.55
N GLN A 1304 -23.62 21.48 -37.98
CA GLN A 1304 -23.68 22.52 -39.01
C GLN A 1304 -23.07 23.83 -38.52
N HIS A 1305 -23.12 24.09 -37.21
CA HIS A 1305 -22.50 25.30 -36.67
C HIS A 1305 -20.99 25.28 -36.86
N MET A 1306 -20.37 24.13 -36.62
CA MET A 1306 -18.92 24.01 -36.64
C MET A 1306 -18.41 23.59 -38.03
N LYS A 1307 -17.23 24.07 -38.37
CA LYS A 1307 -16.61 23.79 -39.65
C LYS A 1307 -15.81 22.49 -39.59
N LEU A 1308 -15.39 22.02 -40.77
CA LEU A 1308 -14.63 20.78 -40.85
C LEU A 1308 -13.26 20.94 -40.21
N SER A 1309 -12.75 19.83 -39.68
CA SER A 1309 -11.48 19.84 -38.97
C SER A 1309 -10.34 20.04 -39.96
N THR A 1310 -9.85 21.26 -40.05
CA THR A 1310 -8.64 21.53 -40.82
C THR A 1310 -7.47 20.76 -40.20
N SER A 1311 -6.66 20.14 -41.06
CA SER A 1311 -5.54 19.31 -40.65
C SER A 1311 -4.31 19.67 -41.46
N ARG A 1312 -3.15 19.52 -40.82
CA ARG A 1312 -1.92 19.94 -41.43
C ARG A 1312 -1.06 18.86 -41.99
N ASP A 1313 -0.17 19.22 -42.92
CA ASP A 1313 0.82 18.29 -43.46
C ASP A 1313 2.17 19.01 -43.50
N PHE A 1314 3.21 18.26 -43.19
CA PHE A 1314 4.55 18.83 -43.05
C PHE A 1314 5.24 18.92 -44.40
N LYS A 1315 6.21 19.83 -44.47
CA LYS A 1315 7.03 20.05 -45.64
C LYS A 1315 8.46 20.29 -45.20
N ILE A 1316 9.40 19.90 -46.06
CA ILE A 1316 10.83 20.04 -45.81
C ILE A 1316 11.41 20.91 -46.92
N LYS A 1317 12.15 21.94 -46.52
CA LYS A 1317 12.80 22.83 -47.47
C LYS A 1317 14.15 22.23 -47.85
N GLY A 1318 14.26 21.75 -49.09
CA GLY A 1318 15.48 21.08 -49.51
C GLY A 1318 16.69 21.99 -49.55
N ASN A 1319 16.48 23.27 -49.82
CA ASN A 1319 17.59 24.20 -49.91
C ASN A 1319 18.29 24.36 -48.56
N ILE A 1320 17.52 24.41 -47.47
CA ILE A 1320 18.12 24.53 -46.15
C ILE A 1320 18.88 23.26 -45.79
N LEU A 1321 18.36 22.10 -46.18
CA LEU A 1321 19.09 20.86 -45.97
C LEU A 1321 20.40 20.85 -46.74
N ASP A 1322 20.38 21.33 -47.98
CA ASP A 1322 21.61 21.41 -48.77
C ASP A 1322 22.62 22.34 -48.12
N MET A 1323 22.17 23.51 -47.65
CA MET A 1323 23.08 24.46 -47.04
C MET A 1323 23.67 23.93 -45.74
N VAL A 1324 22.83 23.37 -44.86
CA VAL A 1324 23.31 22.91 -43.56
C VAL A 1324 24.21 21.70 -43.73
N LEU A 1325 23.90 20.81 -44.69
CA LEU A 1325 24.78 19.66 -44.91
C LEU A 1325 26.08 20.07 -45.57
N ARG A 1326 26.06 21.09 -46.44
CA ARG A 1326 27.28 21.57 -47.06
C ARG A 1326 28.21 22.19 -46.03
N GLU A 1327 27.67 23.07 -45.18
CA GLU A 1327 28.53 23.70 -44.17
C GLU A 1327 28.94 22.71 -43.10
N ASP A 1328 28.10 21.72 -42.79
CA ASP A 1328 28.51 20.66 -41.86
C ASP A 1328 29.64 19.83 -42.45
N GLY A 1329 29.57 19.52 -43.74
CA GLY A 1329 30.58 18.72 -44.40
C GLY A 1329 31.92 19.42 -44.48
N SER B 63 44.35 6.83 63.30
CA SER B 63 43.33 7.30 64.22
C SER B 63 42.66 8.57 63.67
N ILE B 64 43.45 9.44 63.05
CA ILE B 64 42.90 10.67 62.49
C ILE B 64 41.93 10.35 61.36
N PHE B 65 42.18 9.29 60.59
CA PHE B 65 41.23 8.85 59.59
C PHE B 65 39.92 8.42 60.23
N VAL B 66 40.01 7.61 61.28
CA VAL B 66 38.81 7.15 61.97
C VAL B 66 38.12 8.32 62.67
N LYS B 67 38.90 9.25 63.22
CA LYS B 67 38.32 10.40 63.89
C LYS B 67 37.54 11.27 62.92
N LEU B 68 38.12 11.57 61.75
CA LEU B 68 37.41 12.35 60.74
C LEU B 68 36.21 11.58 60.21
N LEU B 69 36.33 10.26 60.06
CA LEU B 69 35.23 9.46 59.55
C LEU B 69 34.04 9.47 60.51
N LYS B 70 34.30 9.28 61.80
CA LYS B 70 33.21 9.28 62.77
C LYS B 70 32.67 10.69 62.99
N ILE B 71 33.52 11.71 62.85
CA ILE B 71 33.02 13.09 62.90
C ILE B 71 32.11 13.35 61.72
N SER B 72 32.38 12.72 60.57
CA SER B 72 31.56 12.90 59.39
C SER B 72 30.17 12.26 59.51
N GLY B 73 29.91 11.47 60.55
CA GLY B 73 28.59 10.98 60.86
C GLY B 73 28.32 9.55 60.46
N ILE B 74 29.13 8.98 59.56
CA ILE B 74 29.00 7.56 59.23
C ILE B 74 29.52 6.75 60.41
N ILE B 75 28.69 5.82 60.91
CA ILE B 75 29.07 4.96 62.02
C ILE B 75 29.72 3.74 61.41
N LEU B 76 31.04 3.60 61.62
CA LEU B 76 31.73 2.37 61.23
C LEU B 76 31.26 1.25 62.15
N LYS B 77 30.95 0.09 61.55
CA LYS B 77 30.47 -1.08 62.27
C LYS B 77 31.21 -2.31 61.77
N THR B 78 32.11 -2.83 62.59
CA THR B 78 32.80 -4.07 62.27
C THR B 78 31.88 -5.26 62.50
N GLY B 79 32.40 -6.46 62.22
CA GLY B 79 31.63 -7.67 62.39
C GLY B 79 30.55 -7.81 61.35
N GLU B 80 29.50 -8.56 61.73
CA GLU B 80 28.40 -8.81 60.81
C GLU B 80 27.64 -7.53 60.50
N SER B 81 27.45 -6.67 61.49
CA SER B 81 26.68 -5.45 61.29
C SER B 81 27.40 -4.51 60.34
N GLN B 82 26.68 -4.01 59.33
CA GLN B 82 27.25 -3.13 58.33
C GLN B 82 27.25 -1.68 58.83
N ASN B 83 27.98 -0.84 58.12
CA ASN B 83 28.18 0.55 58.56
C ASN B 83 26.87 1.32 58.44
N GLN B 84 26.55 2.09 59.48
CA GLN B 84 25.27 2.79 59.56
C GLN B 84 25.41 4.25 59.13
N LEU B 85 24.35 4.79 58.54
CA LEU B 85 24.31 6.16 58.02
C LEU B 85 23.49 7.04 58.97
N ALA B 86 24.18 7.86 59.76
CA ALA B 86 23.48 8.83 60.60
C ALA B 86 22.74 9.85 59.75
N VAL B 87 23.40 10.35 58.70
CA VAL B 87 22.85 11.31 57.77
C VAL B 87 22.80 10.68 56.38
N ASP B 88 22.22 11.41 55.45
CA ASP B 88 22.10 10.89 54.09
C ASP B 88 23.48 10.85 53.41
N GLN B 89 23.51 10.22 52.24
CA GLN B 89 24.74 10.10 51.48
C GLN B 89 25.28 11.47 51.08
N ILE B 90 24.41 12.29 50.49
CA ILE B 90 24.81 13.62 50.04
C ILE B 90 25.22 14.49 51.21
N ALA B 91 24.53 14.35 52.35
CA ALA B 91 24.89 15.14 53.53
C ALA B 91 26.27 14.73 54.03
N PHE B 92 26.56 13.43 54.02
CA PHE B 92 27.89 12.95 54.40
C PHE B 92 28.96 13.52 53.47
N GLN B 93 28.69 13.50 52.16
CA GLN B 93 29.64 14.03 51.20
C GLN B 93 29.89 15.52 51.43
N LYS B 94 28.81 16.29 51.61
CA LYS B 94 28.94 17.72 51.78
C LYS B 94 29.71 18.06 53.05
N LYS B 95 29.36 17.42 54.17
CA LYS B 95 30.00 17.76 55.43
C LYS B 95 31.45 17.31 55.45
N LEU B 96 31.75 16.13 54.87
CA LEU B 96 33.14 15.68 54.82
C LEU B 96 33.97 16.61 53.95
N PHE B 97 33.45 17.01 52.78
CA PHE B 97 34.21 17.89 51.90
C PHE B 97 34.42 19.25 52.56
N GLN B 98 33.39 19.79 53.21
CA GLN B 98 33.53 21.09 53.88
C GLN B 98 34.54 21.00 55.03
N THR B 99 34.48 19.93 55.81
CA THR B 99 35.41 19.76 56.93
C THR B 99 36.85 19.65 56.43
N LEU B 100 37.06 18.86 55.37
CA LEU B 100 38.42 18.72 54.84
C LEU B 100 38.91 20.04 54.24
N ARG B 101 38.02 20.77 53.56
CA ARG B 101 38.43 22.03 52.95
C ARG B 101 38.79 23.06 54.00
N ARG B 102 38.00 23.16 55.07
CA ARG B 102 38.19 24.19 56.08
C ARG B 102 39.16 23.77 57.19
N HIS B 103 39.57 22.50 57.25
CA HIS B 103 40.57 22.11 58.22
C HIS B 103 41.92 22.74 57.85
N PRO B 104 42.75 23.14 58.82
CA PRO B 104 44.07 23.65 58.46
C PRO B 104 44.96 22.55 57.90
N SER B 105 45.94 22.98 57.10
CA SER B 105 46.92 22.08 56.48
C SER B 105 46.22 21.06 55.57
N TYR B 106 45.65 21.61 54.50
CA TYR B 106 44.91 20.81 53.53
C TYR B 106 45.74 19.69 52.91
N PRO B 107 46.97 19.91 52.41
CA PRO B 107 47.73 18.76 51.89
C PRO B 107 48.09 17.76 52.96
N LYS B 108 48.54 18.22 54.12
CA LYS B 108 48.93 17.30 55.18
C LYS B 108 47.72 16.54 55.72
N ILE B 109 46.59 17.21 55.91
CA ILE B 109 45.42 16.51 56.44
C ILE B 109 44.91 15.49 55.42
N ILE B 110 44.94 15.84 54.13
CA ILE B 110 44.54 14.87 53.10
C ILE B 110 45.50 13.67 53.10
N GLU B 111 46.81 13.93 53.19
CA GLU B 111 47.79 12.87 53.14
C GLU B 111 47.65 11.92 54.33
N GLU B 112 47.47 12.47 55.54
CA GLU B 112 47.32 11.59 56.69
C GLU B 112 45.95 10.91 56.71
N PHE B 113 44.94 11.52 56.10
CA PHE B 113 43.67 10.82 55.91
C PHE B 113 43.86 9.59 55.03
N VAL B 114 44.59 9.74 53.93
CA VAL B 114 44.88 8.60 53.06
C VAL B 114 45.70 7.55 53.80
N SER B 115 46.70 8.00 54.57
CA SER B 115 47.54 7.07 55.32
C SER B 115 46.72 6.29 56.34
N GLY B 116 45.85 6.97 57.07
CA GLY B 116 44.99 6.29 58.03
C GLY B 116 44.00 5.35 57.36
N LEU B 117 43.50 5.73 56.18
CA LEU B 117 42.59 4.84 55.45
C LEU B 117 43.30 3.55 55.06
N GLU B 118 44.48 3.66 54.44
CA GLU B 118 45.20 2.46 54.03
C GLU B 118 45.75 1.68 55.22
N SER B 119 45.93 2.32 56.38
CA SER B 119 46.30 1.58 57.58
C SER B 119 45.10 0.83 58.14
N TYR B 120 43.93 1.45 58.15
CA TYR B 120 42.73 0.79 58.65
C TYR B 120 42.34 -0.39 57.77
N ILE B 121 42.51 -0.26 56.44
CA ILE B 121 42.00 -1.26 55.52
C ILE B 121 42.88 -2.51 55.43
N GLU B 122 43.94 -2.60 56.23
CA GLU B 122 44.83 -3.76 56.14
C GLU B 122 44.12 -5.05 56.53
N ASP B 123 43.27 -5.00 57.56
CA ASP B 123 42.61 -6.19 58.03
C ASP B 123 41.60 -6.71 57.00
N GLU B 124 41.52 -8.03 56.86
CA GLU B 124 40.63 -8.63 55.88
C GLU B 124 39.16 -8.33 56.21
N ASP B 125 38.79 -8.46 57.48
CA ASP B 125 37.42 -8.15 57.88
C ASP B 125 37.10 -6.69 57.65
N SER B 126 38.07 -5.80 57.91
CA SER B 126 37.88 -4.38 57.67
C SER B 126 37.60 -4.10 56.20
N PHE B 127 38.39 -4.71 55.31
CA PHE B 127 38.18 -4.52 53.88
C PHE B 127 36.84 -5.07 53.43
N ARG B 128 36.49 -6.28 53.92
CA ARG B 128 35.25 -6.91 53.49
C ARG B 128 34.03 -6.11 53.93
N ASN B 129 34.01 -5.62 55.17
CA ASN B 129 32.88 -4.83 55.62
C ASN B 129 32.90 -3.43 54.98
N CYS B 130 34.08 -2.89 54.70
CA CYS B 130 34.16 -1.57 54.08
C CYS B 130 33.59 -1.59 52.66
N LEU B 131 34.01 -2.57 51.85
CA LEU B 131 33.62 -2.58 50.45
C LEU B 131 32.16 -2.98 50.23
N LEU B 132 31.50 -3.59 51.21
CA LEU B 132 30.10 -3.95 51.06
C LEU B 132 29.22 -2.70 51.20
N SER B 133 27.96 -2.85 50.79
CA SER B 133 27.00 -1.77 50.88
C SER B 133 26.71 -1.43 52.34
N CYS B 134 26.51 -0.15 52.61
CA CYS B 134 26.24 0.32 53.96
C CYS B 134 24.77 0.05 54.32
N GLU B 135 24.35 0.55 55.49
CA GLU B 135 22.99 0.44 55.98
C GLU B 135 22.48 1.82 56.34
N ARG B 136 21.21 2.08 56.02
CA ARG B 136 20.57 3.35 56.34
C ARG B 136 19.99 3.28 57.75
N LEU B 137 20.43 4.19 58.62
CA LEU B 137 20.00 4.27 60.01
C LEU B 137 19.05 5.45 60.15
N GLN B 138 17.75 5.15 60.23
CA GLN B 138 16.73 6.17 60.43
C GLN B 138 15.60 5.56 61.25
N ASP B 139 14.80 6.43 61.85
CA ASP B 139 13.67 6.00 62.67
C ASP B 139 12.63 5.29 61.82
N SER B 147 14.84 6.09 50.52
CA SER B 147 16.25 6.12 50.15
C SER B 147 16.85 4.71 50.22
N TYR B 148 18.02 4.55 49.59
CA TYR B 148 18.75 3.29 49.56
C TYR B 148 20.22 3.56 49.86
N SER B 149 20.83 2.62 50.57
CA SER B 149 22.18 2.80 51.12
C SER B 149 23.20 2.10 50.22
N LYS B 150 24.18 2.86 49.74
CA LYS B 150 25.32 2.34 49.00
C LYS B 150 26.55 2.27 49.91
N SER B 151 27.61 1.67 49.39
CA SER B 151 28.83 1.47 50.17
C SER B 151 29.51 2.80 50.48
N LEU B 152 30.17 2.85 51.63
CA LEU B 152 30.91 4.06 51.99
C LEU B 152 32.10 4.28 51.07
N ILE B 153 32.65 3.21 50.49
CA ILE B 153 33.72 3.39 49.53
C ILE B 153 33.20 4.12 48.29
N LYS B 154 31.95 3.86 47.89
CA LYS B 154 31.36 4.62 46.79
C LYS B 154 31.20 6.09 47.18
N LEU B 155 30.83 6.35 48.44
CA LEU B 155 30.76 7.73 48.92
C LEU B 155 32.12 8.40 48.84
N LEU B 156 33.17 7.68 49.19
CA LEU B 156 34.52 8.22 49.10
C LEU B 156 34.91 8.47 47.64
N LEU B 157 34.53 7.58 46.72
CA LEU B 157 34.77 7.83 45.31
C LEU B 157 34.03 9.06 44.82
N GLY B 158 32.84 9.34 45.38
CA GLY B 158 32.06 10.47 44.92
C GLY B 158 32.74 11.80 45.13
N ILE B 159 33.59 11.91 46.15
CA ILE B 159 34.38 13.12 46.38
C ILE B 159 35.53 13.14 45.38
N ASP B 160 35.65 14.23 44.63
CA ASP B 160 36.62 14.30 43.55
C ASP B 160 38.05 14.33 44.06
N ILE B 161 38.30 15.06 45.16
CA ILE B 161 39.67 15.30 45.60
C ILE B 161 40.35 14.00 46.05
N LEU B 162 39.60 13.08 46.65
CA LEU B 162 40.16 11.85 47.20
C LEU B 162 40.25 10.72 46.18
N GLN B 163 39.73 10.90 44.97
CA GLN B 163 39.63 9.79 44.02
C GLN B 163 40.95 9.17 43.61
N PRO B 164 42.01 9.92 43.24
CA PRO B 164 43.26 9.23 42.86
C PRO B 164 43.89 8.44 44.00
N ALA B 165 43.82 8.94 45.23
CA ALA B 165 44.30 8.17 46.37
C ALA B 165 43.50 6.89 46.53
N ILE B 166 42.17 6.98 46.38
CA ILE B 166 41.32 5.82 46.58
C ILE B 166 41.59 4.77 45.52
N ILE B 167 41.70 5.19 44.26
CA ILE B 167 41.90 4.20 43.19
C ILE B 167 43.30 3.61 43.26
N LYS B 168 44.30 4.40 43.69
CA LYS B 168 45.62 3.84 43.91
C LYS B 168 45.59 2.79 45.02
N THR B 169 44.87 3.08 46.12
CA THR B 169 44.76 2.10 47.20
C THR B 169 44.05 0.84 46.73
N LEU B 170 42.97 1.00 45.96
CA LEU B 170 42.22 -0.16 45.48
C LEU B 170 43.06 -1.04 44.56
N PHE B 171 43.81 -0.41 43.64
CA PHE B 171 44.54 -1.19 42.65
C PHE B 171 45.87 -1.72 43.17
N GLU B 172 46.43 -1.14 44.23
CA GLU B 172 47.54 -1.80 44.93
C GLU B 172 47.03 -2.92 45.84
N LYS B 173 45.79 -2.79 46.33
CA LYS B 173 45.22 -3.87 47.15
C LYS B 173 44.83 -5.07 46.31
N LEU B 174 44.39 -4.86 45.07
CA LEU B 174 43.89 -5.96 44.24
C LEU B 174 44.90 -7.09 44.01
N PRO B 175 46.18 -6.83 43.73
CA PRO B 175 47.14 -7.95 43.58
C PRO B 175 47.25 -8.84 44.82
N GLU B 176 46.95 -8.33 46.01
CA GLU B 176 46.96 -9.17 47.20
C GLU B 176 45.92 -10.27 47.10
N TYR B 177 44.74 -9.95 46.56
CA TYR B 177 43.61 -10.87 46.51
C TYR B 177 43.57 -11.72 45.25
N PHE B 178 44.62 -11.69 44.42
CA PHE B 178 44.70 -12.62 43.29
C PHE B 178 44.74 -14.06 43.78
N PHE B 179 45.54 -14.33 44.81
CA PHE B 179 45.53 -15.66 45.42
C PHE B 179 44.21 -15.91 46.12
N GLU B 180 43.65 -14.88 46.76
CA GLU B 180 42.35 -15.00 47.43
C GLU B 180 41.27 -15.47 46.46
N ASN B 181 41.33 -14.98 45.21
CA ASN B 181 40.37 -15.39 44.17
C ASN B 181 40.38 -16.90 43.95
N LYS B 182 41.52 -17.56 44.16
CA LYS B 182 41.56 -19.00 43.98
C LYS B 182 40.78 -19.72 45.07
N ASN B 183 40.86 -19.23 46.32
CA ASN B 183 40.24 -19.93 47.46
C ASN B 183 39.01 -19.33 48.09
N SER B 184 38.68 -18.08 47.77
CA SER B 184 37.57 -17.41 48.44
C SER B 184 36.24 -17.92 47.90
N ASP B 185 35.60 -18.83 48.66
CA ASP B 185 34.25 -19.27 48.35
C ASP B 185 33.18 -18.33 48.87
N GLU B 186 33.52 -17.41 49.77
CA GLU B 186 32.51 -16.53 50.35
C GLU B 186 32.02 -15.51 49.35
N ILE B 187 32.92 -14.63 48.88
CA ILE B 187 32.56 -13.58 47.93
C ILE B 187 33.79 -13.30 47.05
N ASN B 188 33.53 -13.00 45.79
CA ASN B 188 34.60 -12.71 44.84
C ASN B 188 35.05 -11.27 45.02
N ILE B 189 36.25 -11.09 45.57
CA ILE B 189 36.73 -9.75 45.90
C ILE B 189 36.90 -8.86 44.67
N PRO B 190 37.61 -9.28 43.61
CA PRO B 190 37.71 -8.39 42.43
C PRO B 190 36.38 -8.10 41.76
N ARG B 191 35.44 -9.06 41.76
CA ARG B 191 34.11 -8.82 41.20
C ARG B 191 33.42 -7.68 41.94
N LEU B 192 33.44 -7.74 43.27
CA LEU B 192 32.85 -6.66 44.07
C LEU B 192 33.57 -5.34 43.83
N ILE B 193 34.90 -5.36 43.80
CA ILE B 193 35.67 -4.11 43.65
C ILE B 193 35.33 -3.44 42.33
N VAL B 194 35.24 -4.23 41.26
CA VAL B 194 34.80 -3.70 39.98
C VAL B 194 33.35 -3.22 40.08
N SER B 195 32.53 -3.85 40.92
CA SER B 195 31.15 -3.41 41.06
C SER B 195 31.08 -2.02 41.69
N GLN B 196 31.90 -1.73 42.71
CA GLN B 196 31.86 -0.44 43.36
C GLN B 196 32.46 0.57 42.43
N LEU B 197 33.47 0.17 41.64
CA LEU B 197 34.16 1.10 40.78
C LEU B 197 33.32 1.57 39.59
N LYS B 198 32.15 0.99 39.34
CA LYS B 198 31.28 1.44 38.27
C LYS B 198 30.48 2.67 38.71
N TRP B 199 29.89 3.35 37.71
CA TRP B 199 28.95 4.45 37.92
C TRP B 199 29.58 5.60 38.70
N LEU B 200 30.84 5.90 38.41
CA LEU B 200 31.51 7.01 39.09
C LEU B 200 31.03 8.35 38.56
N ASP B 201 31.48 9.41 39.22
CA ASP B 201 31.10 10.77 38.84
C ASP B 201 31.94 11.27 37.68
N ARG B 202 33.25 11.37 37.88
CA ARG B 202 34.15 11.96 36.92
C ARG B 202 35.52 11.32 37.04
N VAL B 203 36.19 11.14 35.90
CA VAL B 203 37.52 10.55 35.89
C VAL B 203 38.54 11.64 36.19
N VAL B 204 39.23 11.50 37.33
CA VAL B 204 40.25 12.48 37.70
C VAL B 204 41.44 12.44 36.74
N ASP B 205 41.79 11.26 36.24
CA ASP B 205 42.94 11.11 35.34
C ASP B 205 42.68 9.89 34.46
N GLY B 206 42.43 10.13 33.18
CA GLY B 206 42.21 9.03 32.25
C GLY B 206 43.45 8.19 32.07
N LYS B 207 44.63 8.81 32.11
CA LYS B 207 45.88 8.07 31.95
C LYS B 207 46.09 7.08 33.09
N ASP B 208 45.79 7.50 34.32
CA ASP B 208 45.93 6.59 35.46
C ASP B 208 44.99 5.41 35.34
N LEU B 209 43.73 5.66 34.95
CA LEU B 209 42.78 4.58 34.76
C LEU B 209 43.24 3.63 33.66
N THR B 210 43.76 4.18 32.56
CA THR B 210 44.23 3.34 31.46
C THR B 210 45.40 2.46 31.90
N THR B 211 46.38 3.05 32.59
CA THR B 211 47.53 2.28 33.05
C THR B 211 47.11 1.20 34.04
N LYS B 212 46.24 1.54 34.98
CA LYS B 212 45.78 0.57 35.97
C LYS B 212 45.01 -0.57 35.32
N ILE B 213 44.11 -0.24 34.39
CA ILE B 213 43.32 -1.26 33.72
C ILE B 213 44.21 -2.18 32.89
N MET B 214 45.19 -1.60 32.19
CA MET B 214 46.09 -2.42 31.39
C MET B 214 46.98 -3.29 32.27
N GLN B 215 47.38 -2.79 33.45
CA GLN B 215 48.14 -3.62 34.38
C GLN B 215 47.29 -4.82 34.84
N LEU B 216 46.02 -4.57 35.16
CA LEU B 216 45.15 -5.69 35.54
C LEU B 216 44.96 -6.66 34.38
N ILE B 217 44.88 -6.14 33.16
CA ILE B 217 44.75 -7.01 31.99
C ILE B 217 45.98 -7.89 31.85
N SER B 218 47.17 -7.31 32.02
CA SER B 218 48.40 -8.06 31.82
C SER B 218 48.58 -9.12 32.91
N ILE B 219 48.43 -8.74 34.17
CA ILE B 219 48.82 -9.63 35.27
C ILE B 219 47.70 -10.61 35.65
N ALA B 220 46.45 -10.18 35.63
CA ALA B 220 45.37 -10.98 36.20
C ALA B 220 45.03 -12.17 35.28
N PRO B 221 44.38 -13.23 35.84
CA PRO B 221 44.09 -14.41 35.01
C PRO B 221 42.91 -14.18 34.07
N GLU B 222 42.47 -15.24 33.38
CA GLU B 222 41.45 -15.12 32.34
C GLU B 222 40.14 -14.59 32.91
N ASN B 223 39.71 -15.10 34.06
CA ASN B 223 38.42 -14.71 34.60
C ASN B 223 38.40 -13.25 35.03
N LEU B 224 39.45 -12.80 35.73
CA LEU B 224 39.49 -11.42 36.20
C LEU B 224 39.64 -10.44 35.04
N GLN B 225 40.50 -10.77 34.07
CA GLN B 225 40.67 -9.87 32.93
C GLN B 225 39.38 -9.80 32.11
N HIS B 226 38.69 -10.92 31.95
CA HIS B 226 37.38 -10.93 31.32
C HIS B 226 36.40 -10.04 32.08
N ASP B 227 36.41 -10.12 33.41
CA ASP B 227 35.47 -9.36 34.22
C ASP B 227 35.69 -7.85 34.07
N ILE B 228 36.95 -7.41 34.12
CA ILE B 228 37.20 -5.99 33.94
C ILE B 228 36.88 -5.56 32.52
N ILE B 229 37.09 -6.44 31.53
CA ILE B 229 36.77 -6.07 30.15
C ILE B 229 35.27 -5.84 30.01
N THR B 230 34.45 -6.79 30.46
CA THR B 230 33.00 -6.60 30.31
C THR B 230 32.48 -5.46 31.17
N SER B 231 33.22 -5.03 32.19
CA SER B 231 32.89 -3.85 32.99
C SER B 231 33.46 -2.56 32.42
N LEU B 232 34.22 -2.61 31.31
CA LEU B 232 34.93 -1.43 30.82
C LEU B 232 34.06 -0.23 30.47
N PRO B 233 32.91 -0.36 29.80
CA PRO B 233 32.15 0.86 29.43
C PRO B 233 31.69 1.69 30.62
N GLU B 234 31.36 1.07 31.75
CA GLU B 234 30.95 1.83 32.93
C GLU B 234 32.14 2.48 33.62
N ILE B 235 33.30 1.82 33.63
CA ILE B 235 34.47 2.37 34.32
C ILE B 235 35.00 3.58 33.59
N LEU B 236 35.20 3.46 32.28
CA LEU B 236 35.80 4.55 31.52
C LEU B 236 34.85 5.73 31.38
N GLY B 237 35.42 6.93 31.44
CA GLY B 237 34.70 8.14 31.09
C GLY B 237 34.64 8.33 29.59
N ASP B 238 34.36 9.56 29.19
CA ASP B 238 34.31 9.89 27.76
C ASP B 238 35.70 10.02 27.16
N SER B 239 36.68 10.46 27.97
CA SER B 239 37.96 10.89 27.42
C SER B 239 38.78 9.71 26.87
N GLN B 240 38.79 8.60 27.59
CA GLN B 240 39.74 7.52 27.31
C GLN B 240 39.25 6.54 26.24
N HIS B 241 38.30 6.92 25.38
CA HIS B 241 37.76 5.96 24.42
C HIS B 241 38.79 5.57 23.38
N ALA B 242 39.44 6.55 22.75
CA ALA B 242 40.26 6.27 21.56
C ALA B 242 41.52 5.50 21.92
N ASP B 243 42.25 5.97 22.93
CA ASP B 243 43.50 5.31 23.30
C ASP B 243 43.26 3.90 23.83
N VAL B 244 42.25 3.73 24.66
CA VAL B 244 41.94 2.40 25.18
C VAL B 244 41.47 1.50 24.04
N GLY B 245 40.73 2.05 23.07
CA GLY B 245 40.32 1.26 21.92
C GLY B 245 41.50 0.77 21.10
N LYS B 246 42.45 1.67 20.84
CA LYS B 246 43.65 1.25 20.10
C LYS B 246 44.44 0.21 20.88
N GLU B 247 44.54 0.37 22.20
CA GLU B 247 45.33 -0.57 22.98
C GLU B 247 44.65 -1.94 23.08
N LEU B 248 43.32 -1.99 23.22
CA LEU B 248 42.65 -3.28 23.20
C LEU B 248 42.69 -3.91 21.81
N SER B 249 42.75 -3.11 20.74
CA SER B 249 42.99 -3.71 19.43
C SER B 249 44.39 -4.29 19.34
N ASP B 250 45.36 -3.64 19.99
CA ASP B 250 46.69 -4.24 20.09
C ASP B 250 46.64 -5.57 20.84
N LEU B 251 45.82 -5.63 21.90
CA LEU B 251 45.64 -6.89 22.61
C LEU B 251 44.96 -7.94 21.72
N LEU B 252 44.01 -7.51 20.88
CA LEU B 252 43.37 -8.43 19.94
C LEU B 252 44.41 -9.03 19.00
N ILE B 253 45.34 -8.20 18.52
CA ILE B 253 46.43 -8.70 17.70
C ILE B 253 47.29 -9.67 18.50
N GLU B 254 47.54 -9.34 19.78
CA GLU B 254 48.40 -10.18 20.60
C GLU B 254 47.73 -11.50 20.95
N ASN B 255 46.50 -11.42 21.48
CA ASN B 255 45.80 -12.59 21.99
C ASN B 255 44.50 -12.88 21.30
N THR B 256 44.02 -14.12 21.38
CA THR B 256 42.81 -14.58 20.74
C THR B 256 41.73 -15.04 21.71
N SER B 257 42.09 -15.42 22.94
CA SER B 257 41.11 -15.99 23.86
C SER B 257 40.07 -14.95 24.27
N LEU B 258 40.51 -13.75 24.65
CA LEU B 258 39.63 -12.69 25.12
C LEU B 258 39.07 -11.83 23.99
N THR B 259 39.11 -12.32 22.75
CA THR B 259 38.71 -11.49 21.62
C THR B 259 37.24 -11.14 21.65
N VAL B 260 36.38 -12.09 22.04
CA VAL B 260 34.94 -11.86 21.97
C VAL B 260 34.49 -10.76 22.93
N PRO B 261 34.91 -10.73 24.19
CA PRO B 261 34.57 -9.57 25.05
C PRO B 261 35.07 -8.25 24.50
N ILE B 262 36.21 -8.26 23.83
CA ILE B 262 36.72 -7.04 23.23
C ILE B 262 35.79 -6.64 22.11
N LEU B 263 35.28 -7.59 21.34
CA LEU B 263 34.28 -7.26 20.32
C LEU B 263 33.04 -6.66 20.96
N ASP B 264 32.65 -7.18 22.12
CA ASP B 264 31.47 -6.65 22.80
C ASP B 264 31.67 -5.20 23.22
N VAL B 265 32.81 -4.89 23.86
CA VAL B 265 33.01 -3.51 24.30
C VAL B 265 33.24 -2.59 23.11
N LEU B 266 33.85 -3.08 22.03
CA LEU B 266 33.99 -2.27 20.83
C LEU B 266 32.62 -1.94 20.24
N SER B 267 31.69 -2.89 20.30
CA SER B 267 30.32 -2.58 19.92
C SER B 267 29.72 -1.53 20.86
N SER B 268 29.98 -1.66 22.16
CA SER B 268 29.37 -0.75 23.12
C SER B 268 30.04 0.63 23.12
N LEU B 269 31.36 0.68 23.04
CA LEU B 269 32.08 1.93 23.23
C LEU B 269 31.96 2.82 21.98
N ARG B 270 32.29 4.09 22.17
CA ARG B 270 32.23 5.10 21.11
C ARG B 270 33.59 5.18 20.44
N LEU B 271 33.66 4.71 19.19
CA LEU B 271 34.85 4.85 18.36
C LEU B 271 34.42 5.29 16.96
N ASP B 272 35.33 5.95 16.26
CA ASP B 272 35.01 6.47 14.93
C ASP B 272 35.04 5.34 13.91
N PRO B 273 34.40 5.53 12.74
CA PRO B 273 34.43 4.46 11.72
C PRO B 273 35.82 4.15 11.19
N ASN B 274 36.70 5.15 11.12
CA ASN B 274 38.02 4.93 10.54
C ASN B 274 38.84 3.95 11.36
N PHE B 275 38.77 4.06 12.69
CA PHE B 275 39.44 3.09 13.55
C PHE B 275 38.73 1.75 13.51
N LEU B 276 37.40 1.77 13.40
CA LEU B 276 36.64 0.52 13.34
C LEU B 276 36.92 -0.28 12.07
N LEU B 277 37.40 0.39 11.00
CA LEU B 277 37.66 -0.30 9.74
C LEU B 277 38.72 -1.39 9.90
N LYS B 278 39.75 -1.13 10.69
CA LYS B 278 40.83 -2.11 10.86
C LYS B 278 40.32 -3.37 11.54
N VAL B 279 39.58 -3.21 12.65
CA VAL B 279 39.06 -4.38 13.35
C VAL B 279 38.02 -5.09 12.48
N ARG B 280 37.28 -4.35 11.66
CA ARG B 280 36.30 -4.96 10.79
C ARG B 280 37.00 -5.83 9.76
N GLN B 281 38.11 -5.34 9.19
CA GLN B 281 38.88 -6.11 8.22
C GLN B 281 39.51 -7.33 8.86
N LEU B 282 40.03 -7.19 10.08
CA LEU B 282 40.65 -8.32 10.76
C LEU B 282 39.62 -9.40 11.11
N VAL B 283 38.43 -8.99 11.58
CA VAL B 283 37.47 -9.94 12.09
C VAL B 283 36.59 -10.56 10.99
N MET B 284 36.47 -9.92 9.82
CA MET B 284 35.68 -10.51 8.77
C MET B 284 36.29 -11.80 8.23
N ASP B 285 37.63 -11.90 8.26
CA ASP B 285 38.28 -13.12 7.81
C ASP B 285 37.93 -14.30 8.71
N LYS B 286 37.89 -14.08 10.01
CA LYS B 286 37.64 -15.12 10.99
C LYS B 286 36.16 -15.39 11.24
N LEU B 287 35.26 -14.63 10.61
CA LEU B 287 33.83 -14.86 10.82
C LEU B 287 33.40 -16.24 10.31
N SER B 288 34.07 -16.74 9.27
CA SER B 288 33.74 -18.05 8.72
C SER B 288 34.21 -19.21 9.58
N SER B 289 35.02 -18.97 10.62
CA SER B 289 35.68 -20.01 11.41
C SER B 289 35.54 -19.72 12.90
N ILE B 290 34.32 -19.44 13.35
CA ILE B 290 34.00 -19.22 14.75
C ILE B 290 32.75 -20.02 15.11
N ARG B 291 32.73 -20.55 16.33
CA ARG B 291 31.67 -21.44 16.75
C ARG B 291 30.34 -20.69 16.85
N LEU B 292 29.27 -21.46 17.08
CA LEU B 292 27.94 -20.86 17.21
C LEU B 292 27.82 -20.05 18.49
N GLU B 293 28.50 -20.46 19.57
CA GLU B 293 28.39 -19.75 20.83
C GLU B 293 28.95 -18.34 20.74
N ASP B 294 29.96 -18.12 19.90
CA ASP B 294 30.55 -16.79 19.76
C ASP B 294 29.69 -15.84 18.94
N LEU B 295 28.98 -16.37 17.92
CA LEU B 295 28.53 -15.55 16.79
C LEU B 295 27.68 -14.33 17.11
N PRO B 296 26.64 -14.37 17.97
CA PRO B 296 25.69 -13.25 18.01
C PRO B 296 26.29 -11.92 18.43
N VAL B 297 27.27 -11.91 19.33
CA VAL B 297 27.90 -10.65 19.69
C VAL B 297 28.79 -10.13 18.56
N ILE B 298 29.41 -11.02 17.78
CA ILE B 298 30.17 -10.54 16.62
C ILE B 298 29.25 -9.89 15.60
N ILE B 299 28.10 -10.50 15.29
CA ILE B 299 27.23 -9.85 14.31
C ILE B 299 26.60 -8.60 14.92
N LYS B 300 26.45 -8.55 16.25
CA LYS B 300 26.03 -7.32 16.91
C LYS B 300 27.04 -6.20 16.67
N PHE B 301 28.33 -6.52 16.79
CA PHE B 301 29.37 -5.54 16.49
C PHE B 301 29.30 -5.11 15.03
N ILE B 302 29.14 -6.08 14.12
CA ILE B 302 29.20 -5.79 12.69
C ILE B 302 28.04 -4.91 12.28
N LEU B 303 26.83 -5.19 12.79
CA LEU B 303 25.67 -4.42 12.40
C LEU B 303 25.67 -3.02 13.01
N HIS B 304 26.27 -2.85 14.19
CA HIS B 304 26.29 -1.56 14.89
C HIS B 304 27.60 -0.79 14.71
N SER B 305 28.46 -1.21 13.78
CA SER B 305 29.75 -0.56 13.55
C SER B 305 30.00 -0.46 12.05
N VAL B 306 28.99 -0.01 11.31
CA VAL B 306 29.02 0.09 9.86
C VAL B 306 28.53 1.48 9.45
N THR B 307 29.09 1.99 8.36
CA THR B 307 28.72 3.29 7.84
C THR B 307 27.48 3.19 6.95
N ALA B 308 27.11 4.31 6.33
CA ALA B 308 25.93 4.33 5.46
C ALA B 308 26.19 3.70 4.10
N MET B 309 27.43 3.79 3.60
CA MET B 309 27.75 3.30 2.25
C MET B 309 28.20 1.84 2.24
N ASP B 310 28.71 1.32 3.35
CA ASP B 310 29.25 -0.04 3.41
C ASP B 310 28.20 -1.10 3.69
N THR B 311 26.90 -0.76 3.64
CA THR B 311 25.87 -1.66 4.12
C THR B 311 25.74 -2.89 3.21
N LEU B 312 25.62 -2.66 1.90
CA LEU B 312 25.39 -3.77 0.96
C LEU B 312 26.58 -4.73 0.94
N GLU B 313 27.79 -4.18 0.98
CA GLU B 313 28.99 -5.02 0.93
C GLU B 313 29.07 -5.96 2.11
N VAL B 314 28.94 -5.43 3.33
CA VAL B 314 29.05 -6.27 4.51
C VAL B 314 27.85 -7.22 4.61
N ILE B 315 26.67 -6.77 4.18
CA ILE B 315 25.50 -7.64 4.21
C ILE B 315 25.71 -8.85 3.29
N SER B 316 26.15 -8.60 2.06
CA SER B 316 26.41 -9.70 1.14
C SER B 316 27.51 -10.61 1.65
N GLU B 317 28.57 -10.01 2.23
CA GLU B 317 29.69 -10.81 2.70
C GLU B 317 29.31 -11.68 3.88
N LEU B 318 28.57 -11.13 4.86
CA LEU B 318 28.17 -11.93 6.00
C LEU B 318 27.13 -12.97 5.62
N ARG B 319 26.24 -12.66 4.68
CA ARG B 319 25.29 -13.67 4.21
C ARG B 319 26.00 -14.79 3.46
N GLU B 320 27.10 -14.47 2.79
CA GLU B 320 27.89 -15.51 2.12
C GLU B 320 28.71 -16.33 3.10
N LYS B 321 29.21 -15.71 4.18
CA LYS B 321 30.08 -16.36 5.15
C LYS B 321 29.30 -16.92 6.34
N LEU B 322 28.05 -17.30 6.16
CA LEU B 322 27.25 -17.81 7.26
C LEU B 322 27.76 -19.18 7.71
N ASP B 323 27.91 -19.34 9.02
CA ASP B 323 28.35 -20.60 9.62
C ASP B 323 27.19 -21.50 10.05
N LEU B 324 25.94 -21.05 9.92
CA LEU B 324 24.82 -21.88 10.34
C LEU B 324 24.62 -23.09 9.45
N GLN B 325 25.09 -23.03 8.19
CA GLN B 325 24.88 -24.15 7.27
C GLN B 325 25.62 -25.40 7.74
N HIS B 326 26.84 -25.24 8.23
CA HIS B 326 27.63 -26.37 8.74
C HIS B 326 27.43 -26.58 10.24
N CYS B 327 27.09 -25.53 10.99
CA CYS B 327 26.85 -25.68 12.42
C CYS B 327 25.58 -26.47 12.68
N VAL B 328 24.49 -26.09 12.01
CA VAL B 328 23.20 -26.75 12.20
C VAL B 328 23.15 -28.00 11.32
N GLU B 353 23.06 -29.36 20.74
CA GLU B 353 22.25 -29.54 21.93
C GLU B 353 21.28 -28.37 22.09
N SER B 354 20.66 -28.27 23.27
CA SER B 354 19.72 -27.17 23.53
C SER B 354 20.43 -25.82 23.49
N SER B 355 21.71 -25.79 23.86
CA SER B 355 22.47 -24.54 23.80
C SER B 355 22.55 -24.01 22.37
N GLY B 356 22.58 -24.91 21.39
CA GLY B 356 22.60 -24.46 20.00
C GLY B 356 21.33 -23.71 19.62
N GLN B 357 20.17 -24.25 19.98
CA GLN B 357 18.91 -23.58 19.65
C GLN B 357 18.77 -22.28 20.43
N SER B 358 19.23 -22.27 21.69
CA SER B 358 19.24 -21.04 22.46
C SER B 358 20.11 -19.98 21.80
N CYS B 359 21.30 -20.37 21.31
CA CYS B 359 22.16 -19.44 20.61
C CYS B 359 21.51 -18.95 19.32
N ILE B 360 20.78 -19.80 18.62
CA ILE B 360 20.13 -19.39 17.38
C ILE B 360 19.07 -18.33 17.66
N ILE B 361 18.25 -18.53 18.70
CA ILE B 361 17.27 -17.47 19.02
C ILE B 361 17.99 -16.22 19.52
N LEU B 362 19.17 -16.36 20.13
CA LEU B 362 19.93 -15.17 20.49
C LEU B 362 20.41 -14.41 19.25
N LEU B 363 20.89 -15.13 18.23
CA LEU B 363 21.19 -14.50 16.94
C LEU B 363 19.98 -13.77 16.39
N PHE B 364 18.82 -14.41 16.42
CA PHE B 364 17.64 -13.78 15.85
C PHE B 364 17.17 -12.58 16.69
N ASP B 365 17.36 -12.62 18.01
CA ASP B 365 17.03 -11.47 18.82
C ASP B 365 17.97 -10.31 18.54
N VAL B 366 19.26 -10.60 18.33
CA VAL B 366 20.21 -9.56 17.95
C VAL B 366 19.81 -8.96 16.60
N ILE B 367 19.39 -9.80 15.67
CA ILE B 367 18.99 -9.32 14.35
C ILE B 367 17.72 -8.48 14.46
N LYS B 368 16.79 -8.87 15.34
CA LYS B 368 15.59 -8.09 15.55
C LYS B 368 15.91 -6.71 16.13
N SER B 369 16.84 -6.67 17.09
CA SER B 369 17.23 -5.39 17.66
C SER B 369 17.92 -4.50 16.63
N ALA B 370 18.79 -5.09 15.81
CA ALA B 370 19.51 -4.29 14.81
C ALA B 370 18.59 -3.79 13.72
N ILE B 371 17.71 -4.66 13.21
CA ILE B 371 16.87 -4.31 12.06
C ILE B 371 15.83 -3.27 12.44
N ARG B 372 15.38 -3.26 13.70
CA ARG B 372 14.20 -2.49 14.07
C ARG B 372 14.40 -0.98 13.94
N TYR B 373 15.64 -0.50 14.04
CA TYR B 373 15.93 0.93 14.08
C TYR B 373 16.94 1.34 13.03
N GLU B 374 17.91 0.46 12.72
CA GLU B 374 18.91 0.75 11.70
C GLU B 374 18.23 0.59 10.34
N LYS B 375 17.55 1.64 9.88
CA LYS B 375 16.76 1.53 8.65
C LYS B 375 17.62 1.24 7.45
N THR B 376 18.75 1.91 7.33
CA THR B 376 19.57 1.71 6.15
C THR B 376 19.99 0.25 6.03
N ILE B 377 20.34 -0.39 7.15
CA ILE B 377 20.69 -1.80 7.13
C ILE B 377 19.48 -2.64 6.73
N SER B 378 18.30 -2.26 7.23
CA SER B 378 17.08 -2.99 6.91
C SER B 378 16.83 -2.97 5.41
N GLU B 379 16.78 -1.79 4.80
CA GLU B 379 16.54 -1.70 3.36
C GLU B 379 17.66 -2.32 2.55
N ALA B 380 18.91 -2.18 3.02
CA ALA B 380 20.03 -2.79 2.32
C ALA B 380 19.95 -4.31 2.34
N TRP B 381 19.30 -4.89 3.35
CA TRP B 381 19.13 -6.34 3.36
C TRP B 381 18.26 -6.80 2.20
N ILE B 382 17.10 -6.14 2.01
CA ILE B 382 16.22 -6.49 0.91
C ILE B 382 16.90 -6.22 -0.43
N LYS B 383 17.62 -5.10 -0.52
CA LYS B 383 18.30 -4.79 -1.78
C LYS B 383 19.38 -5.82 -2.09
N ALA B 384 20.14 -6.24 -1.07
CA ALA B 384 21.20 -7.22 -1.28
C ALA B 384 20.64 -8.57 -1.70
N ILE B 385 19.57 -9.04 -1.05
CA ILE B 385 19.03 -10.33 -1.44
C ILE B 385 18.34 -10.25 -2.79
N GLU B 386 17.72 -9.11 -3.12
CA GLU B 386 17.14 -8.95 -4.45
C GLU B 386 18.22 -9.00 -5.52
N ASN B 387 19.37 -8.37 -5.27
CA ASN B 387 20.50 -8.51 -6.17
C ASN B 387 20.96 -9.96 -6.25
N THR B 388 21.02 -10.64 -5.11
CA THR B 388 21.42 -12.05 -5.08
C THR B 388 20.40 -12.93 -5.81
N ALA B 389 19.11 -12.66 -5.60
CA ALA B 389 18.02 -13.42 -6.21
C ALA B 389 18.09 -14.89 -5.82
N HIS B 394 18.03 -17.99 -1.56
CA HIS B 394 17.95 -19.45 -1.48
C HIS B 394 18.36 -20.00 -0.11
N LYS B 395 19.04 -19.20 0.70
CA LYS B 395 19.47 -19.63 2.02
C LYS B 395 18.31 -19.58 3.01
N VAL B 396 18.22 -20.62 3.85
CA VAL B 396 17.13 -20.71 4.80
C VAL B 396 17.21 -19.60 5.84
N PHE B 397 18.42 -19.28 6.29
CA PHE B 397 18.61 -18.23 7.29
C PHE B 397 18.15 -16.88 6.74
N ASP B 398 18.47 -16.62 5.47
CA ASP B 398 17.96 -15.43 4.80
C ASP B 398 16.44 -15.42 4.75
N LEU B 399 15.82 -16.58 4.52
CA LEU B 399 14.37 -16.62 4.41
C LEU B 399 13.71 -16.39 5.77
N VAL B 400 14.30 -16.89 6.85
CA VAL B 400 13.74 -16.61 8.17
C VAL B 400 13.92 -15.13 8.50
N MET B 401 15.07 -14.56 8.12
CA MET B 401 15.25 -13.13 8.32
C MET B 401 14.25 -12.33 7.51
N LEU B 402 13.92 -12.79 6.31
CA LEU B 402 12.90 -12.16 5.49
C LEU B 402 11.53 -12.21 6.18
N PHE B 403 11.18 -13.35 6.78
CA PHE B 403 9.92 -13.46 7.50
C PHE B 403 9.84 -12.45 8.64
N ILE B 404 10.89 -12.39 9.47
CA ILE B 404 10.82 -11.48 10.62
C ILE B 404 10.86 -10.03 10.16
N ILE B 405 11.55 -9.74 9.05
CA ILE B 405 11.55 -8.39 8.50
C ILE B 405 10.14 -8.00 8.07
N TYR B 406 9.42 -8.93 7.45
CA TYR B 406 8.01 -8.68 7.14
C TYR B 406 7.20 -8.46 8.43
N SER B 407 7.53 -9.21 9.48
CA SER B 407 6.76 -9.10 10.72
C SER B 407 6.95 -7.73 11.37
N THR B 408 8.20 -7.27 11.49
CA THR B 408 8.50 -6.14 12.36
C THR B 408 8.20 -4.81 11.68
N ASN B 409 8.89 -4.51 10.58
CA ASN B 409 8.81 -3.20 9.95
C ASN B 409 7.52 -3.09 9.15
N THR B 410 6.59 -2.28 9.65
CA THR B 410 5.33 -2.07 8.94
C THR B 410 5.53 -1.36 7.62
N GLN B 411 6.55 -0.50 7.51
CA GLN B 411 6.76 0.26 6.28
C GLN B 411 7.13 -0.64 5.11
N THR B 412 7.82 -1.73 5.35
CA THR B 412 8.22 -2.66 4.31
C THR B 412 7.16 -3.72 4.01
N LYS B 413 5.93 -3.54 4.48
CA LYS B 413 4.90 -4.58 4.38
C LYS B 413 4.56 -4.86 2.91
N LYS B 414 4.01 -3.86 2.22
CA LYS B 414 3.61 -4.08 0.83
C LYS B 414 4.84 -4.29 -0.06
N TYR B 415 5.94 -3.59 0.23
CA TYR B 415 7.15 -3.74 -0.57
C TYR B 415 7.71 -5.14 -0.46
N ILE B 416 7.83 -5.67 0.76
CA ILE B 416 8.37 -7.01 0.92
C ILE B 416 7.39 -8.06 0.42
N ASP B 417 6.09 -7.78 0.50
CA ASP B 417 5.11 -8.70 -0.08
C ASP B 417 5.32 -8.81 -1.59
N ARG B 418 5.52 -7.66 -2.26
CA ARG B 418 5.78 -7.68 -3.69
C ARG B 418 7.11 -8.37 -4.00
N VAL B 419 8.13 -8.13 -3.17
CA VAL B 419 9.43 -8.77 -3.40
C VAL B 419 9.32 -10.28 -3.25
N LEU B 420 8.59 -10.75 -2.24
CA LEU B 420 8.39 -12.18 -2.07
C LEU B 420 7.61 -12.77 -3.23
N ARG B 421 6.60 -12.05 -3.72
CA ARG B 421 5.85 -12.52 -4.88
C ARG B 421 6.74 -12.64 -6.10
N ASN B 422 7.63 -11.66 -6.30
CA ASN B 422 8.55 -11.70 -7.43
C ASN B 422 9.50 -12.87 -7.26
N LYS B 423 10.01 -13.10 -6.05
CA LYS B 423 10.97 -14.17 -5.82
C LYS B 423 10.35 -15.53 -6.08
N ILE B 424 9.14 -15.76 -5.57
CA ILE B 424 8.50 -17.07 -5.79
C ILE B 424 8.08 -17.23 -7.24
N ARG B 425 7.69 -16.14 -7.91
CA ARG B 425 7.38 -16.23 -9.34
C ARG B 425 8.62 -16.60 -10.15
N SER B 426 9.78 -16.06 -9.76
CA SER B 426 11.01 -16.34 -10.47
C SER B 426 11.44 -17.80 -10.35
N GLY B 427 10.96 -18.53 -9.34
CA GLY B 427 11.33 -19.91 -9.14
C GLY B 427 12.62 -20.11 -8.38
N CYS B 428 13.26 -19.05 -7.89
CA CYS B 428 14.46 -19.21 -7.09
C CYS B 428 14.17 -19.91 -5.77
N ILE B 429 12.96 -19.73 -5.23
CA ILE B 429 12.57 -20.33 -3.95
C ILE B 429 12.08 -21.74 -4.25
N GLN B 430 12.91 -22.73 -3.91
CA GLN B 430 12.53 -24.13 -4.06
C GLN B 430 11.64 -24.55 -2.87
N GLU B 431 11.12 -25.77 -2.95
CA GLU B 431 10.16 -26.27 -1.97
C GLU B 431 10.83 -26.99 -0.79
N GLN B 432 11.97 -27.65 -1.02
CA GLN B 432 12.61 -28.39 0.07
C GLN B 432 13.16 -27.45 1.14
N LEU B 433 13.59 -26.25 0.75
CA LEU B 433 14.16 -25.33 1.73
C LEU B 433 13.10 -24.86 2.71
N LEU B 434 11.82 -24.82 2.31
CA LEU B 434 10.76 -24.53 3.26
C LEU B 434 10.70 -25.59 4.36
N GLN B 435 10.77 -26.87 3.96
CA GLN B 435 10.75 -27.95 4.93
C GLN B 435 11.96 -27.90 5.85
N SER B 436 13.14 -27.64 5.29
CA SER B 436 14.33 -27.55 6.12
C SER B 436 14.28 -26.35 7.06
N THR B 437 13.72 -25.23 6.58
CA THR B 437 13.55 -24.05 7.42
C THR B 437 12.66 -24.34 8.60
N PHE B 438 11.50 -24.95 8.34
CA PHE B 438 10.61 -25.29 9.44
C PHE B 438 11.19 -26.40 10.32
N SER B 439 12.11 -27.21 9.80
CA SER B 439 12.76 -28.21 10.64
C SER B 439 13.75 -27.56 11.61
N VAL B 440 14.55 -26.61 11.13
CA VAL B 440 15.66 -26.09 11.93
C VAL B 440 15.20 -24.97 12.87
N HIS B 441 14.27 -24.11 12.42
CA HIS B 441 13.91 -22.88 13.11
C HIS B 441 12.42 -22.87 13.50
N TYR B 442 11.91 -24.01 13.96
CA TYR B 442 10.51 -24.04 14.41
C TYR B 442 10.31 -23.21 15.67
N LEU B 443 11.27 -23.26 16.61
CA LEU B 443 11.11 -22.55 17.87
C LEU B 443 11.14 -21.05 17.67
N VAL B 444 12.04 -20.55 16.82
CA VAL B 444 12.14 -19.11 16.59
C VAL B 444 10.90 -18.58 15.91
N LEU B 445 10.35 -19.36 14.98
CA LEU B 445 9.30 -18.85 14.09
C LEU B 445 7.99 -18.59 14.84
N LYS B 446 7.82 -19.18 16.03
CA LYS B 446 6.59 -19.00 16.79
C LYS B 446 6.39 -17.55 17.21
N ASP B 447 7.48 -16.80 17.43
CA ASP B 447 7.37 -15.43 17.91
C ASP B 447 6.71 -14.49 16.90
N MET B 448 6.71 -14.91 15.62
CA MET B 448 6.06 -14.14 14.55
C MET B 448 5.15 -15.01 13.69
N CYS B 449 4.73 -16.18 14.16
CA CYS B 449 3.79 -17.02 13.43
C CYS B 449 2.52 -16.27 13.03
N SER B 450 2.07 -15.30 13.83
CA SER B 450 0.97 -14.44 13.39
C SER B 450 1.32 -13.71 12.09
N SER B 451 2.56 -13.22 11.99
CA SER B 451 2.97 -12.54 10.76
C SER B 451 3.00 -13.50 9.58
N ILE B 452 3.49 -14.73 9.78
CA ILE B 452 3.45 -15.69 8.67
C ILE B 452 2.01 -16.08 8.28
N LEU B 453 1.11 -16.18 9.25
CA LEU B 453 -0.30 -16.38 8.89
C LEU B 453 -0.84 -15.22 8.07
N SER B 454 -0.50 -13.99 8.44
CA SER B 454 -0.96 -12.84 7.65
C SER B 454 -0.34 -12.87 6.25
N LEU B 455 0.94 -13.27 6.16
CA LEU B 455 1.62 -13.36 4.87
C LEU B 455 0.93 -14.38 3.97
N ALA B 456 0.65 -15.57 4.50
CA ALA B 456 0.01 -16.61 3.70
C ALA B 456 -1.41 -16.21 3.34
N GLN B 457 -2.11 -15.52 4.24
CA GLN B 457 -3.45 -15.03 3.93
C GLN B 457 -3.41 -14.02 2.79
N SER B 458 -2.43 -13.12 2.80
CA SER B 458 -2.26 -12.19 1.69
C SER B 458 -1.94 -12.92 0.40
N LEU B 459 -1.08 -13.94 0.47
CA LEU B 459 -0.70 -14.70 -0.72
C LEU B 459 -1.86 -15.54 -1.26
N LEU B 460 -2.85 -15.87 -0.43
CA LEU B 460 -3.98 -16.67 -0.91
C LEU B 460 -4.77 -15.94 -1.98
N HIS B 461 -4.89 -14.62 -1.87
CA HIS B 461 -5.66 -13.86 -2.85
C HIS B 461 -5.00 -13.90 -4.23
N SER B 462 -3.69 -14.07 -4.30
CA SER B 462 -3.02 -14.16 -5.59
C SER B 462 -3.42 -15.44 -6.31
N LEU B 463 -3.67 -15.34 -7.60
CA LEU B 463 -4.14 -16.44 -8.42
C LEU B 463 -3.03 -17.28 -9.04
N ASP B 464 -1.76 -16.91 -8.85
CA ASP B 464 -0.67 -17.69 -9.41
C ASP B 464 -0.58 -19.05 -8.76
N GLN B 465 -0.36 -20.09 -9.58
CA GLN B 465 -0.31 -21.45 -9.05
C GLN B 465 0.88 -21.63 -8.13
N SER B 466 2.03 -21.06 -8.47
CA SER B 466 3.22 -21.18 -7.62
C SER B 466 3.00 -20.53 -6.27
N ILE B 467 2.38 -19.34 -6.27
CA ILE B 467 2.12 -18.64 -5.01
C ILE B 467 1.11 -19.42 -4.17
N ILE B 468 0.11 -20.01 -4.83
CA ILE B 468 -0.90 -20.80 -4.11
C ILE B 468 -0.26 -22.02 -3.47
N SER B 469 0.60 -22.72 -4.22
CA SER B 469 1.31 -23.86 -3.66
C SER B 469 2.22 -23.45 -2.52
N PHE B 470 2.88 -22.29 -2.65
CA PHE B 470 3.69 -21.75 -1.58
C PHE B 470 2.87 -21.51 -0.31
N GLY B 471 1.70 -20.90 -0.47
CA GLY B 471 0.85 -20.65 0.69
C GLY B 471 0.36 -21.92 1.35
N SER B 472 -0.04 -22.90 0.54
CA SER B 472 -0.49 -24.17 1.11
C SER B 472 0.64 -24.88 1.83
N LEU B 473 1.85 -24.85 1.25
CA LEU B 473 3.00 -25.47 1.91
C LEU B 473 3.30 -24.79 3.25
N LEU B 474 3.27 -23.45 3.27
CA LEU B 474 3.52 -22.73 4.53
C LEU B 474 2.46 -23.06 5.57
N TYR B 475 1.19 -23.13 5.15
CA TYR B 475 0.12 -23.44 6.10
C TYR B 475 0.29 -24.84 6.68
N LYS B 476 0.55 -25.83 5.83
CA LYS B 476 0.64 -27.19 6.33
C LYS B 476 1.88 -27.38 7.20
N TYR B 477 3.01 -26.77 6.83
CA TYR B 477 4.19 -26.86 7.67
C TYR B 477 3.97 -26.18 9.03
N ALA B 478 3.33 -25.00 9.02
CA ALA B 478 3.06 -24.30 10.27
C ALA B 478 2.13 -25.11 11.16
N PHE B 479 1.14 -25.78 10.58
CA PHE B 479 0.28 -26.64 11.38
C PHE B 479 1.08 -27.81 11.96
N LYS B 480 1.87 -28.48 11.12
CA LYS B 480 2.48 -29.73 11.56
C LYS B 480 3.65 -29.54 12.51
N PHE B 481 4.23 -28.33 12.57
CA PHE B 481 5.39 -28.08 13.43
C PHE B 481 5.05 -27.37 14.74
N PHE B 482 4.18 -26.37 14.71
CA PHE B 482 3.90 -25.59 15.91
C PHE B 482 2.98 -26.36 16.87
N ASP B 483 2.85 -25.81 18.07
CA ASP B 483 2.05 -26.40 19.13
C ASP B 483 0.57 -26.18 18.86
N THR B 484 -0.28 -26.51 19.84
CA THR B 484 -1.73 -26.41 19.66
C THR B 484 -2.19 -24.97 19.43
N TYR B 485 -1.43 -23.98 19.90
CA TYR B 485 -1.80 -22.58 19.77
C TYR B 485 -1.90 -22.17 18.31
N CYS B 486 -0.76 -22.17 17.61
CA CYS B 486 -0.75 -21.80 16.19
C CYS B 486 -1.60 -22.76 15.36
N GLN B 487 -1.68 -24.03 15.79
CA GLN B 487 -2.57 -24.97 15.14
C GLN B 487 -4.04 -24.57 15.31
N GLN B 488 -4.37 -23.78 16.34
CA GLN B 488 -5.72 -23.24 16.48
C GLN B 488 -5.91 -21.99 15.62
N GLU B 489 -4.95 -21.05 15.65
CA GLU B 489 -5.17 -19.84 14.82
C GLU B 489 -5.11 -20.13 13.33
N VAL B 490 -4.37 -21.16 12.88
CA VAL B 490 -4.35 -21.45 11.44
C VAL B 490 -5.73 -21.92 10.98
N VAL B 491 -6.37 -22.81 11.73
CA VAL B 491 -7.71 -23.24 11.37
C VAL B 491 -8.70 -22.10 11.54
N GLY B 492 -8.46 -21.22 12.53
CA GLY B 492 -9.32 -20.04 12.68
C GLY B 492 -9.25 -19.11 11.48
N ALA B 493 -8.07 -19.00 10.86
CA ALA B 493 -7.96 -18.23 9.63
C ALA B 493 -8.58 -18.96 8.45
N LEU B 494 -8.39 -20.28 8.40
CA LEU B 494 -8.89 -21.05 7.25
C LEU B 494 -10.41 -21.10 7.21
N VAL B 495 -11.07 -21.13 8.38
CA VAL B 495 -12.54 -21.11 8.37
C VAL B 495 -13.05 -19.79 7.81
N THR B 496 -12.39 -18.68 8.16
CA THR B 496 -12.78 -17.40 7.59
C THR B 496 -12.51 -17.36 6.09
N HIS B 497 -11.41 -17.98 5.65
CA HIS B 497 -11.13 -18.03 4.22
C HIS B 497 -12.19 -18.84 3.48
N ILE B 498 -12.67 -19.93 4.08
CA ILE B 498 -13.77 -20.69 3.50
C ILE B 498 -15.01 -19.82 3.45
N CYS B 499 -15.29 -19.08 4.52
CA CYS B 499 -16.45 -18.19 4.55
C CYS B 499 -16.32 -17.01 3.60
N SER B 500 -15.13 -16.70 3.08
CA SER B 500 -14.97 -15.62 2.11
C SER B 500 -15.82 -15.91 0.88
N GLY B 501 -15.77 -17.15 0.37
CA GLY B 501 -16.60 -17.55 -0.73
C GLY B 501 -15.96 -17.46 -2.11
N ASN B 502 -14.78 -16.87 -2.23
CA ASN B 502 -14.10 -16.82 -3.52
C ASN B 502 -13.69 -18.23 -3.93
N GLU B 503 -13.83 -18.51 -5.24
CA GLU B 503 -13.67 -19.88 -5.73
C GLU B 503 -12.23 -20.37 -5.57
N ALA B 504 -11.26 -19.56 -5.96
CA ALA B 504 -9.86 -19.95 -5.78
C ALA B 504 -9.52 -20.08 -4.31
N GLU B 505 -9.92 -19.10 -3.51
CA GLU B 505 -9.61 -19.13 -2.08
C GLU B 505 -10.30 -20.29 -1.38
N VAL B 506 -11.58 -20.52 -1.69
CA VAL B 506 -12.30 -21.59 -1.00
C VAL B 506 -11.76 -22.96 -1.44
N ASP B 507 -11.40 -23.11 -2.71
CA ASP B 507 -10.82 -24.37 -3.17
C ASP B 507 -9.49 -24.63 -2.48
N THR B 508 -8.61 -23.62 -2.44
CA THR B 508 -7.31 -23.79 -1.81
C THR B 508 -7.46 -24.06 -0.31
N ALA B 509 -8.38 -23.35 0.34
CA ALA B 509 -8.59 -23.55 1.77
C ALA B 509 -9.10 -24.95 2.06
N LEU B 510 -10.03 -25.45 1.24
CA LEU B 510 -10.56 -26.79 1.47
C LEU B 510 -9.47 -27.84 1.23
N ASP B 511 -8.66 -27.66 0.20
CA ASP B 511 -7.57 -28.60 -0.05
C ASP B 511 -6.56 -28.58 1.08
N VAL B 512 -6.23 -27.38 1.59
CA VAL B 512 -5.31 -27.28 2.71
C VAL B 512 -5.90 -27.96 3.94
N LEU B 513 -7.19 -27.77 4.19
CA LEU B 513 -7.82 -28.42 5.33
C LEU B 513 -7.82 -29.94 5.19
N LEU B 514 -8.05 -30.43 3.98
CA LEU B 514 -8.08 -31.87 3.75
C LEU B 514 -6.71 -32.49 4.00
N GLU B 515 -5.66 -31.91 3.40
CA GLU B 515 -4.32 -32.45 3.65
C GLU B 515 -3.88 -32.23 5.10
N LEU B 516 -4.39 -31.18 5.75
CA LEU B 516 -4.13 -30.97 7.17
C LEU B 516 -4.71 -32.10 8.01
N VAL B 517 -5.95 -32.48 7.73
CA VAL B 517 -6.58 -33.58 8.44
C VAL B 517 -5.86 -34.89 8.13
N VAL B 518 -5.37 -35.04 6.90
CA VAL B 518 -4.62 -36.24 6.55
C VAL B 518 -3.31 -36.30 7.36
N LEU B 519 -2.67 -35.14 7.57
CA LEU B 519 -1.38 -35.13 8.23
C LEU B 519 -1.48 -35.53 9.70
N ASN B 520 -2.47 -34.99 10.41
CA ASN B 520 -2.56 -35.23 11.85
C ASN B 520 -3.98 -34.96 12.40
N PRO B 521 -4.89 -35.95 12.29
CA PRO B 521 -6.26 -35.71 12.80
C PRO B 521 -6.33 -35.50 14.30
N SER B 522 -5.30 -35.91 15.05
CA SER B 522 -5.35 -35.76 16.51
C SER B 522 -5.42 -34.29 16.92
N ALA B 523 -4.63 -33.44 16.28
CA ALA B 523 -4.72 -32.01 16.55
C ALA B 523 -6.08 -31.46 16.11
N MET B 524 -6.59 -31.94 14.97
CA MET B 524 -7.87 -31.45 14.46
C MET B 524 -9.04 -31.89 15.33
N MET B 525 -8.88 -32.93 16.16
CA MET B 525 -9.97 -33.38 17.03
C MET B 525 -10.39 -32.28 18.00
N MET B 526 -9.43 -31.54 18.55
CA MET B 526 -9.76 -30.41 19.42
C MET B 526 -10.49 -29.32 18.66
N ASN B 527 -10.21 -29.17 17.37
CA ASN B 527 -10.86 -28.15 16.55
C ASN B 527 -12.30 -28.55 16.22
N ALA B 528 -13.25 -28.12 17.05
CA ALA B 528 -14.66 -28.50 16.95
C ALA B 528 -15.56 -27.34 16.56
N VAL B 529 -15.36 -26.16 17.12
CA VAL B 529 -16.21 -25.02 16.79
C VAL B 529 -16.01 -24.58 15.33
N PHE B 530 -14.83 -24.84 14.77
CA PHE B 530 -14.54 -24.36 13.41
C PHE B 530 -15.36 -25.12 12.38
N VAL B 531 -15.49 -26.45 12.54
CA VAL B 531 -16.34 -27.20 11.63
C VAL B 531 -17.80 -26.79 11.79
N LYS B 532 -18.22 -26.46 13.02
CA LYS B 532 -19.58 -25.96 13.23
C LYS B 532 -19.82 -24.66 12.49
N GLY B 533 -18.85 -23.74 12.57
CA GLY B 533 -18.97 -22.50 11.81
C GLY B 533 -18.95 -22.71 10.32
N ILE B 534 -18.19 -23.71 9.85
CA ILE B 534 -18.21 -24.08 8.44
C ILE B 534 -19.60 -24.56 8.05
N LEU B 535 -20.21 -25.42 8.89
CA LEU B 535 -21.52 -25.95 8.58
C LEU B 535 -22.60 -24.87 8.63
N ASP B 536 -22.41 -23.84 9.46
CA ASP B 536 -23.44 -22.81 9.62
C ASP B 536 -23.67 -22.05 8.32
N TYR B 537 -22.60 -21.67 7.63
CA TYR B 537 -22.69 -20.84 6.43
C TYR B 537 -22.75 -21.74 5.19
N LEU B 538 -23.83 -22.51 5.14
CA LEU B 538 -24.09 -23.37 3.98
C LEU B 538 -24.37 -22.56 2.72
N ASP B 539 -24.94 -21.36 2.86
CA ASP B 539 -25.40 -20.61 1.70
C ASP B 539 -24.24 -20.13 0.83
N ASN B 540 -23.18 -19.59 1.44
CA ASN B 540 -22.10 -19.01 0.64
C ASN B 540 -21.33 -20.07 -0.13
N ILE B 541 -21.16 -21.25 0.45
CA ILE B 541 -20.35 -22.28 -0.18
C ILE B 541 -21.14 -22.95 -1.29
N SER B 542 -20.54 -23.05 -2.47
CA SER B 542 -21.23 -23.55 -3.64
C SER B 542 -21.39 -25.08 -3.57
N PRO B 543 -22.32 -25.66 -4.36
CA PRO B 543 -22.51 -27.12 -4.29
C PRO B 543 -21.27 -27.92 -4.70
N GLN B 544 -20.49 -27.42 -5.65
CA GLN B 544 -19.27 -28.12 -6.05
C GLN B 544 -18.29 -28.19 -4.89
N GLN B 545 -18.17 -27.10 -4.14
CA GLN B 545 -17.31 -27.12 -2.95
C GLN B 545 -17.91 -27.98 -1.85
N ILE B 546 -19.24 -27.95 -1.70
CA ILE B 546 -19.92 -28.79 -0.71
C ILE B 546 -19.74 -30.28 -1.01
N ARG B 547 -19.49 -30.63 -2.28
CA ARG B 547 -19.29 -32.04 -2.66
C ARG B 547 -18.14 -32.67 -1.87
N LYS B 548 -17.08 -31.90 -1.60
CA LYS B 548 -15.92 -32.36 -0.86
C LYS B 548 -15.74 -31.69 0.50
N LEU B 549 -16.55 -30.66 0.83
CA LEU B 549 -16.46 -30.05 2.15
C LEU B 549 -16.85 -31.05 3.24
N PHE B 550 -17.91 -31.83 3.00
CA PHE B 550 -18.32 -32.84 3.97
C PHE B 550 -17.29 -33.95 4.11
N TYR B 551 -16.43 -34.14 3.08
CA TYR B 551 -15.39 -35.17 3.14
C TYR B 551 -14.48 -34.97 4.34
N VAL B 552 -14.03 -33.74 4.56
CA VAL B 552 -13.06 -33.47 5.62
C VAL B 552 -13.68 -33.69 6.99
N LEU B 553 -14.88 -33.14 7.21
CA LEU B 553 -15.50 -33.27 8.53
C LEU B 553 -15.90 -34.71 8.82
N SER B 554 -16.40 -35.43 7.82
CA SER B 554 -16.71 -36.84 8.02
C SER B 554 -15.45 -37.65 8.29
N THR B 555 -14.36 -37.33 7.60
CA THR B 555 -13.11 -38.05 7.81
C THR B 555 -12.58 -37.85 9.21
N LEU B 556 -12.52 -36.61 9.67
CA LEU B 556 -12.01 -36.36 11.03
C LEU B 556 -12.97 -36.88 12.09
N ALA B 557 -14.27 -36.92 11.79
CA ALA B 557 -15.21 -37.50 12.74
C ALA B 557 -15.02 -39.00 12.89
N PHE B 558 -14.93 -39.71 11.76
CA PHE B 558 -14.87 -41.16 11.75
C PHE B 558 -13.45 -41.71 11.59
N SER B 559 -12.43 -40.86 11.67
CA SER B 559 -11.06 -41.36 11.63
C SER B 559 -10.75 -42.22 12.85
N LYS B 560 -11.23 -41.81 14.02
CA LYS B 560 -11.00 -42.54 15.27
C LYS B 560 -12.26 -42.44 16.13
N GLN B 561 -12.67 -43.57 16.69
CA GLN B 561 -13.83 -43.59 17.56
C GLN B 561 -13.49 -42.98 18.92
N ASN B 562 -14.27 -42.00 19.37
CA ASN B 562 -13.98 -41.33 20.61
C ASN B 562 -15.20 -40.53 20.98
N GLU B 563 -15.36 -40.16 22.24
CA GLU B 563 -16.44 -39.27 22.68
C GLU B 563 -16.38 -37.93 21.96
N ALA B 564 -15.15 -37.47 21.64
CA ALA B 564 -14.99 -36.32 20.76
C ALA B 564 -15.71 -36.54 19.44
N SER B 565 -15.44 -37.68 18.80
CA SER B 565 -16.16 -38.03 17.57
C SER B 565 -17.64 -38.21 17.83
N SER B 566 -18.02 -38.70 19.01
CA SER B 566 -19.44 -38.93 19.31
C SER B 566 -20.22 -37.63 19.30
N HIS B 567 -19.74 -36.62 20.06
CA HIS B 567 -20.46 -35.35 20.10
C HIS B 567 -20.18 -34.48 18.88
N ILE B 568 -19.15 -34.79 18.10
CA ILE B 568 -19.00 -34.15 16.78
C ILE B 568 -20.00 -34.73 15.79
N GLN B 569 -20.36 -36.01 15.94
CA GLN B 569 -21.25 -36.68 14.99
C GLN B 569 -22.72 -36.45 15.30
N ASP B 570 -23.10 -36.44 16.58
CA ASP B 570 -24.53 -36.36 16.90
C ASP B 570 -25.14 -35.04 16.47
N ASP B 571 -24.43 -33.92 16.70
CA ASP B 571 -25.00 -32.61 16.39
C ASP B 571 -25.06 -32.38 14.88
N MET B 572 -24.02 -32.78 14.14
CA MET B 572 -24.08 -32.63 12.70
C MET B 572 -25.14 -33.56 12.09
N HIS B 573 -25.30 -34.77 12.65
CA HIS B 573 -26.36 -35.65 12.19
C HIS B 573 -27.73 -35.02 12.44
N LEU B 574 -27.92 -34.41 13.61
CA LEU B 574 -29.20 -33.78 13.93
C LEU B 574 -29.48 -32.59 13.01
N VAL B 575 -28.48 -31.75 12.75
CA VAL B 575 -28.74 -30.56 11.95
C VAL B 575 -28.99 -30.93 10.49
N ILE B 576 -28.26 -31.91 9.94
CA ILE B 576 -28.56 -32.32 8.57
C ILE B 576 -29.92 -33.02 8.52
N ARG B 577 -30.29 -33.77 9.57
CA ARG B 577 -31.59 -34.41 9.59
C ARG B 577 -32.72 -33.38 9.58
N LYS B 578 -32.59 -32.32 10.39
CA LYS B 578 -33.65 -31.32 10.42
C LYS B 578 -33.62 -30.43 9.18
N GLN B 579 -32.45 -30.26 8.56
CA GLN B 579 -32.38 -29.58 7.26
C GLN B 579 -33.13 -30.38 6.21
N LEU B 580 -32.94 -31.70 6.19
CA LEU B 580 -33.71 -32.55 5.28
C LEU B 580 -35.19 -32.55 5.64
N SER B 581 -35.52 -32.38 6.91
CA SER B 581 -36.92 -32.34 7.32
C SER B 581 -37.64 -31.13 6.72
N SER B 582 -36.93 -30.03 6.52
CA SER B 582 -37.52 -28.86 5.88
C SER B 582 -37.89 -29.19 4.43
N THR B 583 -39.08 -28.78 4.03
CA THR B 583 -39.57 -29.04 2.68
C THR B 583 -38.96 -28.13 1.62
N VAL B 584 -38.17 -27.12 2.01
CA VAL B 584 -37.54 -26.24 1.05
C VAL B 584 -36.54 -27.02 0.21
N PHE B 585 -36.55 -26.77 -1.10
CA PHE B 585 -35.72 -27.54 -2.01
C PHE B 585 -34.23 -27.26 -1.81
N LYS B 586 -33.87 -26.02 -1.47
CA LYS B 586 -32.47 -25.69 -1.26
C LYS B 586 -31.92 -26.41 -0.03
N TYR B 587 -32.65 -26.35 1.09
CA TYR B 587 -32.22 -27.03 2.30
C TYR B 587 -32.18 -28.54 2.09
N LYS B 588 -33.17 -29.07 1.37
CA LYS B 588 -33.18 -30.50 1.05
C LYS B 588 -31.96 -30.87 0.21
N LEU B 589 -31.60 -30.03 -0.76
CA LEU B 589 -30.45 -30.30 -1.62
C LEU B 589 -29.16 -30.32 -0.81
N ILE B 590 -28.98 -29.32 0.06
CA ILE B 590 -27.75 -29.27 0.86
C ILE B 590 -27.71 -30.47 1.82
N GLY B 591 -28.85 -30.79 2.44
CA GLY B 591 -28.89 -31.90 3.36
C GLY B 591 -28.61 -33.24 2.71
N ILE B 592 -29.19 -33.47 1.52
CA ILE B 592 -28.98 -34.75 0.86
C ILE B 592 -27.54 -34.87 0.37
N ILE B 593 -26.97 -33.77 -0.16
CA ILE B 593 -25.58 -33.83 -0.59
C ILE B 593 -24.65 -34.11 0.59
N GLY B 594 -24.94 -33.51 1.74
CA GLY B 594 -24.15 -33.81 2.93
C GLY B 594 -24.32 -35.25 3.39
N ALA B 595 -25.57 -35.72 3.40
CA ALA B 595 -25.89 -37.01 3.99
C ALA B 595 -25.32 -38.16 3.17
N VAL B 596 -25.36 -38.07 1.83
CA VAL B 596 -24.83 -39.16 1.01
C VAL B 596 -23.33 -39.30 1.22
N THR B 597 -22.60 -38.17 1.26
CA THR B 597 -21.16 -38.23 1.50
C THR B 597 -20.86 -38.73 2.90
N MET B 598 -21.65 -38.31 3.89
CA MET B 598 -21.44 -38.77 5.26
C MET B 598 -21.63 -40.28 5.36
N ALA B 599 -22.70 -40.79 4.76
CA ALA B 599 -22.96 -42.24 4.78
C ALA B 599 -21.84 -43.00 4.08
N GLY B 600 -21.40 -42.51 2.93
CA GLY B 600 -20.31 -43.18 2.23
C GLY B 600 -19.02 -43.18 3.02
N ILE B 601 -18.71 -42.06 3.67
CA ILE B 601 -17.44 -41.98 4.39
C ILE B 601 -17.45 -42.88 5.62
N MET B 602 -18.56 -42.90 6.37
CA MET B 602 -18.59 -43.78 7.54
C MET B 602 -18.65 -45.25 7.13
N ALA B 603 -19.36 -45.56 6.04
CA ALA B 603 -19.53 -46.96 5.66
C ALA B 603 -18.27 -47.55 5.02
N ALA B 604 -17.48 -46.73 4.31
CA ALA B 604 -16.32 -47.24 3.60
C ALA B 604 -15.24 -47.70 4.58
N ASP B 605 -14.52 -48.74 4.17
CA ASP B 605 -13.42 -49.27 4.97
C ASP B 605 -12.53 -50.14 4.09
N ARG B 606 -11.34 -50.43 4.59
CA ARG B 606 -10.40 -51.29 3.88
C ARG B 606 -10.77 -52.76 4.08
N SER B 607 -10.29 -53.58 3.17
CA SER B 607 -10.50 -55.03 3.23
C SER B 607 -9.39 -55.70 4.03
N LEU B 619 -16.00 -52.69 10.83
CA LEU B 619 -17.43 -52.73 10.51
C LEU B 619 -18.12 -53.87 11.26
N SER B 620 -18.72 -53.53 12.39
CA SER B 620 -19.44 -54.49 13.21
C SER B 620 -20.91 -54.55 12.79
N ASP B 621 -21.66 -55.45 13.42
CA ASP B 621 -23.09 -55.56 13.14
C ASP B 621 -23.83 -54.30 13.56
N GLU B 622 -23.43 -53.70 14.69
CA GLU B 622 -24.07 -52.46 15.13
C GLU B 622 -23.84 -51.34 14.12
N GLN B 623 -22.62 -51.24 13.58
CA GLN B 623 -22.34 -50.22 12.57
C GLN B 623 -23.16 -50.47 11.31
N CYS B 624 -23.30 -51.74 10.91
CA CYS B 624 -24.12 -52.07 9.74
C CYS B 624 -25.57 -51.66 9.97
N THR B 625 -26.11 -51.96 11.15
CA THR B 625 -27.48 -51.58 11.46
C THR B 625 -27.64 -50.07 11.44
N GLN B 626 -26.67 -49.35 11.99
CA GLN B 626 -26.78 -47.89 12.05
C GLN B 626 -26.73 -47.27 10.65
N VAL B 627 -25.79 -47.72 9.82
CA VAL B 627 -25.69 -47.14 8.47
C VAL B 627 -26.91 -47.50 7.65
N THR B 628 -27.42 -48.73 7.78
CA THR B 628 -28.63 -49.09 7.05
C THR B 628 -29.82 -48.28 7.53
N SER B 629 -29.93 -48.04 8.84
CA SER B 629 -31.05 -47.28 9.38
C SER B 629 -31.02 -45.84 8.89
N LEU B 630 -29.87 -45.18 8.97
CA LEU B 630 -29.82 -43.80 8.49
C LEU B 630 -29.97 -43.73 6.98
N LEU B 631 -29.50 -44.74 6.25
CA LEU B 631 -29.63 -44.74 4.80
C LEU B 631 -31.10 -44.86 4.39
N GLN B 632 -31.83 -45.81 4.97
CA GLN B 632 -33.25 -45.92 4.63
C GLN B 632 -34.03 -44.73 5.18
N LEU B 633 -33.57 -44.12 6.27
CA LEU B 633 -34.21 -42.90 6.77
C LEU B 633 -34.11 -41.77 5.75
N VAL B 634 -32.91 -41.51 5.25
CA VAL B 634 -32.75 -40.43 4.27
C VAL B 634 -33.44 -40.79 2.97
N HIS B 635 -33.48 -42.08 2.61
CA HIS B 635 -34.19 -42.50 1.41
C HIS B 635 -35.68 -42.21 1.53
N SER B 636 -36.28 -42.56 2.68
CA SER B 636 -37.70 -42.32 2.87
C SER B 636 -38.02 -40.84 2.95
N CYS B 637 -37.16 -40.07 3.64
CA CYS B 637 -37.41 -38.63 3.78
C CYS B 637 -37.33 -37.93 2.43
N SER B 638 -36.36 -38.33 1.59
CA SER B 638 -36.18 -37.75 0.26
C SER B 638 -37.02 -38.44 -0.81
N GLU B 639 -37.85 -39.42 -0.44
CA GLU B 639 -38.62 -40.16 -1.44
C GLU B 639 -39.62 -39.28 -2.16
N GLN B 640 -40.28 -38.37 -1.44
CA GLN B 640 -41.39 -37.62 -2.03
C GLN B 640 -40.90 -36.64 -3.09
N SER B 641 -39.82 -35.93 -2.82
CA SER B 641 -39.35 -34.91 -3.75
C SER B 641 -38.71 -35.59 -4.98
N PRO B 642 -39.14 -35.29 -6.21
CA PRO B 642 -38.53 -36.01 -7.34
C PRO B 642 -37.12 -35.55 -7.66
N GLN B 643 -36.89 -34.23 -7.65
CA GLN B 643 -35.55 -33.72 -7.95
C GLN B 643 -34.55 -34.14 -6.88
N ALA B 644 -34.94 -34.03 -5.61
CA ALA B 644 -34.06 -34.44 -4.53
C ALA B 644 -33.80 -35.94 -4.56
N SER B 645 -34.84 -36.72 -4.89
CA SER B 645 -34.68 -38.19 -5.02
C SER B 645 -33.67 -38.49 -6.10
N ALA B 646 -33.85 -37.89 -7.26
CA ALA B 646 -32.95 -38.15 -8.37
C ALA B 646 -31.52 -37.76 -8.03
N LEU B 647 -31.36 -36.62 -7.36
CA LEU B 647 -30.03 -36.20 -6.93
C LEU B 647 -29.43 -37.21 -5.96
N TYR B 648 -30.25 -37.73 -5.04
CA TYR B 648 -29.78 -38.77 -4.12
C TYR B 648 -29.31 -40.01 -4.88
N TYR B 649 -30.10 -40.46 -5.85
CA TYR B 649 -29.76 -41.67 -6.60
C TYR B 649 -28.46 -41.47 -7.37
N ASP B 650 -28.35 -40.34 -8.08
CA ASP B 650 -27.16 -40.10 -8.89
C ASP B 650 -25.91 -39.93 -8.02
N GLU B 651 -26.03 -39.17 -6.94
CA GLU B 651 -24.87 -38.95 -6.08
C GLU B 651 -24.44 -40.24 -5.39
N PHE B 652 -25.39 -41.05 -4.94
CA PHE B 652 -25.04 -42.32 -4.30
C PHE B 652 -24.43 -43.28 -5.31
N ALA B 653 -24.91 -43.26 -6.56
CA ALA B 653 -24.30 -44.08 -7.59
C ALA B 653 -22.86 -43.66 -7.87
N ASN B 654 -22.61 -42.34 -7.89
CA ASN B 654 -21.26 -41.84 -8.13
C ASN B 654 -20.39 -42.27 -6.97
N LEU B 655 -20.89 -42.13 -5.76
CA LEU B 655 -20.15 -42.53 -4.57
C LEU B 655 -19.77 -44.00 -4.63
N ILE B 656 -20.72 -44.86 -4.99
CA ILE B 656 -20.44 -46.29 -5.07
C ILE B 656 -19.44 -46.57 -6.18
N GLN B 657 -19.51 -45.81 -7.28
CA GLN B 657 -18.60 -46.02 -8.39
C GLN B 657 -17.16 -45.68 -8.00
N HIS B 658 -16.96 -44.50 -7.41
CA HIS B 658 -15.62 -43.96 -7.17
C HIS B 658 -15.11 -44.18 -5.75
N GLU B 659 -15.78 -45.03 -4.96
CA GLU B 659 -15.29 -45.38 -3.63
C GLU B 659 -15.69 -46.83 -3.32
N LYS B 660 -14.97 -47.41 -2.37
CA LYS B 660 -15.19 -48.78 -1.93
C LYS B 660 -16.06 -48.80 -0.69
N LEU B 661 -16.98 -49.76 -0.65
CA LEU B 661 -17.90 -49.97 0.46
C LEU B 661 -17.70 -51.35 1.05
N ASP B 662 -18.08 -51.50 2.32
CA ASP B 662 -17.96 -52.79 2.97
C ASP B 662 -18.93 -53.78 2.32
N PRO B 663 -18.66 -55.09 2.40
CA PRO B 663 -19.53 -56.04 1.67
C PRO B 663 -20.95 -56.10 2.20
N LYS B 664 -21.14 -56.03 3.52
CA LYS B 664 -22.47 -56.21 4.09
C LYS B 664 -23.39 -55.05 3.74
N ALA B 665 -22.93 -53.81 3.96
CA ALA B 665 -23.76 -52.66 3.62
C ALA B 665 -24.01 -52.57 2.12
N LEU B 666 -22.98 -52.86 1.32
CA LEU B 666 -23.12 -52.83 -0.14
C LEU B 666 -24.13 -53.84 -0.63
N GLU B 667 -24.03 -55.10 -0.18
CA GLU B 667 -25.00 -56.09 -0.62
C GLU B 667 -26.39 -55.80 -0.07
N TRP B 668 -26.50 -55.20 1.13
CA TRP B 668 -27.80 -54.83 1.66
C TRP B 668 -28.48 -53.79 0.79
N VAL B 669 -27.77 -52.71 0.47
CA VAL B 669 -28.38 -51.65 -0.33
C VAL B 669 -28.67 -52.16 -1.73
N GLY B 670 -27.79 -53.01 -2.28
CA GLY B 670 -28.06 -53.59 -3.58
C GLY B 670 -29.29 -54.47 -3.59
N HIS B 671 -29.45 -55.30 -2.56
CA HIS B 671 -30.64 -56.14 -2.46
C HIS B 671 -31.90 -55.31 -2.34
N THR B 672 -31.87 -54.28 -1.48
CA THR B 672 -33.07 -53.47 -1.28
C THR B 672 -33.45 -52.70 -2.54
N ILE B 673 -32.47 -52.08 -3.21
CA ILE B 673 -32.78 -51.30 -4.39
C ILE B 673 -33.19 -52.22 -5.54
N CYS B 674 -32.61 -53.42 -5.62
CA CYS B 674 -33.04 -54.38 -6.63
C CYS B 674 -34.48 -54.81 -6.40
N ASN B 675 -34.85 -55.05 -5.14
CA ASN B 675 -36.24 -55.40 -4.83
C ASN B 675 -37.18 -54.26 -5.18
N ASP B 676 -36.79 -53.04 -4.85
CA ASP B 676 -37.63 -51.88 -5.16
C ASP B 676 -37.80 -51.70 -6.67
N PHE B 677 -36.72 -51.86 -7.43
CA PHE B 677 -36.81 -51.73 -8.87
C PHE B 677 -37.67 -52.82 -9.48
N GLN B 678 -37.52 -54.07 -8.99
CA GLN B 678 -38.32 -55.16 -9.53
C GLN B 678 -39.79 -54.98 -9.21
N ASP B 679 -40.11 -54.51 -8.00
CA ASP B 679 -41.51 -54.33 -7.62
C ASP B 679 -42.13 -53.11 -8.30
N ALA B 680 -41.33 -52.08 -8.60
CA ALA B 680 -41.90 -50.83 -9.10
C ALA B 680 -42.18 -50.89 -10.59
N PHE B 681 -41.13 -51.08 -11.40
CA PHE B 681 -41.21 -50.89 -12.84
C PHE B 681 -41.46 -52.18 -13.62
N VAL B 682 -40.78 -53.28 -13.25
CA VAL B 682 -40.86 -54.51 -14.03
C VAL B 682 -42.26 -55.10 -13.89
N VAL B 683 -42.89 -55.41 -15.02
CA VAL B 683 -44.24 -55.96 -15.06
C VAL B 683 -44.32 -56.99 -16.19
N ASP B 684 -45.46 -57.67 -16.25
CA ASP B 684 -45.69 -58.71 -17.24
C ASP B 684 -45.76 -58.12 -18.64
N SER B 685 -45.49 -58.96 -19.64
CA SER B 685 -45.54 -58.52 -21.03
C SER B 685 -46.95 -58.12 -21.45
N CYS B 686 -47.98 -58.66 -20.83
CA CYS B 686 -49.34 -58.26 -21.14
C CYS B 686 -49.54 -56.79 -20.77
N VAL B 687 -50.10 -56.03 -21.70
CA VAL B 687 -50.22 -54.58 -21.57
C VAL B 687 -51.57 -54.25 -20.93
N VAL B 688 -51.53 -53.49 -19.85
CA VAL B 688 -52.71 -53.04 -19.13
C VAL B 688 -52.76 -51.52 -19.21
N PRO B 689 -53.53 -50.94 -20.14
CA PRO B 689 -53.69 -49.49 -20.15
C PRO B 689 -54.31 -48.97 -18.86
N GLU B 690 -53.81 -47.82 -18.40
CA GLU B 690 -54.27 -47.16 -17.19
C GLU B 690 -54.41 -45.66 -17.45
N GLY B 691 -55.42 -45.07 -16.82
CA GLY B 691 -55.71 -43.66 -17.02
C GLY B 691 -56.51 -43.34 -18.26
N ASP B 692 -56.85 -44.33 -19.09
CA ASP B 692 -57.63 -44.13 -20.30
C ASP B 692 -56.95 -43.16 -21.25
N PHE B 693 -55.63 -43.32 -21.41
CA PHE B 693 -54.90 -42.48 -22.35
C PHE B 693 -55.36 -42.78 -23.78
N PRO B 694 -55.33 -41.78 -24.68
CA PRO B 694 -55.94 -41.97 -26.00
C PRO B 694 -55.06 -42.71 -26.99
N PHE B 695 -53.74 -42.71 -26.80
CA PHE B 695 -52.82 -43.26 -27.79
C PHE B 695 -52.64 -44.76 -27.54
N PRO B 696 -53.03 -45.65 -28.47
CA PRO B 696 -52.76 -47.07 -28.23
C PRO B 696 -51.27 -47.37 -28.24
N VAL B 697 -50.88 -48.39 -27.48
CA VAL B 697 -49.48 -48.72 -27.21
C VAL B 697 -49.18 -50.12 -27.74
N LYS B 698 -48.10 -50.22 -28.51
CA LYS B 698 -47.61 -51.48 -29.06
C LYS B 698 -46.15 -51.66 -28.65
N ALA B 699 -45.70 -52.92 -28.63
CA ALA B 699 -44.33 -53.21 -28.25
C ALA B 699 -43.36 -52.66 -29.29
N LEU B 700 -42.29 -52.01 -28.80
CA LEU B 700 -41.27 -51.47 -29.68
C LEU B 700 -39.96 -51.39 -28.91
N TYR B 701 -38.86 -51.28 -29.66
CA TYR B 701 -37.53 -51.01 -29.13
C TYR B 701 -37.09 -52.11 -28.16
N GLY B 702 -36.94 -53.33 -28.71
CA GLY B 702 -36.49 -54.46 -27.94
C GLY B 702 -35.68 -55.45 -28.75
N LEU B 703 -35.43 -56.62 -28.19
CA LEU B 703 -34.69 -57.65 -28.90
C LEU B 703 -35.46 -58.10 -30.13
N GLU B 704 -34.72 -58.31 -31.23
CA GLU B 704 -35.38 -58.64 -32.50
C GLU B 704 -36.07 -59.98 -32.46
N GLU B 705 -35.54 -60.95 -31.69
CA GLU B 705 -36.13 -62.26 -31.55
C GLU B 705 -37.11 -62.35 -30.37
N TYR B 706 -37.64 -61.22 -29.91
CA TYR B 706 -38.53 -61.22 -28.76
C TYR B 706 -39.85 -61.91 -29.11
N ASP B 707 -40.42 -62.59 -28.12
CA ASP B 707 -41.67 -63.32 -28.25
C ASP B 707 -42.52 -63.09 -27.01
N THR B 708 -43.78 -63.52 -27.09
CA THR B 708 -44.70 -63.34 -25.97
C THR B 708 -44.33 -64.21 -24.77
N GLN B 709 -43.51 -65.25 -24.96
CA GLN B 709 -43.09 -66.06 -23.82
C GLN B 709 -42.29 -65.25 -22.82
N ASP B 710 -41.38 -64.40 -23.31
CA ASP B 710 -40.62 -63.52 -22.44
C ASP B 710 -41.56 -62.47 -21.85
N GLY B 711 -41.84 -62.59 -20.56
CA GLY B 711 -42.81 -61.75 -19.87
C GLY B 711 -42.33 -60.41 -19.39
N ILE B 712 -41.03 -60.11 -19.51
CA ILE B 712 -40.50 -58.88 -18.93
C ILE B 712 -40.98 -57.68 -19.73
N ALA B 713 -41.38 -56.63 -19.03
CA ALA B 713 -41.80 -55.40 -19.68
C ALA B 713 -41.70 -54.23 -18.69
N ILE B 714 -41.67 -53.03 -19.24
CA ILE B 714 -41.55 -51.78 -18.49
C ILE B 714 -42.77 -50.92 -18.80
N ASN B 715 -43.42 -50.36 -17.77
CA ASN B 715 -44.65 -49.57 -17.93
C ASN B 715 -44.41 -48.11 -17.58
N LEU B 716 -43.33 -47.56 -18.09
CA LEU B 716 -42.98 -46.18 -17.80
C LEU B 716 -44.05 -45.21 -18.29
N LEU B 717 -44.67 -45.49 -19.42
CA LEU B 717 -45.57 -44.52 -20.03
C LEU B 717 -46.92 -44.48 -19.33
N PRO B 718 -47.52 -45.62 -18.91
CA PRO B 718 -48.71 -45.53 -18.05
C PRO B 718 -48.47 -44.74 -16.76
N LEU B 719 -47.32 -44.95 -16.12
CA LEU B 719 -47.06 -44.24 -14.87
C LEU B 719 -46.84 -42.75 -15.11
N LEU B 720 -46.14 -42.40 -16.19
CA LEU B 720 -45.95 -40.99 -16.51
C LEU B 720 -47.28 -40.32 -16.86
N PHE B 721 -48.15 -41.04 -17.59
CA PHE B 721 -49.47 -40.49 -17.89
C PHE B 721 -50.29 -40.32 -16.62
N SER B 722 -50.22 -41.28 -15.70
CA SER B 722 -51.00 -41.19 -14.47
C SER B 722 -50.53 -40.04 -13.59
N GLN B 723 -49.22 -39.93 -13.37
CA GLN B 723 -48.71 -38.88 -12.50
C GLN B 723 -48.85 -37.51 -13.16
N ASP B 724 -48.65 -37.42 -14.47
CA ASP B 724 -48.82 -36.14 -15.16
C ASP B 724 -50.27 -35.69 -15.15
N PHE B 725 -51.18 -36.60 -15.46
CA PHE B 725 -52.62 -36.31 -15.52
C PHE B 725 -53.33 -36.86 -14.29
N LYS B 740 -46.77 -43.54 -4.86
CA LYS B 740 -45.92 -42.38 -4.64
C LYS B 740 -44.44 -42.78 -4.63
N LEU B 741 -44.15 -44.01 -4.20
CA LEU B 741 -42.77 -44.49 -4.20
C LEU B 741 -42.24 -44.60 -5.62
N VAL B 742 -43.08 -45.05 -6.57
CA VAL B 742 -42.67 -45.16 -7.96
C VAL B 742 -42.41 -43.77 -8.53
N SER B 743 -41.35 -43.65 -9.32
CA SER B 743 -40.95 -42.37 -9.90
C SER B 743 -40.15 -42.65 -11.18
N PRO B 744 -40.81 -43.12 -12.24
CA PRO B 744 -40.07 -43.41 -13.48
C PRO B 744 -39.54 -42.18 -14.20
N LEU B 745 -39.98 -40.97 -13.84
CA LEU B 745 -39.44 -39.76 -14.44
C LEU B 745 -37.94 -39.60 -14.17
N CYS B 746 -37.44 -40.23 -13.10
CA CYS B 746 -36.00 -40.32 -12.82
C CYS B 746 -35.56 -41.78 -12.93
N LEU B 747 -36.03 -42.46 -13.98
CA LEU B 747 -35.69 -43.87 -14.17
C LEU B 747 -34.19 -44.07 -14.36
N ALA B 748 -33.51 -43.15 -15.03
CA ALA B 748 -32.11 -43.36 -15.38
C ALA B 748 -31.20 -43.49 -14.17
N PRO B 749 -31.29 -42.65 -13.13
CA PRO B 749 -30.46 -42.88 -11.94
C PRO B 749 -30.66 -44.23 -11.27
N TYR B 750 -31.92 -44.71 -11.17
CA TYR B 750 -32.22 -46.00 -10.55
C TYR B 750 -31.42 -47.13 -11.16
N PHE B 751 -31.49 -47.25 -12.48
CA PHE B 751 -30.77 -48.30 -13.18
C PHE B 751 -29.26 -48.17 -12.94
N ARG B 752 -28.75 -46.94 -12.85
CA ARG B 752 -27.33 -46.75 -12.60
C ARG B 752 -26.94 -47.37 -11.27
N LEU B 753 -27.78 -47.19 -10.24
CA LEU B 753 -27.51 -47.82 -8.96
C LEU B 753 -27.47 -49.34 -9.12
N LEU B 754 -28.46 -49.88 -9.85
CA LEU B 754 -28.47 -51.31 -10.15
C LEU B 754 -27.22 -51.68 -10.93
N ARG B 755 -26.86 -50.83 -11.92
CA ARG B 755 -25.70 -51.10 -12.75
C ARG B 755 -24.42 -51.14 -11.94
N LEU B 756 -24.40 -50.43 -10.81
CA LEU B 756 -23.26 -50.53 -9.90
C LEU B 756 -23.41 -51.73 -8.98
N CYS B 757 -24.59 -51.89 -8.37
CA CYS B 757 -24.68 -52.69 -7.15
C CYS B 757 -24.42 -54.17 -7.43
N VAL B 758 -25.12 -54.73 -8.42
CA VAL B 758 -24.88 -56.11 -8.81
C VAL B 758 -23.44 -56.29 -9.29
N GLU B 759 -22.88 -55.26 -9.93
CA GLU B 759 -21.50 -55.35 -10.41
C GLU B 759 -20.53 -55.46 -9.25
N ARG B 760 -20.90 -54.92 -8.08
CA ARG B 760 -20.08 -55.14 -6.90
C ARG B 760 -20.24 -56.56 -6.37
N GLN B 761 -21.47 -57.09 -6.42
CA GLN B 761 -21.73 -58.40 -5.83
C GLN B 761 -21.31 -59.52 -6.78
N HIS B 762 -21.78 -59.48 -8.02
CA HIS B 762 -21.51 -60.53 -8.99
C HIS B 762 -20.20 -60.35 -9.74
N ASN B 763 -19.54 -59.18 -9.61
CA ASN B 763 -18.30 -58.91 -10.35
C ASN B 763 -18.61 -59.14 -11.81
N GLY B 764 -19.55 -58.38 -12.36
CA GLY B 764 -20.02 -58.60 -13.71
C GLY B 764 -20.91 -59.83 -13.77
N ASN B 765 -21.00 -60.50 -14.93
CA ASN B 765 -21.84 -61.70 -15.08
C ASN B 765 -23.26 -61.33 -14.69
N LEU B 766 -23.92 -60.49 -15.51
CA LEU B 766 -25.24 -59.97 -15.16
C LEU B 766 -26.25 -60.47 -16.19
N GLU B 767 -26.80 -61.66 -15.90
CA GLU B 767 -27.82 -62.24 -16.78
C GLU B 767 -29.18 -61.58 -16.56
N GLU B 768 -29.52 -61.24 -15.32
CA GLU B 768 -30.80 -60.59 -15.04
C GLU B 768 -30.86 -59.22 -15.71
N ILE B 769 -29.75 -58.47 -15.70
CA ILE B 769 -29.75 -57.18 -16.37
C ILE B 769 -29.81 -57.36 -17.88
N ASP B 770 -29.25 -58.45 -18.40
CA ASP B 770 -29.42 -58.77 -19.81
C ASP B 770 -30.88 -59.03 -20.13
N GLY B 771 -31.59 -59.72 -19.22
CA GLY B 771 -33.02 -59.88 -19.39
C GLY B 771 -33.76 -58.56 -19.37
N LEU B 772 -33.32 -57.62 -18.52
CA LEU B 772 -33.90 -56.28 -18.54
C LEU B 772 -33.66 -55.60 -19.87
N LEU B 773 -32.45 -55.77 -20.43
CA LEU B 773 -32.14 -55.21 -21.75
C LEU B 773 -33.05 -55.78 -22.83
N ASP B 774 -33.25 -57.10 -22.82
CA ASP B 774 -33.86 -57.76 -23.98
C ASP B 774 -35.33 -57.40 -24.13
N CYS B 775 -35.98 -56.94 -23.06
CA CYS B 775 -37.40 -56.64 -23.15
C CYS B 775 -37.63 -55.38 -23.98
N PRO B 776 -38.79 -55.22 -24.63
CA PRO B 776 -39.11 -53.96 -25.28
C PRO B 776 -39.81 -53.02 -24.30
N ILE B 777 -40.19 -51.85 -24.81
CA ILE B 777 -41.08 -50.90 -24.14
C ILE B 777 -42.34 -50.81 -24.99
N PHE B 778 -43.50 -50.87 -24.35
CA PHE B 778 -44.78 -50.73 -25.05
C PHE B 778 -45.13 -49.24 -25.09
N LEU B 779 -45.17 -48.69 -26.29
CA LEU B 779 -45.49 -47.29 -26.53
C LEU B 779 -46.22 -47.18 -27.86
N THR B 780 -46.89 -46.05 -28.05
CA THR B 780 -47.50 -45.78 -29.34
C THR B 780 -46.42 -45.63 -30.41
N ASP B 781 -46.79 -45.93 -31.66
CA ASP B 781 -45.88 -45.73 -32.78
C ASP B 781 -45.75 -44.24 -33.05
N LEU B 782 -45.00 -43.54 -32.20
CA LEU B 782 -44.99 -42.09 -32.23
C LEU B 782 -44.24 -41.59 -33.46
N GLU B 783 -44.83 -40.61 -34.13
CA GLU B 783 -44.29 -40.00 -35.34
C GLU B 783 -44.52 -38.50 -35.24
N PRO B 784 -43.95 -37.68 -36.12
CA PRO B 784 -44.21 -36.24 -36.08
C PRO B 784 -45.68 -35.93 -36.30
N GLY B 785 -46.13 -34.83 -35.70
CA GLY B 785 -47.52 -34.42 -35.80
C GLY B 785 -47.95 -33.95 -37.17
N GLU B 786 -47.00 -33.74 -38.11
CA GLU B 786 -47.35 -33.29 -39.45
C GLU B 786 -48.23 -34.29 -40.20
N LYS B 787 -48.22 -35.57 -39.79
CA LYS B 787 -49.14 -36.54 -40.39
C LYS B 787 -50.60 -36.16 -40.15
N LEU B 788 -50.88 -35.46 -39.04
CA LEU B 788 -52.21 -34.94 -38.74
C LEU B 788 -52.20 -33.49 -38.28
N GLU B 789 -51.04 -32.81 -38.34
CA GLU B 789 -50.89 -31.43 -37.87
C GLU B 789 -51.30 -31.31 -36.39
N SER B 790 -50.59 -32.06 -35.56
CA SER B 790 -50.89 -32.11 -34.14
C SER B 790 -50.56 -30.77 -33.49
N MET B 791 -51.56 -30.13 -32.91
CA MET B 791 -51.34 -28.90 -32.17
C MET B 791 -50.60 -29.21 -30.87
N SER B 792 -49.78 -28.24 -30.44
CA SER B 792 -48.95 -28.41 -29.24
C SER B 792 -49.83 -28.24 -27.99
N ALA B 793 -50.65 -29.26 -27.74
CA ALA B 793 -51.56 -29.29 -26.61
C ALA B 793 -50.87 -29.94 -25.42
N LYS B 794 -51.64 -30.21 -24.36
CA LYS B 794 -51.08 -30.88 -23.19
C LYS B 794 -50.65 -32.31 -23.54
N GLU B 795 -51.45 -33.01 -24.34
CA GLU B 795 -51.08 -34.36 -24.75
C GLU B 795 -49.82 -34.35 -25.60
N ARG B 796 -49.71 -33.40 -26.53
CA ARG B 796 -48.50 -33.32 -27.34
C ARG B 796 -47.29 -32.88 -26.51
N SER B 797 -47.52 -32.01 -25.53
CA SER B 797 -46.43 -31.64 -24.61
C SER B 797 -45.94 -32.84 -23.82
N PHE B 798 -46.88 -33.68 -23.36
CA PHE B 798 -46.50 -34.91 -22.65
C PHE B 798 -45.74 -35.86 -23.56
N MET B 799 -46.20 -36.00 -24.81
CA MET B 799 -45.53 -36.90 -25.75
C MET B 799 -44.12 -36.40 -26.06
N CYS B 800 -43.96 -35.09 -26.24
CA CYS B 800 -42.62 -34.53 -26.46
C CYS B 800 -41.77 -34.62 -25.20
N SER B 801 -42.39 -34.61 -24.02
CA SER B 801 -41.63 -34.81 -22.79
C SER B 801 -41.10 -36.23 -22.68
N LEU B 802 -41.85 -37.21 -23.19
CA LEU B 802 -41.44 -38.60 -23.08
C LEU B 802 -40.14 -38.91 -23.82
N ILE B 803 -39.81 -38.10 -24.84
CA ILE B 803 -38.67 -38.44 -25.69
C ILE B 803 -37.35 -38.32 -24.92
N PHE B 804 -37.26 -37.34 -24.02
CA PHE B 804 -36.01 -37.14 -23.28
C PHE B 804 -35.75 -38.32 -22.33
N LEU B 805 -36.77 -38.75 -21.60
CA LEU B 805 -36.56 -39.86 -20.68
C LEU B 805 -36.34 -41.17 -21.41
N THR B 806 -36.99 -41.37 -22.57
CA THR B 806 -36.71 -42.57 -23.35
C THR B 806 -35.27 -42.56 -23.85
N LEU B 807 -34.80 -41.41 -24.33
CA LEU B 807 -33.42 -41.32 -24.82
C LEU B 807 -32.43 -41.51 -23.69
N ASN B 808 -32.73 -40.98 -22.50
CA ASN B 808 -31.85 -41.19 -21.35
C ASN B 808 -31.77 -42.66 -20.98
N TRP B 809 -32.91 -43.35 -21.00
CA TRP B 809 -32.90 -44.78 -20.70
C TRP B 809 -32.08 -45.56 -21.72
N PHE B 810 -32.33 -45.29 -23.01
CA PHE B 810 -31.60 -46.00 -24.07
C PHE B 810 -30.14 -45.57 -24.17
N ARG B 811 -29.75 -44.45 -23.54
CA ARG B 811 -28.34 -44.09 -23.46
C ARG B 811 -27.67 -44.79 -22.28
N GLU B 812 -28.34 -44.83 -21.12
CA GLU B 812 -27.73 -45.50 -19.98
C GLU B 812 -27.65 -47.00 -20.19
N ILE B 813 -28.55 -47.58 -20.98
CA ILE B 813 -28.47 -49.03 -21.20
C ILE B 813 -27.22 -49.38 -22.00
N VAL B 814 -26.90 -48.58 -23.02
CA VAL B 814 -25.66 -48.81 -23.77
C VAL B 814 -24.45 -48.41 -22.92
N ASN B 815 -24.66 -47.52 -21.95
CA ASN B 815 -23.58 -47.17 -21.02
C ASN B 815 -23.28 -48.40 -20.19
N ALA B 816 -24.32 -49.11 -19.76
CA ALA B 816 -24.15 -50.28 -18.93
C ALA B 816 -23.49 -51.42 -19.70
N PHE B 817 -24.00 -51.71 -20.89
CA PHE B 817 -23.62 -52.94 -21.60
C PHE B 817 -22.39 -52.79 -22.49
N CYS B 818 -21.76 -51.62 -22.54
CA CYS B 818 -20.57 -51.47 -23.35
C CYS B 818 -19.42 -52.35 -22.88
N GLN B 819 -19.23 -52.44 -21.56
CA GLN B 819 -18.08 -53.13 -21.01
C GLN B 819 -18.14 -54.65 -21.25
N GLU B 820 -19.33 -55.21 -21.44
CA GLU B 820 -19.43 -56.65 -21.64
C GLU B 820 -18.75 -57.06 -22.94
N THR B 821 -17.91 -58.09 -22.85
CA THR B 821 -17.02 -58.48 -23.94
C THR B 821 -17.54 -59.66 -24.76
N SER B 822 -18.78 -60.12 -24.52
CA SER B 822 -19.29 -61.23 -25.29
C SER B 822 -19.52 -60.78 -26.75
N PRO B 823 -19.27 -61.65 -27.75
CA PRO B 823 -19.35 -61.18 -29.14
C PRO B 823 -20.78 -61.06 -29.67
N GLU B 824 -21.66 -62.00 -29.30
CA GLU B 824 -23.00 -62.02 -29.86
C GLU B 824 -23.81 -60.80 -29.40
N MET B 825 -23.65 -60.40 -28.14
CA MET B 825 -24.45 -59.32 -27.60
C MET B 825 -24.07 -57.95 -28.15
N LYS B 826 -22.94 -57.82 -28.85
CA LYS B 826 -22.47 -56.51 -29.30
C LYS B 826 -23.51 -55.85 -30.20
N GLY B 827 -24.04 -56.59 -31.17
CA GLY B 827 -25.06 -56.06 -32.05
C GLY B 827 -26.27 -55.54 -31.31
N LYS B 828 -26.59 -56.15 -30.15
CA LYS B 828 -27.72 -55.68 -29.36
C LYS B 828 -27.55 -54.22 -28.95
N VAL B 829 -26.35 -53.87 -28.44
CA VAL B 829 -26.18 -52.48 -28.05
C VAL B 829 -26.16 -51.60 -29.29
N LEU B 830 -25.70 -52.13 -30.43
CA LEU B 830 -25.75 -51.36 -31.66
C LEU B 830 -27.19 -51.06 -32.04
N THR B 831 -28.11 -52.00 -31.77
CA THR B 831 -29.52 -51.74 -32.07
C THR B 831 -30.02 -50.57 -31.24
N ARG B 832 -29.52 -50.43 -30.00
CA ARG B 832 -29.90 -49.29 -29.19
C ARG B 832 -29.46 -47.99 -29.85
N LEU B 833 -28.26 -47.98 -30.45
CA LEU B 833 -27.85 -46.82 -31.22
C LEU B 833 -28.85 -46.56 -32.34
N LYS B 834 -29.19 -47.62 -33.08
CA LYS B 834 -30.15 -47.50 -34.16
C LYS B 834 -31.50 -47.01 -33.65
N HIS B 835 -31.83 -47.25 -32.38
CA HIS B 835 -33.06 -46.67 -31.84
C HIS B 835 -32.88 -45.18 -31.62
N ILE B 836 -31.88 -44.79 -30.83
CA ILE B 836 -31.82 -43.42 -30.33
C ILE B 836 -31.64 -42.43 -31.47
N VAL B 837 -30.90 -42.84 -32.50
CA VAL B 837 -30.68 -41.98 -33.66
C VAL B 837 -32.00 -41.58 -34.29
N GLU B 838 -32.91 -42.54 -34.52
CA GLU B 838 -34.18 -42.14 -35.11
C GLU B 838 -35.00 -41.35 -34.11
N LEU B 839 -34.88 -41.70 -32.83
CA LEU B 839 -35.54 -40.90 -31.80
C LEU B 839 -34.96 -39.50 -31.79
N GLN B 840 -33.64 -39.39 -32.00
CA GLN B 840 -33.02 -38.07 -32.06
C GLN B 840 -33.57 -37.29 -33.23
N ILE B 841 -33.79 -37.97 -34.37
CA ILE B 841 -34.42 -37.30 -35.50
C ILE B 841 -35.82 -36.85 -35.09
N ILE B 842 -36.57 -37.74 -34.44
CA ILE B 842 -37.89 -37.40 -33.93
C ILE B 842 -37.77 -36.24 -32.94
N LEU B 843 -36.71 -36.26 -32.11
CA LEU B 843 -36.52 -35.22 -31.12
C LEU B 843 -36.36 -33.87 -31.80
N GLU B 844 -35.50 -33.81 -32.83
CA GLU B 844 -35.29 -32.49 -33.44
C GLU B 844 -36.53 -32.07 -34.22
N LYS B 845 -37.34 -33.03 -34.69
CA LYS B 845 -38.59 -32.65 -35.34
C LYS B 845 -39.52 -31.99 -34.33
N TYR B 846 -39.55 -32.50 -33.10
CA TYR B 846 -40.34 -31.84 -32.07
C TYR B 846 -39.74 -30.48 -31.69
N LEU B 847 -38.43 -30.30 -31.91
CA LEU B 847 -37.86 -28.97 -31.79
C LEU B 847 -38.21 -28.11 -32.99
N ALA B 848 -38.37 -28.72 -34.17
CA ALA B 848 -38.68 -27.94 -35.37
C ALA B 848 -40.10 -27.40 -35.32
N VAL B 849 -41.06 -28.24 -34.96
CA VAL B 849 -42.45 -27.81 -34.95
C VAL B 849 -42.76 -26.98 -33.71
N THR B 850 -42.06 -27.20 -32.60
CA THR B 850 -42.26 -26.46 -31.35
C THR B 850 -40.91 -26.06 -30.77
N PRO B 851 -40.21 -25.10 -31.40
CA PRO B 851 -38.93 -24.66 -30.81
C PRO B 851 -39.09 -23.98 -29.48
N ASP B 852 -40.18 -23.22 -29.28
CA ASP B 852 -40.35 -22.46 -28.05
C ASP B 852 -40.59 -23.37 -26.86
N TYR B 853 -41.43 -24.39 -27.03
CA TYR B 853 -41.74 -25.29 -25.92
C TYR B 853 -40.54 -26.18 -25.62
N VAL B 854 -40.22 -26.32 -24.34
CA VAL B 854 -39.09 -27.11 -23.86
C VAL B 854 -39.56 -27.93 -22.66
N PRO B 855 -39.64 -29.25 -22.71
CA PRO B 855 -39.98 -30.01 -21.50
C PRO B 855 -38.90 -29.88 -20.44
N PRO B 856 -39.23 -30.08 -19.16
CA PRO B 856 -38.21 -29.95 -18.11
C PRO B 856 -37.46 -31.25 -17.87
N LEU B 857 -36.27 -31.11 -17.28
CA LEU B 857 -35.47 -32.26 -16.90
C LEU B 857 -34.46 -31.80 -15.85
N GLY B 858 -34.28 -32.63 -14.83
CA GLY B 858 -33.34 -32.33 -13.77
C GLY B 858 -31.90 -32.32 -14.24
N LEU B 933 -30.91 -24.62 -30.90
CA LEU B 933 -31.49 -24.90 -29.60
C LEU B 933 -31.12 -26.31 -29.13
N LEU B 934 -31.15 -27.26 -30.06
CA LEU B 934 -30.87 -28.65 -29.71
C LEU B 934 -29.43 -28.84 -29.25
N LEU B 935 -28.50 -28.01 -29.73
CA LEU B 935 -27.12 -28.12 -29.28
C LEU B 935 -26.99 -27.76 -27.80
N HIS B 936 -27.67 -26.69 -27.37
CA HIS B 936 -27.65 -26.33 -25.96
C HIS B 936 -28.36 -27.37 -25.11
N ASN B 937 -29.47 -27.90 -25.62
CA ASN B 937 -30.27 -28.84 -24.84
C ASN B 937 -29.66 -30.24 -24.76
N SER B 938 -28.80 -30.62 -25.69
CA SER B 938 -28.31 -31.99 -25.73
C SER B 938 -27.40 -32.30 -24.54
N HIS B 939 -26.42 -31.45 -24.28
CA HIS B 939 -25.51 -31.69 -23.16
C HIS B 939 -26.23 -31.57 -21.83
N ALA B 940 -27.22 -30.68 -21.73
CA ALA B 940 -27.92 -30.50 -20.45
C ALA B 940 -28.84 -31.67 -20.15
N PHE B 941 -29.60 -32.13 -21.14
CA PHE B 941 -30.63 -33.14 -20.92
C PHE B 941 -30.08 -34.56 -20.96
N PHE B 942 -29.32 -34.89 -21.99
CA PHE B 942 -28.81 -36.24 -22.15
C PHE B 942 -27.79 -36.56 -21.06
N ARG B 943 -27.91 -37.75 -20.49
CA ARG B 943 -27.00 -38.18 -19.44
C ARG B 943 -25.60 -38.43 -20.01
N GLU B 944 -24.59 -38.20 -19.18
CA GLU B 944 -23.22 -38.42 -19.58
C GLU B 944 -22.97 -39.92 -19.77
N LEU B 945 -21.84 -40.22 -20.41
CA LEU B 945 -21.45 -41.60 -20.71
C LEU B 945 -19.96 -41.78 -20.41
N ASP B 946 -19.62 -42.97 -19.93
CA ASP B 946 -18.24 -43.28 -19.61
C ASP B 946 -17.40 -43.36 -20.88
N ILE B 947 -16.09 -43.19 -20.71
CA ILE B 947 -15.18 -43.34 -21.84
C ILE B 947 -15.18 -44.78 -22.35
N GLU B 948 -15.44 -45.75 -21.46
CA GLU B 948 -15.54 -47.14 -21.86
C GLU B 948 -16.65 -47.37 -22.89
N VAL B 949 -17.67 -46.50 -22.91
CA VAL B 949 -18.71 -46.58 -23.93
C VAL B 949 -18.12 -46.45 -25.33
N PHE B 950 -17.11 -45.60 -25.46
CA PHE B 950 -16.46 -45.44 -26.76
C PHE B 950 -15.62 -46.64 -27.16
N SER B 951 -15.46 -47.64 -26.28
CA SER B 951 -14.93 -48.93 -26.70
C SER B 951 -15.83 -49.60 -27.75
N ILE B 952 -17.11 -49.22 -27.82
CA ILE B 952 -17.96 -49.70 -28.90
C ILE B 952 -17.43 -49.25 -30.26
N LEU B 953 -16.71 -48.12 -30.30
CA LEU B 953 -16.08 -47.69 -31.53
C LEU B 953 -14.94 -48.60 -31.97
N HIS B 954 -14.47 -49.52 -31.11
CA HIS B 954 -13.52 -50.53 -31.55
C HIS B 954 -14.11 -51.41 -32.65
N CYS B 955 -15.42 -51.62 -32.64
CA CYS B 955 -16.07 -52.39 -33.70
C CYS B 955 -15.95 -51.67 -35.03
N GLY B 956 -15.68 -52.44 -36.08
CA GLY B 956 -15.54 -51.85 -37.40
C GLY B 956 -16.87 -51.37 -37.97
N LEU B 957 -16.79 -50.41 -38.87
CA LEU B 957 -17.94 -49.83 -39.55
C LEU B 957 -18.09 -50.43 -40.94
N VAL B 958 -19.23 -50.15 -41.56
CA VAL B 958 -19.51 -50.55 -42.94
C VAL B 958 -20.31 -49.43 -43.60
N THR B 959 -20.00 -49.15 -44.86
CA THR B 959 -20.72 -48.14 -45.60
C THR B 959 -22.16 -48.59 -45.84
N LYS B 960 -23.09 -47.64 -45.68
CA LYS B 960 -24.53 -47.90 -45.80
C LYS B 960 -25.11 -47.44 -47.12
N PHE B 961 -24.80 -46.21 -47.53
CA PHE B 961 -25.41 -45.65 -48.74
C PHE B 961 -24.93 -46.38 -49.99
N ILE B 962 -23.61 -46.60 -50.11
CA ILE B 962 -23.07 -47.28 -51.28
C ILE B 962 -23.21 -48.79 -51.12
N LEU B 963 -22.72 -49.34 -50.01
CA LEU B 963 -22.71 -50.78 -49.75
C LEU B 963 -21.97 -51.52 -50.86
N ALA B 971 -19.75 -59.98 -41.50
CA ALA B 971 -20.67 -60.04 -40.37
C ALA B 971 -22.11 -59.89 -40.85
N THR B 972 -22.50 -60.73 -41.81
CA THR B 972 -23.86 -60.71 -42.33
C THR B 972 -24.85 -61.14 -41.24
N GLU B 973 -26.06 -60.60 -41.33
CA GLU B 973 -27.11 -60.81 -40.33
C GLU B 973 -26.68 -60.31 -38.94
N VAL B 974 -25.81 -59.31 -38.89
CA VAL B 974 -25.40 -58.66 -37.66
C VAL B 974 -25.34 -57.17 -37.93
N VAL B 975 -25.86 -56.37 -36.99
CA VAL B 975 -25.84 -54.93 -37.13
C VAL B 975 -24.39 -54.44 -37.03
N GLN B 976 -24.10 -53.37 -37.77
CA GLN B 976 -22.76 -52.79 -37.82
C GLN B 976 -22.85 -51.28 -37.68
N LEU B 977 -21.71 -50.67 -37.37
CA LEU B 977 -21.66 -49.23 -37.10
C LEU B 977 -21.90 -48.46 -38.38
N GLY B 978 -23.09 -47.87 -38.52
CA GLY B 978 -23.38 -46.97 -39.60
C GLY B 978 -22.81 -45.59 -39.35
N PRO B 979 -23.01 -44.69 -40.32
CA PRO B 979 -22.47 -43.33 -40.17
C PRO B 979 -23.11 -42.53 -39.05
N PRO B 980 -24.44 -42.52 -38.86
CA PRO B 980 -24.98 -41.51 -37.93
C PRO B 980 -24.73 -41.83 -36.47
N GLU B 981 -24.74 -43.11 -36.08
CA GLU B 981 -24.35 -43.44 -34.71
C GLU B 981 -22.88 -43.13 -34.46
N LEU B 982 -22.04 -43.31 -35.48
CA LEU B 982 -20.65 -42.89 -35.39
C LEU B 982 -20.56 -41.39 -35.14
N LEU B 983 -21.35 -40.61 -35.88
CA LEU B 983 -21.39 -39.17 -35.66
C LEU B 983 -21.83 -38.83 -34.25
N PHE B 984 -22.85 -39.52 -33.76
CA PHE B 984 -23.39 -39.23 -32.43
C PHE B 984 -22.36 -39.49 -31.34
N LEU B 985 -21.78 -40.70 -31.33
CA LEU B 985 -20.79 -41.04 -30.31
C LEU B 985 -19.55 -40.17 -30.44
N LEU B 986 -19.11 -39.90 -31.67
CA LEU B 986 -17.91 -39.12 -31.88
C LEU B 986 -18.11 -37.68 -31.46
N GLU B 987 -19.31 -37.12 -31.70
CA GLU B 987 -19.60 -35.77 -31.24
C GLU B 987 -19.65 -35.69 -29.73
N ASP B 988 -20.20 -36.71 -29.07
CA ASP B 988 -20.17 -36.73 -27.60
C ASP B 988 -18.74 -36.76 -27.09
N LEU B 989 -17.89 -37.58 -27.73
CA LEU B 989 -16.48 -37.62 -27.36
C LEU B 989 -15.82 -36.26 -27.58
N SER B 990 -16.17 -35.58 -28.67
CA SER B 990 -15.55 -34.29 -28.96
C SER B 990 -15.97 -33.24 -27.94
N GLN B 991 -17.25 -33.24 -27.55
CA GLN B 991 -17.70 -32.32 -26.52
C GLN B 991 -16.97 -32.57 -25.21
N LYS B 992 -16.82 -33.84 -24.83
CA LYS B 992 -16.11 -34.16 -23.59
C LYS B 992 -14.64 -33.74 -23.65
N LEU B 993 -13.97 -34.05 -24.75
CA LEU B 993 -12.56 -33.75 -24.88
C LEU B 993 -12.31 -32.25 -24.92
N GLU B 994 -13.14 -31.50 -25.65
CA GLU B 994 -12.94 -30.06 -25.72
C GLU B 994 -13.27 -29.39 -24.39
N SER B 995 -14.26 -29.92 -23.66
CA SER B 995 -14.55 -29.37 -22.34
C SER B 995 -13.40 -29.61 -21.38
N MET B 996 -12.78 -30.79 -21.43
CA MET B 996 -11.71 -31.09 -20.47
C MET B 996 -10.40 -30.39 -20.87
N LEU B 997 -9.87 -30.70 -22.06
CA LEU B 997 -8.53 -30.30 -22.43
C LEU B 997 -8.36 -28.80 -22.62
N THR B 998 -9.45 -28.04 -22.75
CA THR B 998 -9.41 -26.60 -23.04
C THR B 998 -10.26 -25.87 -22.01
N PRO B 999 -9.73 -25.60 -20.81
CA PRO B 999 -10.50 -24.81 -19.84
C PRO B 999 -10.76 -23.38 -20.32
N ILE B 1016 -20.35 -25.58 -14.73
CA ILE B 1016 -19.99 -26.58 -15.72
C ILE B 1016 -21.18 -27.50 -16.01
N GLY B 1017 -21.38 -27.82 -17.29
CA GLY B 1017 -22.48 -28.69 -17.67
C GLY B 1017 -22.29 -30.16 -17.34
N PHE B 1018 -21.03 -30.60 -17.17
CA PHE B 1018 -20.69 -31.99 -16.93
C PHE B 1018 -20.22 -32.16 -15.49
N SER B 1019 -20.56 -33.30 -14.90
CA SER B 1019 -20.22 -33.62 -13.51
C SER B 1019 -19.65 -35.02 -13.30
N HIS B 1020 -19.78 -35.93 -14.27
CA HIS B 1020 -19.27 -37.29 -14.14
C HIS B 1020 -17.85 -37.43 -14.67
N LEU B 1021 -17.53 -36.72 -15.76
CA LEU B 1021 -16.19 -36.79 -16.33
C LEU B 1021 -15.17 -36.07 -15.47
N GLN B 1022 -15.57 -34.96 -14.83
CA GLN B 1022 -14.64 -34.18 -14.02
C GLN B 1022 -14.07 -34.97 -12.85
N GLN B 1023 -14.84 -35.93 -12.33
CA GLN B 1023 -14.34 -36.75 -11.22
C GLN B 1023 -13.12 -37.55 -11.64
N ARG B 1024 -13.14 -38.10 -12.85
CA ARG B 1024 -11.96 -38.75 -13.38
C ARG B 1024 -10.86 -37.72 -13.66
N SER B 1025 -9.62 -38.12 -13.41
CA SER B 1025 -8.49 -37.22 -13.58
C SER B 1025 -8.16 -37.06 -15.07
N ALA B 1026 -7.21 -36.17 -15.36
CA ALA B 1026 -6.81 -35.86 -16.72
C ALA B 1026 -5.76 -36.84 -17.28
N GLN B 1027 -5.22 -37.74 -16.47
CA GLN B 1027 -4.17 -38.66 -16.89
C GLN B 1027 -4.72 -40.00 -17.38
N GLU B 1028 -5.68 -40.58 -16.66
CA GLU B 1028 -6.27 -41.84 -17.11
C GLU B 1028 -7.16 -41.64 -18.32
N ILE B 1029 -7.82 -40.49 -18.43
CA ILE B 1029 -8.72 -40.26 -19.56
C ILE B 1029 -7.94 -40.13 -20.86
N VAL B 1030 -6.80 -39.44 -20.84
CA VAL B 1030 -6.00 -39.32 -22.06
C VAL B 1030 -5.44 -40.68 -22.44
N HIS B 1031 -5.08 -41.51 -21.46
CA HIS B 1031 -4.68 -42.88 -21.76
C HIS B 1031 -5.83 -43.67 -22.39
N CYS B 1032 -7.04 -43.49 -21.87
CA CYS B 1032 -8.19 -44.25 -22.35
C CYS B 1032 -8.51 -43.88 -23.80
N VAL B 1033 -8.52 -42.59 -24.12
CA VAL B 1033 -8.74 -42.22 -25.52
C VAL B 1033 -7.53 -42.56 -26.38
N PHE B 1034 -6.33 -42.58 -25.78
CA PHE B 1034 -5.13 -42.96 -26.52
C PHE B 1034 -5.19 -44.40 -27.00
N GLN B 1035 -5.58 -45.32 -26.12
CA GLN B 1035 -5.68 -46.72 -26.55
C GLN B 1035 -6.78 -46.93 -27.59
N LEU B 1036 -7.74 -46.01 -27.67
CA LEU B 1036 -8.82 -46.07 -28.65
C LEU B 1036 -8.45 -45.47 -30.00
N LEU B 1037 -7.29 -44.83 -30.14
CA LEU B 1037 -7.04 -44.04 -31.34
C LEU B 1037 -6.87 -44.92 -32.58
N THR B 1038 -6.40 -46.16 -32.40
CA THR B 1038 -6.21 -47.05 -33.55
C THR B 1038 -7.52 -47.39 -34.26
N PRO B 1039 -8.59 -47.79 -33.58
CA PRO B 1039 -9.87 -47.99 -34.29
C PRO B 1039 -10.39 -46.75 -35.01
N MET B 1040 -10.40 -45.59 -34.35
CA MET B 1040 -10.94 -44.41 -35.02
C MET B 1040 -10.03 -43.94 -36.15
N CYS B 1041 -8.72 -44.21 -36.07
CA CYS B 1041 -7.84 -43.92 -37.19
C CYS B 1041 -8.08 -44.87 -38.35
N ASN B 1042 -8.43 -46.11 -38.06
CA ASN B 1042 -8.80 -47.05 -39.12
C ASN B 1042 -10.11 -46.58 -39.74
N HIS B 1043 -11.02 -46.02 -38.94
CA HIS B 1043 -12.25 -45.46 -39.46
C HIS B 1043 -11.97 -44.25 -40.35
N LEU B 1044 -10.98 -43.43 -39.95
CA LEU B 1044 -10.57 -42.30 -40.77
C LEU B 1044 -10.06 -42.77 -42.13
N GLU B 1045 -9.24 -43.84 -42.12
CA GLU B 1045 -8.76 -44.43 -43.36
C GLU B 1045 -9.92 -44.90 -44.24
N ASN B 1046 -10.87 -45.62 -43.64
CA ASN B 1046 -11.98 -46.18 -44.41
C ASN B 1046 -12.86 -45.08 -45.01
N ILE B 1047 -13.18 -44.06 -44.21
CA ILE B 1047 -14.05 -43.00 -44.72
C ILE B 1047 -13.31 -42.13 -45.74
N HIS B 1048 -11.98 -41.99 -45.59
CA HIS B 1048 -11.22 -41.30 -46.63
C HIS B 1048 -11.27 -42.07 -47.93
N ASN B 1049 -11.12 -43.39 -47.88
CA ASN B 1049 -11.23 -44.20 -49.09
C ASN B 1049 -12.64 -44.13 -49.67
N TYR B 1050 -13.65 -44.05 -48.81
CA TYR B 1050 -15.02 -43.85 -49.26
C TYR B 1050 -15.17 -42.57 -50.05
N PHE B 1051 -14.65 -41.46 -49.50
CA PHE B 1051 -14.76 -40.19 -50.20
C PHE B 1051 -13.93 -40.18 -51.48
N GLN B 1052 -12.80 -40.88 -51.50
CA GLN B 1052 -12.04 -41.02 -52.73
C GLN B 1052 -12.84 -41.77 -53.78
N CYS B 1053 -13.55 -42.83 -53.38
CA CYS B 1053 -14.40 -43.57 -54.31
C CYS B 1053 -15.52 -42.68 -54.83
N LEU B 1054 -16.10 -41.85 -53.96
CA LEU B 1054 -17.12 -40.90 -54.41
C LEU B 1054 -16.54 -39.88 -55.38
N ALA B 1055 -15.26 -39.53 -55.23
CA ALA B 1055 -14.61 -38.62 -56.15
C ALA B 1055 -14.38 -39.35 -57.47
N ALA B 1056 -15.26 -39.11 -58.43
CA ALA B 1056 -15.17 -39.76 -59.73
C ALA B 1056 -16.06 -39.05 -60.74
N VAL B 1069 -27.90 -38.98 -50.41
CA VAL B 1069 -27.86 -37.53 -50.52
C VAL B 1069 -27.45 -36.92 -49.19
N GLN B 1070 -28.36 -36.98 -48.21
CA GLN B 1070 -28.06 -36.46 -46.88
C GLN B 1070 -26.93 -37.23 -46.22
N GLU B 1071 -26.75 -38.51 -46.57
CA GLU B 1071 -25.66 -39.30 -46.03
C GLU B 1071 -24.30 -38.69 -46.37
N TYR B 1072 -24.20 -38.00 -47.50
CA TYR B 1072 -22.94 -37.39 -47.90
C TYR B 1072 -22.48 -36.34 -46.89
N HIS B 1073 -23.36 -35.38 -46.57
CA HIS B 1073 -22.95 -34.35 -45.62
C HIS B 1073 -22.93 -34.90 -44.19
N ILE B 1074 -23.71 -35.95 -43.90
CA ILE B 1074 -23.61 -36.59 -42.59
C ILE B 1074 -22.22 -37.17 -42.39
N MET B 1075 -21.72 -37.90 -43.41
CA MET B 1075 -20.38 -38.44 -43.32
C MET B 1075 -19.32 -37.33 -43.36
N SER B 1076 -19.60 -36.23 -44.07
CA SER B 1076 -18.67 -35.11 -44.05
C SER B 1076 -18.54 -34.51 -42.66
N SER B 1077 -19.66 -34.32 -41.96
CA SER B 1077 -19.61 -33.84 -40.60
C SER B 1077 -18.94 -34.86 -39.67
N CYS B 1078 -19.13 -36.15 -39.94
CA CYS B 1078 -18.39 -37.17 -39.20
C CYS B 1078 -16.89 -37.02 -39.41
N TYR B 1079 -16.48 -36.74 -40.63
CA TYR B 1079 -15.07 -36.49 -40.93
C TYR B 1079 -14.55 -35.28 -40.17
N GLN B 1080 -15.36 -34.21 -40.14
CA GLN B 1080 -15.00 -33.00 -39.40
C GLN B 1080 -14.78 -33.31 -37.93
N ARG B 1081 -15.74 -34.02 -37.32
CA ARG B 1081 -15.63 -34.34 -35.91
C ARG B 1081 -14.45 -35.27 -35.64
N LEU B 1082 -14.17 -36.20 -36.56
CA LEU B 1082 -13.05 -37.11 -36.38
C LEU B 1082 -11.72 -36.36 -36.38
N LEU B 1083 -11.55 -35.44 -37.34
CA LEU B 1083 -10.35 -34.61 -37.34
C LEU B 1083 -10.28 -33.74 -36.08
N GLN B 1084 -11.43 -33.29 -35.58
CA GLN B 1084 -11.43 -32.50 -34.35
C GLN B 1084 -10.97 -33.33 -33.17
N ILE B 1085 -11.40 -34.59 -33.08
CA ILE B 1085 -10.91 -35.50 -32.04
C ILE B 1085 -9.39 -35.64 -32.15
N PHE B 1086 -8.90 -35.86 -33.36
CA PHE B 1086 -7.47 -36.13 -33.51
C PHE B 1086 -6.63 -34.92 -33.12
N HIS B 1087 -7.07 -33.72 -33.55
CA HIS B 1087 -6.37 -32.50 -33.18
C HIS B 1087 -6.47 -32.24 -31.68
N GLY B 1088 -7.64 -32.44 -31.09
CA GLY B 1088 -7.79 -32.20 -29.66
C GLY B 1088 -6.95 -33.15 -28.82
N LEU B 1089 -6.88 -34.42 -29.24
CA LEU B 1089 -6.01 -35.36 -28.55
C LEU B 1089 -4.55 -34.95 -28.67
N PHE B 1090 -4.13 -34.53 -29.86
CA PHE B 1090 -2.75 -34.11 -30.03
C PHE B 1090 -2.47 -32.71 -29.51
N ALA B 1091 -3.50 -31.97 -29.05
CA ALA B 1091 -3.35 -30.61 -28.56
C ALA B 1091 -3.38 -30.52 -27.03
N TRP B 1092 -3.22 -31.64 -26.33
CA TRP B 1092 -3.24 -31.61 -24.88
C TRP B 1092 -2.01 -30.90 -24.34
N SER B 1093 -2.21 -30.01 -23.37
CA SER B 1093 -1.11 -29.27 -22.78
C SER B 1093 -0.15 -30.16 -22.00
N GLY B 1094 -0.59 -31.34 -21.56
CA GLY B 1094 0.28 -32.22 -20.80
C GLY B 1094 1.48 -32.71 -21.59
N PHE B 1095 1.34 -32.84 -22.91
CA PHE B 1095 2.47 -33.28 -23.72
C PHE B 1095 3.58 -32.24 -23.79
N SER B 1096 3.28 -30.97 -23.49
CA SER B 1096 4.35 -29.97 -23.43
C SER B 1096 5.33 -30.30 -22.32
N GLN B 1097 4.82 -30.57 -21.11
CA GLN B 1097 5.66 -31.02 -20.02
C GLN B 1097 6.10 -32.46 -20.27
N PRO B 1098 7.23 -32.91 -19.67
CA PRO B 1098 7.83 -34.17 -20.11
C PRO B 1098 7.24 -35.43 -19.46
N GLU B 1099 6.05 -35.32 -18.87
CA GLU B 1099 5.49 -36.45 -18.13
C GLU B 1099 5.15 -37.62 -19.05
N ASN B 1100 4.43 -37.35 -20.15
CA ASN B 1100 3.84 -38.39 -20.99
C ASN B 1100 4.43 -38.40 -22.39
N GLN B 1101 5.72 -38.08 -22.52
CA GLN B 1101 6.35 -38.05 -23.84
C GLN B 1101 6.28 -39.41 -24.52
N ASN B 1102 6.52 -40.47 -23.76
CA ASN B 1102 6.44 -41.82 -24.30
C ASN B 1102 5.02 -42.10 -24.75
N LEU B 1103 4.00 -41.58 -24.06
CA LEU B 1103 2.63 -41.72 -24.51
C LEU B 1103 2.45 -41.07 -25.87
N LEU B 1104 2.98 -39.86 -26.03
CA LEU B 1104 2.92 -39.18 -27.34
C LEU B 1104 3.65 -40.01 -28.38
N TYR B 1105 4.80 -40.59 -28.02
CA TYR B 1105 5.51 -41.42 -28.98
C TYR B 1105 4.67 -42.64 -29.34
N SER B 1106 4.03 -43.25 -28.35
CA SER B 1106 3.19 -44.40 -28.68
C SER B 1106 1.94 -43.98 -29.44
N ALA B 1107 1.57 -42.69 -29.41
CA ALA B 1107 0.46 -42.24 -30.23
C ALA B 1107 0.81 -42.32 -31.71
N LEU B 1108 2.09 -42.12 -32.06
CA LEU B 1108 2.49 -41.88 -33.43
C LEU B 1108 3.22 -43.03 -34.10
N HIS B 1109 3.86 -43.93 -33.33
CA HIS B 1109 4.46 -45.12 -33.94
C HIS B 1109 3.42 -45.93 -34.71
N VAL B 1110 2.24 -46.11 -34.13
CA VAL B 1110 1.16 -46.80 -34.81
C VAL B 1110 0.80 -46.08 -36.10
N LEU B 1111 0.83 -44.74 -36.09
CA LEU B 1111 0.57 -44.00 -37.32
C LEU B 1111 1.62 -44.32 -38.37
N SER B 1112 2.84 -44.41 -37.90
CA SER B 1112 3.90 -44.79 -38.79
C SER B 1112 3.59 -46.22 -39.29
N SER B 1113 3.19 -47.16 -38.42
CA SER B 1113 2.81 -48.51 -38.83
C SER B 1113 1.59 -48.47 -39.75
N ARG B 1114 0.76 -47.44 -39.63
CA ARG B 1114 -0.35 -47.30 -40.57
C ARG B 1114 0.14 -46.97 -41.97
N LEU B 1115 1.22 -46.18 -42.07
CA LEU B 1115 1.73 -45.81 -43.39
C LEU B 1115 2.64 -46.90 -43.94
N LYS B 1116 3.75 -47.17 -43.26
CA LYS B 1116 4.71 -48.22 -43.62
C LYS B 1116 4.80 -49.16 -42.42
N GLN B 1117 4.37 -50.40 -42.60
CA GLN B 1117 4.35 -51.35 -41.51
C GLN B 1117 5.78 -51.77 -41.15
N GLY B 1118 5.93 -52.28 -39.93
CA GLY B 1118 7.20 -52.81 -39.48
C GLY B 1118 8.31 -51.79 -39.32
N GLU B 1119 8.02 -50.64 -38.71
CA GLU B 1119 9.02 -49.65 -38.34
C GLU B 1119 8.70 -49.15 -36.94
N HIS B 1120 9.66 -49.30 -36.03
CA HIS B 1120 9.47 -48.91 -34.63
C HIS B 1120 10.83 -48.57 -34.03
N SER B 1121 10.78 -47.88 -32.88
CA SER B 1121 11.97 -47.52 -32.11
C SER B 1121 12.93 -46.64 -32.91
N GLN B 1122 12.39 -45.79 -33.77
CA GLN B 1122 13.15 -44.87 -34.59
C GLN B 1122 13.18 -43.49 -33.93
N PRO B 1123 13.97 -42.55 -34.47
CA PRO B 1123 13.95 -41.19 -33.92
C PRO B 1123 12.58 -40.54 -34.03
N LEU B 1124 12.25 -39.72 -33.03
CA LEU B 1124 10.92 -39.13 -32.94
C LEU B 1124 10.66 -38.18 -34.10
N GLU B 1125 11.67 -37.38 -34.50
CA GLU B 1125 11.47 -36.40 -35.56
C GLU B 1125 11.14 -37.08 -36.88
N GLU B 1126 11.82 -38.18 -37.20
CA GLU B 1126 11.51 -38.91 -38.41
C GLU B 1126 10.11 -39.51 -38.35
N LEU B 1127 9.75 -40.10 -37.21
CA LEU B 1127 8.46 -40.75 -37.08
C LEU B 1127 7.32 -39.74 -37.26
N LEU B 1128 7.43 -38.58 -36.60
CA LEU B 1128 6.43 -37.55 -36.84
C LEU B 1128 6.52 -36.97 -38.24
N SER B 1129 7.67 -37.07 -38.92
CA SER B 1129 7.74 -36.61 -40.30
C SER B 1129 6.87 -37.47 -41.21
N GLN B 1130 7.03 -38.80 -41.15
CA GLN B 1130 6.08 -39.61 -41.93
C GLN B 1130 4.66 -39.55 -41.35
N SER B 1131 4.48 -39.19 -40.08
CA SER B 1131 3.13 -38.98 -39.57
C SER B 1131 2.46 -37.79 -40.26
N VAL B 1132 3.17 -36.66 -40.37
CA VAL B 1132 2.58 -35.51 -41.03
C VAL B 1132 2.39 -35.80 -42.52
N HIS B 1133 3.28 -36.59 -43.12
CA HIS B 1133 3.05 -37.01 -44.51
C HIS B 1133 1.78 -37.85 -44.61
N TYR B 1134 1.56 -38.75 -43.64
CA TYR B 1134 0.36 -39.57 -43.64
C TYR B 1134 -0.89 -38.71 -43.50
N LEU B 1135 -0.85 -37.69 -42.64
CA LEU B 1135 -2.00 -36.78 -42.54
C LEU B 1135 -2.18 -35.97 -43.82
N GLN B 1136 -1.07 -35.53 -44.42
CA GLN B 1136 -1.12 -34.74 -45.65
C GLN B 1136 -1.74 -35.55 -46.79
N ASN B 1137 -1.64 -36.87 -46.75
CA ASN B 1137 -2.22 -37.71 -47.78
C ASN B 1137 -3.73 -37.58 -47.82
N PHE B 1138 -4.36 -37.16 -46.72
CA PHE B 1138 -5.81 -37.00 -46.64
C PHE B 1138 -6.30 -35.65 -47.17
N HIS B 1139 -5.41 -34.76 -47.62
CA HIS B 1139 -5.83 -33.41 -47.97
C HIS B 1139 -6.78 -33.38 -49.16
N GLN B 1140 -6.76 -34.38 -50.03
CA GLN B 1140 -7.69 -34.37 -51.15
C GLN B 1140 -9.12 -34.69 -50.71
N SER B 1141 -9.28 -35.59 -49.74
CA SER B 1141 -10.60 -36.00 -49.27
C SER B 1141 -10.99 -35.18 -48.05
N ILE B 1142 -11.24 -33.89 -48.31
CA ILE B 1142 -11.61 -32.91 -47.29
C ILE B 1142 -12.86 -32.19 -47.80
N PRO B 1143 -14.06 -32.79 -47.74
CA PRO B 1143 -15.22 -32.17 -48.39
C PRO B 1143 -15.66 -30.85 -47.76
N SER B 1144 -15.89 -30.85 -46.44
CA SER B 1144 -16.30 -29.64 -45.76
C SER B 1144 -15.10 -28.73 -45.54
N PHE B 1145 -15.29 -27.42 -45.77
CA PHE B 1145 -14.18 -26.49 -45.74
C PHE B 1145 -13.59 -26.37 -44.34
N GLN B 1146 -14.45 -26.35 -43.31
CA GLN B 1146 -13.96 -26.12 -41.94
C GLN B 1146 -13.07 -27.24 -41.43
N CYS B 1147 -13.13 -28.42 -42.06
CA CYS B 1147 -12.17 -29.47 -41.72
C CYS B 1147 -10.74 -29.05 -42.04
N ALA B 1148 -10.56 -28.33 -43.16
CA ALA B 1148 -9.22 -28.06 -43.68
C ALA B 1148 -8.37 -27.30 -42.68
N LEU B 1149 -8.93 -26.23 -42.09
CA LEU B 1149 -8.17 -25.47 -41.10
C LEU B 1149 -7.82 -26.33 -39.90
N TYR B 1150 -8.76 -27.21 -39.49
CA TYR B 1150 -8.47 -28.13 -38.39
C TYR B 1150 -7.27 -29.00 -38.75
N LEU B 1151 -7.26 -29.53 -39.98
CA LEU B 1151 -6.13 -30.31 -40.44
C LEU B 1151 -4.87 -29.47 -40.43
N ILE B 1152 -4.96 -28.23 -40.90
CA ILE B 1152 -3.79 -27.36 -40.87
C ILE B 1152 -3.37 -27.13 -39.43
N ARG B 1153 -4.34 -26.86 -38.56
CA ARG B 1153 -4.03 -26.68 -37.15
C ARG B 1153 -3.45 -27.95 -36.57
N LEU B 1154 -4.00 -29.11 -36.97
CA LEU B 1154 -3.45 -30.39 -36.53
C LEU B 1154 -2.00 -30.50 -36.90
N LEU B 1155 -1.68 -30.16 -38.16
CA LEU B 1155 -0.29 -30.22 -38.63
C LEU B 1155 0.59 -29.36 -37.75
N MET B 1156 0.11 -28.14 -37.46
CA MET B 1156 0.90 -27.18 -36.70
C MET B 1156 1.23 -27.75 -35.32
N VAL B 1157 0.24 -28.34 -34.64
CA VAL B 1157 0.52 -28.80 -33.29
C VAL B 1157 1.46 -29.99 -33.33
N ILE B 1158 1.26 -30.90 -34.30
CA ILE B 1158 2.18 -32.03 -34.37
C ILE B 1158 3.50 -31.59 -35.00
N LEU B 1159 3.53 -30.44 -35.66
CA LEU B 1159 4.76 -29.81 -36.09
C LEU B 1159 5.26 -28.76 -35.10
N GLU B 1160 4.51 -28.49 -34.02
CA GLU B 1160 5.05 -27.63 -32.98
C GLU B 1160 6.24 -28.31 -32.30
N LYS B 1161 6.12 -29.60 -32.01
CA LYS B 1161 7.20 -30.38 -31.41
C LYS B 1161 8.08 -30.94 -32.52
N SER B 1162 8.84 -30.03 -33.14
CA SER B 1162 9.67 -30.35 -34.29
C SER B 1162 10.86 -29.41 -34.33
N THR B 1163 11.87 -29.81 -35.09
CA THR B 1163 13.14 -29.08 -35.18
C THR B 1163 13.23 -28.21 -36.43
N ALA B 1164 13.03 -28.79 -37.61
CA ALA B 1164 13.15 -28.05 -38.87
C ALA B 1164 11.93 -27.17 -39.05
N SER B 1165 11.94 -26.03 -38.35
CA SER B 1165 10.76 -25.17 -38.33
C SER B 1165 10.51 -24.52 -39.68
N ALA B 1166 11.57 -24.15 -40.41
CA ALA B 1166 11.41 -23.41 -41.66
C ALA B 1166 10.73 -24.26 -42.73
N GLN B 1167 11.20 -25.51 -42.91
CA GLN B 1167 10.60 -26.39 -43.90
C GLN B 1167 9.15 -26.70 -43.56
N ASN B 1168 8.88 -26.91 -42.27
CA ASN B 1168 7.53 -27.19 -41.83
C ASN B 1168 6.64 -26.00 -42.14
N LYS B 1169 7.11 -24.80 -41.81
CA LYS B 1169 6.33 -23.60 -42.06
C LYS B 1169 6.05 -23.42 -43.54
N GLU B 1170 7.05 -23.70 -44.39
CA GLU B 1170 6.84 -23.61 -45.83
C GLU B 1170 5.81 -24.62 -46.31
N LYS B 1171 5.86 -25.85 -45.78
CA LYS B 1171 4.88 -26.86 -46.15
C LYS B 1171 3.48 -26.46 -45.71
N ILE B 1172 3.35 -25.94 -44.49
CA ILE B 1172 2.04 -25.50 -44.00
C ILE B 1172 1.49 -24.38 -44.86
N ALA B 1173 2.36 -23.43 -45.24
CA ALA B 1173 1.92 -22.33 -46.11
C ALA B 1173 1.48 -22.86 -47.47
N SER B 1174 2.22 -23.81 -48.03
CA SER B 1174 1.85 -24.36 -49.33
C SER B 1174 0.49 -25.06 -49.28
N LEU B 1175 0.25 -25.86 -48.23
CA LEU B 1175 -1.04 -26.53 -48.13
C LEU B 1175 -2.16 -25.54 -47.84
N ALA B 1176 -1.89 -24.49 -47.08
CA ALA B 1176 -2.90 -23.47 -46.85
C ALA B 1176 -3.25 -22.76 -48.15
N ARG B 1177 -2.25 -22.48 -48.99
CA ARG B 1177 -2.51 -21.90 -50.31
C ARG B 1177 -3.33 -22.86 -51.17
N GLN B 1178 -3.05 -24.16 -51.08
CA GLN B 1178 -3.82 -25.14 -51.81
C GLN B 1178 -5.29 -25.12 -51.39
N PHE B 1179 -5.54 -25.03 -50.07
CA PHE B 1179 -6.91 -24.94 -49.60
C PHE B 1179 -7.57 -23.63 -50.05
N LEU B 1180 -6.84 -22.52 -49.99
CA LEU B 1180 -7.42 -21.22 -50.30
C LEU B 1180 -7.78 -21.12 -51.77
N CYS B 1181 -6.84 -21.46 -52.66
CA CYS B 1181 -7.10 -21.35 -54.09
C CYS B 1181 -8.15 -22.34 -54.57
N ARG B 1182 -8.36 -23.44 -53.85
CA ARG B 1182 -9.37 -24.42 -54.25
C ARG B 1182 -10.76 -23.81 -54.15
N VAL B 1183 -11.61 -24.15 -55.12
CA VAL B 1183 -13.02 -23.77 -55.06
C VAL B 1183 -13.75 -24.72 -54.10
N TRP B 1184 -14.87 -24.25 -53.58
CA TRP B 1184 -15.68 -24.98 -52.62
C TRP B 1184 -17.15 -24.75 -52.94
N PRO B 1185 -18.04 -25.67 -52.54
CA PRO B 1185 -19.45 -25.46 -52.89
C PRO B 1185 -20.14 -24.43 -52.02
N ASN B 1193 -23.16 -20.63 -45.79
CA ASN B 1193 -22.25 -21.68 -46.23
C ASN B 1193 -21.01 -21.78 -45.34
N ILE B 1194 -20.23 -20.70 -45.22
CA ILE B 1194 -18.98 -20.74 -44.48
C ILE B 1194 -18.98 -19.60 -43.48
N SER B 1195 -18.63 -19.91 -42.23
CA SER B 1195 -18.49 -18.88 -41.21
C SER B 1195 -17.25 -18.03 -41.49
N ASN B 1196 -17.37 -16.73 -41.26
CA ASN B 1196 -16.25 -15.83 -41.52
C ASN B 1196 -15.10 -16.05 -40.56
N ASP B 1197 -15.37 -16.51 -39.35
CA ASP B 1197 -14.30 -16.73 -38.38
C ASP B 1197 -13.37 -17.86 -38.84
N GLN B 1198 -13.90 -18.85 -39.55
CA GLN B 1198 -13.06 -19.90 -40.12
C GLN B 1198 -12.10 -19.31 -41.14
N LEU B 1199 -12.59 -18.42 -42.01
CA LEU B 1199 -11.72 -17.68 -42.92
C LEU B 1199 -10.68 -16.88 -42.15
N HIS B 1200 -11.10 -16.26 -41.04
CA HIS B 1200 -10.19 -15.47 -40.22
C HIS B 1200 -9.02 -16.32 -39.72
N ALA B 1201 -9.33 -17.47 -39.11
CA ALA B 1201 -8.29 -18.32 -38.56
C ALA B 1201 -7.39 -18.88 -39.66
N LEU B 1202 -7.99 -19.34 -40.77
CA LEU B 1202 -7.21 -19.94 -41.84
C LEU B 1202 -6.28 -18.93 -42.48
N LEU B 1203 -6.80 -17.74 -42.80
CA LEU B 1203 -5.95 -16.71 -43.40
C LEU B 1203 -4.91 -16.22 -42.40
N CYS B 1204 -5.23 -16.21 -41.10
CA CYS B 1204 -4.25 -15.82 -40.10
C CYS B 1204 -3.07 -16.77 -40.11
N ILE B 1205 -3.32 -18.08 -40.06
CA ILE B 1205 -2.21 -19.02 -40.03
C ILE B 1205 -1.47 -19.00 -41.37
N TYR B 1206 -2.19 -18.82 -42.48
CA TYR B 1206 -1.55 -18.80 -43.79
C TYR B 1206 -0.60 -17.61 -43.92
N LEU B 1207 -1.09 -16.41 -43.61
CA LEU B 1207 -0.26 -15.22 -43.72
C LEU B 1207 0.85 -15.21 -42.67
N GLU B 1208 0.62 -15.84 -41.51
CA GLU B 1208 1.67 -15.95 -40.52
C GLU B 1208 2.81 -16.82 -41.03
N HIS B 1209 2.48 -17.97 -41.63
CA HIS B 1209 3.47 -18.96 -42.03
C HIS B 1209 3.99 -18.77 -43.45
N THR B 1210 3.55 -17.75 -44.18
CA THR B 1210 4.09 -17.51 -45.51
C THR B 1210 5.51 -16.96 -45.40
N GLU B 1211 6.29 -17.18 -46.46
CA GLU B 1211 7.70 -16.82 -46.42
C GLU B 1211 7.90 -15.31 -46.37
N SER B 1212 7.06 -14.55 -47.06
CA SER B 1212 7.13 -13.09 -47.09
C SER B 1212 5.71 -12.56 -46.89
N ILE B 1213 5.43 -12.05 -45.69
CA ILE B 1213 4.07 -11.65 -45.36
C ILE B 1213 3.67 -10.42 -46.15
N LEU B 1214 4.56 -9.43 -46.24
CA LEU B 1214 4.24 -8.18 -46.91
C LEU B 1214 4.04 -8.41 -48.41
N LYS B 1215 4.94 -9.20 -49.01
CA LYS B 1215 4.81 -9.57 -50.41
C LYS B 1215 3.51 -10.32 -50.66
N ALA B 1216 3.16 -11.23 -49.74
CA ALA B 1216 1.92 -11.98 -49.88
C ALA B 1216 0.71 -11.07 -49.81
N ILE B 1217 0.74 -10.06 -48.92
CA ILE B 1217 -0.40 -9.16 -48.77
C ILE B 1217 -0.61 -8.35 -50.04
N GLU B 1218 0.47 -7.74 -50.56
CA GLU B 1218 0.33 -6.99 -51.81
C GLU B 1218 -0.06 -7.91 -52.96
N GLU B 1219 0.43 -9.15 -52.96
CA GLU B 1219 0.11 -10.09 -54.02
C GLU B 1219 -1.38 -10.42 -54.02
N ILE B 1220 -1.93 -10.78 -52.85
CA ILE B 1220 -3.35 -11.13 -52.79
C ILE B 1220 -4.21 -9.94 -53.16
N ALA B 1221 -3.83 -8.74 -52.69
CA ALA B 1221 -4.60 -7.54 -53.03
C ALA B 1221 -4.61 -7.29 -54.54
N GLY B 1222 -3.43 -7.29 -55.15
CA GLY B 1222 -3.34 -6.98 -56.57
C GLY B 1222 -3.97 -8.03 -57.46
N VAL B 1223 -3.77 -9.31 -57.15
CA VAL B 1223 -4.35 -10.35 -58.00
C VAL B 1223 -5.86 -10.42 -57.80
N GLY B 1224 -6.36 -10.21 -56.58
CA GLY B 1224 -7.76 -10.43 -56.30
C GLY B 1224 -8.67 -9.28 -56.61
N VAL B 1225 -8.41 -8.11 -56.04
CA VAL B 1225 -9.45 -7.07 -56.02
C VAL B 1225 -9.57 -6.38 -57.38
N PRO B 1226 -8.46 -6.12 -58.11
CA PRO B 1226 -8.62 -5.77 -59.53
C PRO B 1226 -9.41 -6.80 -60.32
N GLU B 1227 -9.13 -8.09 -60.10
CA GLU B 1227 -9.93 -9.13 -60.75
C GLU B 1227 -11.38 -9.10 -60.28
N LEU B 1228 -11.60 -8.76 -59.00
CA LEU B 1228 -12.97 -8.70 -58.49
C LEU B 1228 -13.77 -7.61 -59.19
N ILE B 1229 -13.20 -6.41 -59.29
CA ILE B 1229 -13.93 -5.34 -59.98
C ILE B 1229 -14.08 -5.66 -61.46
N ASN B 1230 -13.09 -6.32 -62.07
CA ASN B 1230 -13.27 -6.79 -63.43
C ASN B 1230 -14.36 -7.84 -63.52
N SER B 1231 -14.39 -8.77 -62.57
CA SER B 1231 -15.38 -9.84 -62.56
C SER B 1231 -16.74 -9.31 -62.11
N PRO B 1232 -17.84 -10.04 -62.38
CA PRO B 1232 -19.15 -9.54 -61.94
C PRO B 1232 -19.33 -9.64 -60.44
N LYS B 1233 -20.51 -9.26 -59.94
CA LYS B 1233 -20.72 -9.08 -58.50
C LYS B 1233 -20.57 -10.40 -57.74
N ASP B 1234 -21.44 -11.36 -58.02
CA ASP B 1234 -21.47 -12.58 -57.22
C ASP B 1234 -20.22 -13.43 -57.45
N ALA B 1235 -19.87 -13.66 -58.71
CA ALA B 1235 -18.70 -14.49 -59.02
C ALA B 1235 -17.43 -13.71 -58.73
N SER B 1236 -16.62 -14.21 -57.81
CA SER B 1236 -15.36 -13.62 -57.40
C SER B 1236 -14.19 -14.52 -57.80
N SER B 1237 -14.28 -15.08 -59.00
CA SER B 1237 -13.23 -15.98 -59.48
C SER B 1237 -11.91 -15.23 -59.64
N SER B 1238 -10.86 -15.82 -59.10
CA SER B 1238 -9.53 -15.20 -59.05
C SER B 1238 -8.56 -16.29 -58.63
N THR B 1239 -7.33 -15.90 -58.28
CA THR B 1239 -6.44 -16.81 -57.59
C THR B 1239 -7.07 -17.28 -56.28
N PHE B 1240 -7.84 -16.40 -55.63
CA PHE B 1240 -8.63 -16.72 -54.45
C PHE B 1240 -10.10 -16.79 -54.86
N PRO B 1241 -10.68 -17.99 -55.07
CA PRO B 1241 -12.09 -18.03 -55.49
C PRO B 1241 -13.06 -17.51 -54.45
N THR B 1242 -12.75 -17.66 -53.16
CA THR B 1242 -13.63 -17.23 -52.07
C THR B 1242 -13.27 -15.80 -51.69
N LEU B 1243 -13.76 -14.85 -52.48
CA LEU B 1243 -13.56 -13.42 -52.24
C LEU B 1243 -14.85 -12.66 -52.52
N THR B 1244 -15.97 -13.21 -52.04
CA THR B 1244 -17.28 -12.62 -52.24
C THR B 1244 -17.53 -11.51 -51.22
N ARG B 1245 -18.71 -10.87 -51.29
CA ARG B 1245 -19.03 -9.75 -50.41
C ARG B 1245 -19.08 -10.18 -48.96
N HIS B 1246 -19.45 -11.43 -48.71
CA HIS B 1246 -19.50 -11.95 -47.35
C HIS B 1246 -18.14 -12.37 -46.82
N THR B 1247 -17.05 -12.03 -47.53
CA THR B 1247 -15.69 -12.43 -47.18
C THR B 1247 -14.67 -11.30 -47.23
N PHE B 1248 -14.95 -10.20 -47.94
CA PHE B 1248 -13.95 -9.15 -48.12
C PHE B 1248 -13.59 -8.48 -46.80
N VAL B 1249 -14.56 -8.31 -45.91
CA VAL B 1249 -14.30 -7.60 -44.65
C VAL B 1249 -13.30 -8.38 -43.79
N VAL B 1250 -13.48 -9.71 -43.69
CA VAL B 1250 -12.55 -10.50 -42.88
C VAL B 1250 -11.19 -10.56 -43.57
N PHE B 1251 -11.16 -10.58 -44.89
CA PHE B 1251 -9.89 -10.50 -45.63
C PHE B 1251 -9.12 -9.22 -45.26
N PHE B 1252 -9.80 -8.08 -45.35
CA PHE B 1252 -9.17 -6.80 -45.01
C PHE B 1252 -8.71 -6.79 -43.56
N ARG B 1253 -9.54 -7.30 -42.66
CA ARG B 1253 -9.17 -7.36 -41.24
C ARG B 1253 -7.93 -8.20 -41.03
N VAL B 1254 -7.85 -9.36 -41.69
CA VAL B 1254 -6.72 -10.26 -41.45
C VAL B 1254 -5.43 -9.68 -42.04
N MET B 1255 -5.49 -9.12 -43.25
CA MET B 1255 -4.28 -8.49 -43.79
C MET B 1255 -3.83 -7.33 -42.93
N MET B 1256 -4.77 -6.52 -42.43
CA MET B 1256 -4.39 -5.38 -41.59
C MET B 1256 -3.75 -5.86 -40.29
N ALA B 1257 -4.32 -6.89 -39.65
CA ALA B 1257 -3.77 -7.37 -38.39
C ALA B 1257 -2.39 -7.97 -38.59
N GLU B 1258 -2.21 -8.77 -39.65
CA GLU B 1258 -0.90 -9.37 -39.88
C GLU B 1258 0.12 -8.32 -40.28
N LEU B 1259 -0.29 -7.29 -41.03
CA LEU B 1259 0.60 -6.19 -41.34
C LEU B 1259 1.05 -5.46 -40.08
N GLU B 1260 0.11 -5.21 -39.16
CA GLU B 1260 0.44 -4.54 -37.92
C GLU B 1260 1.39 -5.37 -37.08
N LYS B 1261 1.16 -6.68 -37.00
CA LYS B 1261 2.04 -7.55 -36.23
C LYS B 1261 3.44 -7.59 -36.84
N THR B 1262 3.51 -7.74 -38.16
CA THR B 1262 4.81 -7.84 -38.84
C THR B 1262 5.61 -6.56 -38.69
N VAL B 1263 4.97 -5.41 -38.87
CA VAL B 1263 5.70 -4.15 -38.72
C VAL B 1263 6.06 -3.90 -37.25
N LYS B 1264 5.20 -4.32 -36.33
CA LYS B 1264 5.49 -4.09 -34.91
C LYS B 1264 6.69 -4.89 -34.44
N LYS B 1265 6.81 -6.15 -34.90
CA LYS B 1265 7.85 -7.03 -34.33
C LYS B 1265 9.26 -6.56 -34.67
N ILE B 1266 9.44 -5.85 -35.79
CA ILE B 1266 10.78 -5.40 -36.18
C ILE B 1266 11.25 -4.32 -35.22
N GLU B 1267 12.45 -4.51 -34.66
CA GLU B 1267 13.04 -3.57 -33.72
C GLU B 1267 13.83 -2.50 -34.45
N PRO B 1268 14.09 -1.34 -33.79
CA PRO B 1268 14.92 -0.30 -34.43
C PRO B 1268 16.40 -0.51 -34.20
N GLY B 1269 17.18 -0.56 -35.27
CA GLY B 1269 18.63 -0.65 -35.12
C GLY B 1269 19.20 0.64 -34.55
N THR B 1270 20.27 0.49 -33.77
CA THR B 1270 20.91 1.61 -33.13
C THR B 1270 21.79 2.38 -34.11
N ALA B 1271 22.19 3.59 -33.71
CA ALA B 1271 23.06 4.40 -34.55
C ALA B 1271 24.44 3.75 -34.71
N ALA B 1272 24.92 3.08 -33.67
CA ALA B 1272 26.21 2.38 -33.74
C ALA B 1272 26.16 1.21 -34.72
N ASP B 1273 24.98 0.70 -35.05
CA ASP B 1273 24.87 -0.35 -36.05
C ASP B 1273 25.36 0.17 -37.40
N SER B 1274 25.99 -0.72 -38.17
CA SER B 1274 26.56 -0.30 -39.44
C SER B 1274 25.47 -0.02 -40.46
N GLN B 1275 25.83 0.76 -41.49
CA GLN B 1275 24.88 1.10 -42.54
C GLN B 1275 24.44 -0.12 -43.36
N GLN B 1276 25.25 -1.19 -43.37
CA GLN B 1276 24.82 -2.41 -44.02
C GLN B 1276 23.57 -2.99 -43.38
N ILE B 1277 23.42 -2.80 -42.07
CA ILE B 1277 22.22 -3.26 -41.35
C ILE B 1277 21.10 -2.23 -41.44
N HIS B 1278 21.42 -0.95 -41.64
CA HIS B 1278 20.38 0.05 -41.81
C HIS B 1278 19.74 0.01 -43.19
N GLU B 1279 20.51 -0.31 -44.24
CA GLU B 1279 20.02 -0.08 -45.59
C GLU B 1279 18.88 -1.03 -45.94
N GLU B 1280 19.02 -2.32 -45.62
CA GLU B 1280 17.93 -3.25 -45.89
C GLU B 1280 16.75 -2.98 -44.96
N LYS B 1281 17.01 -2.40 -43.78
CA LYS B 1281 15.92 -2.03 -42.90
C LYS B 1281 15.09 -0.99 -43.60
N LEU B 1282 15.73 0.09 -44.07
CA LEU B 1282 14.99 1.12 -44.80
C LEU B 1282 14.31 0.57 -46.04
N LEU B 1283 14.94 -0.38 -46.73
CA LEU B 1283 14.28 -0.96 -47.91
C LEU B 1283 13.01 -1.71 -47.52
N TYR B 1284 13.07 -2.48 -46.43
CA TYR B 1284 11.89 -3.17 -45.94
C TYR B 1284 10.82 -2.17 -45.50
N TRP B 1285 11.24 -1.08 -44.86
CA TRP B 1285 10.30 -0.05 -44.45
C TRP B 1285 9.62 0.59 -45.66
N ASN B 1286 10.39 0.84 -46.72
CA ASN B 1286 9.83 1.43 -47.93
C ASN B 1286 8.82 0.49 -48.58
N MET B 1287 9.16 -0.82 -48.64
CA MET B 1287 8.21 -1.79 -49.18
C MET B 1287 6.95 -1.85 -48.33
N ALA B 1288 7.12 -1.84 -47.01
CA ALA B 1288 5.97 -1.95 -46.11
C ALA B 1288 5.04 -0.75 -46.26
N VAL B 1289 5.59 0.46 -46.29
CA VAL B 1289 4.73 1.63 -46.46
C VAL B 1289 4.10 1.65 -47.85
N ARG B 1290 4.82 1.17 -48.87
CA ARG B 1290 4.23 1.14 -50.22
C ARG B 1290 3.04 0.21 -50.28
N ASP B 1291 3.18 -1.01 -49.75
CA ASP B 1291 2.04 -1.93 -49.77
C ASP B 1291 0.95 -1.48 -48.80
N PHE B 1292 1.31 -0.77 -47.73
CA PHE B 1292 0.28 -0.17 -46.90
C PHE B 1292 -0.51 0.87 -47.67
N SER B 1293 0.18 1.65 -48.51
CA SER B 1293 -0.50 2.64 -49.33
C SER B 1293 -1.44 1.98 -50.34
N ILE B 1294 -0.96 0.95 -51.03
CA ILE B 1294 -1.80 0.32 -52.04
C ILE B 1294 -2.96 -0.43 -51.38
N LEU B 1295 -2.77 -0.90 -50.15
CA LEU B 1295 -3.88 -1.49 -49.41
C LEU B 1295 -4.90 -0.44 -48.99
N ILE B 1296 -4.41 0.72 -48.52
CA ILE B 1296 -5.31 1.77 -48.04
C ILE B 1296 -6.13 2.35 -49.18
N ASN B 1297 -5.51 2.47 -50.37
CA ASN B 1297 -6.18 3.08 -51.55
C ASN B 1297 -7.31 2.22 -52.11
N LEU B 1298 -7.53 1.03 -51.54
CA LEU B 1298 -8.62 0.15 -51.97
C LEU B 1298 -9.91 0.39 -51.18
N ILE B 1299 -9.94 1.43 -50.37
CA ILE B 1299 -11.15 1.66 -49.58
C ILE B 1299 -12.28 2.15 -50.47
N LYS B 1300 -11.96 3.07 -51.38
CA LYS B 1300 -12.97 3.68 -52.24
C LYS B 1300 -13.85 2.70 -53.00
N VAL B 1301 -13.28 1.61 -53.47
CA VAL B 1301 -14.07 0.68 -54.29
C VAL B 1301 -15.24 0.11 -53.49
N PHE B 1302 -15.10 -0.01 -52.18
CA PHE B 1302 -16.16 -0.52 -51.29
C PHE B 1302 -16.30 0.45 -50.12
N ASP B 1303 -17.27 1.36 -50.24
CA ASP B 1303 -17.55 2.36 -49.20
C ASP B 1303 -18.57 1.81 -48.20
N SER B 1304 -18.28 0.65 -47.64
CA SER B 1304 -19.17 -0.02 -46.70
C SER B 1304 -18.76 0.31 -45.26
N HIS B 1305 -19.69 0.09 -44.34
CA HIS B 1305 -19.45 0.44 -42.94
C HIS B 1305 -18.32 -0.37 -42.31
N PRO B 1306 -18.39 -1.70 -42.24
CA PRO B 1306 -17.39 -2.44 -41.45
C PRO B 1306 -15.98 -2.37 -42.02
N VAL B 1307 -15.82 -2.28 -43.34
CA VAL B 1307 -14.47 -2.28 -43.92
C VAL B 1307 -13.71 -1.01 -43.50
N LEU B 1308 -14.33 0.15 -43.65
CA LEU B 1308 -13.66 1.37 -43.21
C LEU B 1308 -13.61 1.45 -41.68
N HIS B 1309 -14.56 0.81 -41.00
CA HIS B 1309 -14.51 0.76 -39.54
C HIS B 1309 -13.26 0.04 -39.05
N VAL B 1310 -12.96 -1.13 -39.64
CA VAL B 1310 -11.73 -1.82 -39.26
C VAL B 1310 -10.51 -1.05 -39.76
N CYS B 1311 -10.65 -0.38 -40.92
CA CYS B 1311 -9.52 0.37 -41.47
C CYS B 1311 -9.09 1.49 -40.53
N LEU B 1312 -10.04 2.16 -39.89
CA LEU B 1312 -9.69 3.24 -38.95
C LEU B 1312 -8.83 2.73 -37.80
N LYS B 1313 -9.30 1.67 -37.14
CA LYS B 1313 -8.61 1.13 -35.98
C LYS B 1313 -7.22 0.62 -36.36
N TYR B 1314 -7.15 -0.18 -37.43
CA TYR B 1314 -5.85 -0.74 -37.79
C TYR B 1314 -4.93 0.30 -38.42
N GLY B 1315 -5.48 1.37 -39.01
CA GLY B 1315 -4.63 2.45 -39.46
C GLY B 1315 -3.99 3.19 -38.31
N ARG B 1316 -4.76 3.48 -37.25
CA ARG B 1316 -4.15 4.15 -36.11
C ARG B 1316 -3.12 3.25 -35.44
N LEU B 1317 -3.40 1.94 -35.37
CA LEU B 1317 -2.43 1.01 -34.82
C LEU B 1317 -1.16 0.97 -35.67
N PHE B 1318 -1.31 0.94 -37.00
CA PHE B 1318 -0.14 0.85 -37.87
C PHE B 1318 0.71 2.10 -37.76
N VAL B 1319 0.09 3.29 -37.82
CA VAL B 1319 0.88 4.51 -37.76
C VAL B 1319 1.49 4.68 -36.37
N GLU B 1320 0.82 4.22 -35.31
CA GLU B 1320 1.43 4.28 -33.99
C GLU B 1320 2.67 3.39 -33.92
N ALA B 1321 2.59 2.17 -34.47
CA ALA B 1321 3.75 1.29 -34.50
C ALA B 1321 4.87 1.88 -35.33
N PHE B 1322 4.53 2.46 -36.49
CA PHE B 1322 5.52 3.10 -37.35
C PHE B 1322 6.20 4.25 -36.60
N LEU B 1323 5.41 5.05 -35.90
CA LEU B 1323 5.93 6.15 -35.10
C LEU B 1323 6.91 5.64 -34.03
N LYS B 1324 6.51 4.59 -33.31
CA LYS B 1324 7.33 4.13 -32.19
C LYS B 1324 8.64 3.53 -32.68
N GLN B 1325 8.60 2.76 -33.78
CA GLN B 1325 9.76 1.99 -34.20
C GLN B 1325 10.61 2.70 -35.27
N CYS B 1326 10.01 3.12 -36.38
CA CYS B 1326 10.81 3.62 -37.50
C CYS B 1326 11.50 4.93 -37.17
N MET B 1327 10.84 5.80 -36.42
CA MET B 1327 11.33 7.16 -36.23
C MET B 1327 12.69 7.23 -35.53
N PRO B 1328 13.00 6.42 -34.51
CA PRO B 1328 14.39 6.36 -34.03
C PRO B 1328 15.39 5.99 -35.12
N LEU B 1329 15.04 5.06 -36.02
CA LEU B 1329 15.95 4.72 -37.10
C LEU B 1329 16.16 5.89 -38.04
N LEU B 1330 15.09 6.66 -38.31
CA LEU B 1330 15.22 7.86 -39.13
C LEU B 1330 16.10 8.89 -38.43
N ASP B 1331 15.97 9.02 -37.11
CA ASP B 1331 16.81 9.93 -36.36
C ASP B 1331 18.28 9.53 -36.47
N PHE B 1332 18.56 8.24 -36.35
CA PHE B 1332 19.95 7.79 -36.43
C PHE B 1332 20.52 7.95 -37.83
N SER B 1333 19.72 7.63 -38.85
CA SER B 1333 20.21 7.44 -40.21
C SER B 1333 19.68 8.49 -41.19
N PHE B 1334 19.43 9.70 -40.72
CA PHE B 1334 18.97 10.74 -41.64
C PHE B 1334 20.07 11.18 -42.60
N ARG B 1335 21.26 11.46 -42.07
CA ARG B 1335 22.33 12.00 -42.90
C ARG B 1335 22.82 10.98 -43.93
N LYS B 1336 22.94 9.72 -43.52
CA LYS B 1336 23.52 8.70 -44.41
C LYS B 1336 22.60 8.42 -45.60
N HIS B 1337 21.29 8.37 -45.37
CA HIS B 1337 20.29 7.95 -46.34
C HIS B 1337 19.19 9.00 -46.45
N ARG B 1338 19.59 10.26 -46.63
CA ARG B 1338 18.63 11.37 -46.59
C ARG B 1338 17.60 11.27 -47.71
N GLU B 1339 18.04 10.99 -48.94
CA GLU B 1339 17.12 11.02 -50.08
C GLU B 1339 16.07 9.93 -49.97
N ASP B 1340 16.48 8.72 -49.58
CA ASP B 1340 15.50 7.64 -49.39
C ASP B 1340 14.57 7.95 -48.23
N VAL B 1341 15.09 8.60 -47.18
CA VAL B 1341 14.24 8.98 -46.05
C VAL B 1341 13.18 9.97 -46.51
N LEU B 1342 13.56 10.96 -47.31
CA LEU B 1342 12.58 11.90 -47.85
C LEU B 1342 11.60 11.21 -48.78
N SER B 1343 12.06 10.22 -49.56
CA SER B 1343 11.16 9.52 -50.46
C SER B 1343 10.09 8.75 -49.68
N LEU B 1344 10.50 7.97 -48.69
CA LEU B 1344 9.52 7.22 -47.91
C LEU B 1344 8.67 8.17 -47.06
N LEU B 1345 9.22 9.31 -46.64
CA LEU B 1345 8.41 10.29 -45.93
C LEU B 1345 7.35 10.88 -46.85
N GLU B 1346 7.68 11.13 -48.12
CA GLU B 1346 6.69 11.62 -49.07
C GLU B 1346 5.61 10.57 -49.33
N THR B 1347 6.01 9.30 -49.43
CA THR B 1347 5.02 8.24 -49.61
C THR B 1347 4.10 8.16 -48.40
N PHE B 1348 4.65 8.25 -47.19
CA PHE B 1348 3.80 8.29 -46.01
C PHE B 1348 3.01 9.58 -45.93
N GLN B 1349 3.47 10.66 -46.55
CA GLN B 1349 2.66 11.87 -46.63
C GLN B 1349 1.41 11.63 -47.49
N LEU B 1350 1.59 10.93 -48.61
CA LEU B 1350 0.42 10.53 -49.41
C LEU B 1350 -0.51 9.65 -48.59
N ASP B 1351 0.05 8.70 -47.84
CA ASP B 1351 -0.77 7.83 -47.01
C ASP B 1351 -1.49 8.62 -45.92
N THR B 1352 -0.80 9.60 -45.34
CA THR B 1352 -1.41 10.43 -44.31
C THR B 1352 -2.51 11.30 -44.88
N ARG B 1353 -2.35 11.78 -46.11
CA ARG B 1353 -3.43 12.49 -46.77
C ARG B 1353 -4.64 11.60 -46.97
N LEU B 1354 -4.41 10.35 -47.37
CA LEU B 1354 -5.52 9.39 -47.48
C LEU B 1354 -6.19 9.16 -46.13
N LEU B 1355 -5.39 9.03 -45.08
CA LEU B 1355 -5.93 8.81 -43.74
C LEU B 1355 -6.78 10.00 -43.29
N HIS B 1356 -6.28 11.22 -43.53
CA HIS B 1356 -7.04 12.42 -43.15
C HIS B 1356 -8.32 12.52 -43.96
N HIS B 1357 -8.29 12.16 -45.24
CA HIS B 1357 -9.52 12.16 -46.03
C HIS B 1357 -10.52 11.16 -45.49
N LEU B 1358 -10.04 9.98 -45.07
CA LEU B 1358 -10.93 9.00 -44.44
C LEU B 1358 -11.51 9.55 -43.14
N CYS B 1359 -10.68 10.25 -42.36
CA CYS B 1359 -11.16 10.87 -41.13
C CYS B 1359 -12.25 11.90 -41.43
N GLY B 1360 -12.05 12.71 -42.46
CA GLY B 1360 -13.06 13.69 -42.83
C GLY B 1360 -14.34 13.05 -43.31
N HIS B 1361 -14.23 11.96 -44.08
CA HIS B 1361 -15.43 11.25 -44.51
C HIS B 1361 -16.17 10.66 -43.33
N SER B 1362 -15.45 10.10 -42.37
CA SER B 1362 -16.09 9.55 -41.17
C SER B 1362 -16.78 10.65 -40.39
N LYS B 1363 -16.13 11.82 -40.25
CA LYS B 1363 -16.71 12.90 -39.48
C LYS B 1363 -17.93 13.49 -40.16
N ILE B 1364 -17.90 13.59 -41.49
CA ILE B 1364 -19.02 14.18 -42.21
C ILE B 1364 -20.26 13.31 -42.07
N HIS B 1365 -20.13 12.01 -42.30
CA HIS B 1365 -21.23 11.07 -42.13
C HIS B 1365 -21.43 10.83 -40.65
N GLN B 1366 -22.52 11.33 -40.09
CA GLN B 1366 -22.80 11.19 -38.67
C GLN B 1366 -23.01 9.72 -38.34
N ASP B 1367 -22.03 9.10 -37.69
CA ASP B 1367 -22.09 7.68 -37.37
C ASP B 1367 -21.25 7.44 -36.13
N THR B 1368 -21.87 6.90 -35.08
CA THR B 1368 -21.17 6.69 -33.82
C THR B 1368 -20.05 5.67 -33.97
N ARG B 1369 -20.35 4.54 -34.62
CA ARG B 1369 -19.37 3.46 -34.73
C ARG B 1369 -18.15 3.89 -35.53
N LEU B 1370 -18.35 4.63 -36.62
CA LEU B 1370 -17.22 5.10 -37.41
C LEU B 1370 -16.44 6.17 -36.65
N THR B 1371 -17.14 7.08 -35.99
CA THR B 1371 -16.50 8.16 -35.25
C THR B 1371 -15.85 7.70 -33.94
N GLN B 1372 -16.05 6.45 -33.54
CA GLN B 1372 -15.46 5.97 -32.29
C GLN B 1372 -13.93 5.99 -32.35
N HIS B 1373 -13.36 5.60 -33.49
CA HIS B 1373 -11.92 5.41 -33.64
C HIS B 1373 -11.22 6.61 -34.27
N VAL B 1374 -11.89 7.77 -34.34
CA VAL B 1374 -11.34 8.96 -34.98
C VAL B 1374 -10.33 9.71 -34.10
N PRO B 1375 -10.66 10.07 -32.85
CA PRO B 1375 -9.77 11.01 -32.13
C PRO B 1375 -8.39 10.45 -31.83
N LEU B 1376 -8.29 9.17 -31.45
CA LEU B 1376 -6.98 8.58 -31.21
C LEU B 1376 -6.18 8.49 -32.51
N LEU B 1377 -6.86 8.23 -33.63
CA LEU B 1377 -6.20 8.21 -34.93
C LEU B 1377 -5.58 9.57 -35.24
N LYS B 1378 -6.36 10.64 -35.07
CA LYS B 1378 -5.81 11.96 -35.34
C LYS B 1378 -4.72 12.34 -34.34
N LYS B 1379 -4.86 11.88 -33.09
CA LYS B 1379 -3.82 12.14 -32.10
C LYS B 1379 -2.49 11.52 -32.53
N THR B 1380 -2.50 10.23 -32.89
CA THR B 1380 -1.25 9.60 -33.28
C THR B 1380 -0.72 10.16 -34.59
N LEU B 1381 -1.61 10.57 -35.50
CA LEU B 1381 -1.16 11.13 -36.77
C LEU B 1381 -0.45 12.47 -36.55
N GLU B 1382 -1.06 13.31 -35.69
CA GLU B 1382 -0.50 14.61 -35.39
C GLU B 1382 0.79 14.42 -34.60
N LEU B 1383 0.84 13.39 -33.78
CA LEU B 1383 2.03 13.14 -32.98
C LEU B 1383 3.16 12.64 -33.86
N LEU B 1384 2.82 11.93 -34.95
CA LEU B 1384 3.84 11.62 -35.96
C LEU B 1384 4.33 12.89 -36.64
N VAL B 1385 3.43 13.85 -36.89
CA VAL B 1385 3.86 15.11 -37.50
C VAL B 1385 4.83 15.84 -36.58
N CYS B 1386 4.48 15.96 -35.31
CA CYS B 1386 5.37 16.60 -34.35
C CYS B 1386 6.63 15.78 -34.12
N ARG B 1387 6.57 14.46 -34.29
CA ARG B 1387 7.77 13.64 -34.22
C ARG B 1387 8.67 13.89 -35.42
N VAL B 1388 8.08 14.19 -36.59
CA VAL B 1388 8.89 14.59 -37.74
C VAL B 1388 9.59 15.91 -37.44
N LYS B 1389 8.86 16.84 -36.81
CA LYS B 1389 9.49 18.09 -36.38
C LYS B 1389 10.62 17.83 -35.39
N ALA B 1390 10.40 16.90 -34.45
CA ALA B 1390 11.45 16.54 -33.50
C ALA B 1390 12.64 15.91 -34.21
N MET B 1391 12.39 15.09 -35.22
CA MET B 1391 13.46 14.48 -35.98
C MET B 1391 14.30 15.54 -36.69
N LEU B 1392 13.63 16.52 -37.29
CA LEU B 1392 14.37 17.63 -37.91
C LEU B 1392 15.16 18.41 -36.87
N THR B 1393 14.58 18.59 -35.68
CA THR B 1393 15.29 19.32 -34.62
C THR B 1393 16.52 18.56 -34.14
N LEU B 1394 16.41 17.24 -33.99
CA LEU B 1394 17.54 16.45 -33.51
C LEU B 1394 18.71 16.48 -34.48
N ASN B 1395 18.39 16.60 -35.78
CA ASN B 1395 19.43 16.64 -36.82
C ASN B 1395 19.95 18.06 -37.07
N ASN B 1396 19.65 19.00 -36.17
CA ASN B 1396 20.14 20.38 -36.28
C ASN B 1396 19.61 21.06 -37.54
N CYS B 1397 18.37 20.75 -37.89
CA CYS B 1397 17.71 21.32 -39.08
C CYS B 1397 16.27 21.69 -38.77
N ARG B 1398 16.04 22.29 -37.59
CA ARG B 1398 14.68 22.68 -37.24
C ARG B 1398 14.13 23.75 -38.16
N GLU B 1399 14.99 24.64 -38.67
CA GLU B 1399 14.53 25.69 -39.57
C GLU B 1399 14.00 25.12 -40.87
N ALA B 1400 14.45 23.93 -41.27
CA ALA B 1400 13.97 23.32 -42.51
C ALA B 1400 12.49 22.93 -42.40
N PHE B 1401 12.00 22.68 -41.20
CA PHE B 1401 10.62 22.24 -41.03
C PHE B 1401 9.65 23.32 -41.47
N TRP B 1402 8.51 22.88 -42.00
CA TRP B 1402 7.46 23.80 -42.44
C TRP B 1402 6.15 23.04 -42.43
N LEU B 1403 5.04 23.78 -42.44
CA LEU B 1403 3.71 23.21 -42.38
C LEU B 1403 2.82 23.85 -43.44
N GLY B 1404 1.78 23.11 -43.81
CA GLY B 1404 0.75 23.65 -44.68
C GLY B 1404 -0.59 23.05 -44.31
N ASN B 1405 -1.66 23.73 -44.73
CA ASN B 1405 -3.02 23.27 -44.48
C ASN B 1405 -3.45 22.35 -45.62
N LEU B 1406 -3.98 21.18 -45.26
CA LEU B 1406 -4.36 20.16 -46.20
C LEU B 1406 -5.84 20.30 -46.56
N LYS B 1407 -6.14 20.29 -47.85
CA LYS B 1407 -7.52 20.44 -48.29
C LYS B 1407 -8.36 19.25 -47.87
N ASN B 1408 -9.65 19.50 -47.64
CA ASN B 1408 -10.60 18.48 -47.19
C ASN B 1408 -11.19 17.79 -48.41
N ARG B 1409 -10.50 16.76 -48.88
CA ARG B 1409 -10.95 15.96 -50.01
C ARG B 1409 -11.65 14.71 -49.50
N ASP B 1410 -12.79 14.38 -50.12
CA ASP B 1410 -13.53 13.18 -49.78
C ASP B 1410 -12.81 11.96 -50.36
N LEU B 1411 -13.46 10.79 -50.23
CA LEU B 1411 -12.81 9.52 -50.59
C LEU B 1411 -12.43 9.48 -52.07
N GLN B 1412 -13.31 9.95 -52.94
CA GLN B 1412 -13.04 9.91 -54.38
C GLN B 1412 -11.99 10.93 -54.82
N GLY B 1413 -11.60 11.86 -53.96
CA GLY B 1413 -10.58 12.84 -54.27
C GLY B 1413 -11.10 14.17 -54.78
N GLU B 1414 -12.15 14.69 -54.18
CA GLU B 1414 -12.75 15.94 -54.62
C GLU B 1414 -12.98 16.84 -53.41
N GLU B 1415 -12.63 18.12 -53.53
CA GLU B 1415 -12.76 19.06 -52.42
C GLU B 1415 -14.23 19.26 -52.06
N ILE B 1416 -14.47 19.54 -50.79
CA ILE B 1416 -15.80 19.80 -50.25
C ILE B 1416 -15.75 21.11 -49.45
N LYS B 1417 -16.90 21.76 -49.35
CA LYS B 1417 -16.99 23.03 -48.63
C LYS B 1417 -16.68 22.82 -47.15
N MET C 5 23.92 -30.94 42.07
CA MET C 5 23.44 -30.67 40.68
C MET C 5 23.92 -29.30 40.23
N GLN C 6 25.08 -29.27 39.59
CA GLN C 6 25.66 -28.03 39.10
C GLN C 6 25.05 -27.66 37.74
N ILE C 7 24.98 -26.33 37.49
CA ILE C 7 24.42 -25.80 36.26
C ILE C 7 25.32 -24.66 35.78
N PHE C 8 25.62 -24.61 34.48
CA PHE C 8 26.45 -23.59 33.87
C PHE C 8 25.55 -22.48 33.34
N VAL C 9 25.73 -21.28 33.87
CA VAL C 9 25.06 -20.08 33.39
C VAL C 9 26.02 -19.38 32.45
N LYS C 10 25.58 -19.23 31.20
CA LYS C 10 26.37 -18.65 30.11
C LYS C 10 25.81 -17.27 29.83
N THR C 11 26.51 -16.23 30.26
CA THR C 11 26.10 -14.87 29.95
C THR C 11 26.60 -14.51 28.54
N LEU C 12 26.32 -13.29 28.12
CA LEU C 12 26.85 -12.83 26.85
C LEU C 12 28.37 -12.70 26.94
N THR C 13 29.01 -12.72 25.77
CA THR C 13 30.46 -12.64 25.62
C THR C 13 31.19 -13.89 26.13
N GLY C 14 30.48 -15.00 26.33
CA GLY C 14 31.10 -16.28 26.59
C GLY C 14 31.51 -16.55 28.03
N LYS C 15 31.18 -15.67 28.98
CA LYS C 15 31.53 -15.92 30.37
C LYS C 15 30.73 -17.09 30.92
N THR C 16 31.42 -17.96 31.67
CA THR C 16 30.82 -19.12 32.31
C THR C 16 30.71 -18.88 33.81
N ILE C 17 29.59 -19.29 34.39
CA ILE C 17 29.36 -19.24 35.83
C ILE C 17 28.86 -20.61 36.27
N THR C 18 29.54 -21.21 37.24
CA THR C 18 29.12 -22.48 37.82
C THR C 18 28.26 -22.19 39.05
N LEU C 19 27.09 -22.81 39.13
CA LEU C 19 26.18 -22.54 40.24
C LEU C 19 25.35 -23.78 40.53
N GLU C 20 25.20 -24.10 41.81
CA GLU C 20 24.51 -25.30 42.26
C GLU C 20 23.05 -24.96 42.58
N VAL C 21 22.14 -25.72 41.98
CA VAL C 21 20.70 -25.62 42.23
C VAL C 21 20.15 -27.02 42.35
N GLU C 22 19.39 -27.28 43.41
CA GLU C 22 18.77 -28.58 43.58
C GLU C 22 17.62 -28.75 42.59
N PRO C 23 17.23 -30.00 42.28
CA PRO C 23 16.12 -30.18 41.34
C PRO C 23 14.79 -29.61 41.83
N SER C 24 14.56 -29.63 43.14
CA SER C 24 13.29 -29.17 43.70
C SER C 24 13.14 -27.65 43.70
N ASP C 25 14.20 -26.91 43.39
CA ASP C 25 14.14 -25.45 43.48
C ASP C 25 13.31 -24.89 42.33
N THR C 26 13.25 -23.55 42.27
CA THR C 26 12.44 -22.83 41.30
C THR C 26 13.26 -21.69 40.71
N ILE C 27 12.72 -21.08 39.66
CA ILE C 27 13.45 -20.05 38.91
C ILE C 27 13.68 -18.82 39.76
N GLU C 28 12.77 -18.51 40.69
CA GLU C 28 13.00 -17.37 41.58
C GLU C 28 14.21 -17.59 42.46
N ASN C 29 14.40 -18.82 42.96
CA ASN C 29 15.60 -19.13 43.72
C ASN C 29 16.84 -19.03 42.86
N VAL C 30 16.73 -19.41 41.58
CA VAL C 30 17.86 -19.31 40.66
C VAL C 30 18.26 -17.85 40.49
N LYS C 31 17.27 -16.97 40.28
CA LYS C 31 17.57 -15.55 40.10
C LYS C 31 18.12 -14.95 41.39
N ALA C 32 17.60 -15.37 42.54
CA ALA C 32 18.14 -14.89 43.82
C ALA C 32 19.59 -15.32 44.00
N LYS C 33 19.91 -16.56 43.65
CA LYS C 33 21.29 -17.02 43.75
C LYS C 33 22.19 -16.26 42.79
N ILE C 34 21.68 -15.95 41.60
CA ILE C 34 22.47 -15.18 40.63
C ILE C 34 22.75 -13.78 41.17
N GLN C 35 21.75 -13.16 41.80
CA GLN C 35 21.98 -11.86 42.44
C GLN C 35 23.01 -11.99 43.55
N ASP C 36 22.93 -13.06 44.32
CA ASP C 36 23.88 -13.25 45.42
C ASP C 36 25.31 -13.40 44.91
N LYS C 37 25.48 -14.11 43.78
CA LYS C 37 26.81 -14.35 43.25
C LYS C 37 27.30 -13.20 42.38
N GLU C 38 26.49 -12.79 41.39
CA GLU C 38 26.92 -11.81 40.40
C GLU C 38 26.57 -10.37 40.78
N GLY C 39 25.51 -10.17 41.56
CA GLY C 39 25.06 -8.85 41.94
C GLY C 39 24.03 -8.24 41.02
N ILE C 40 23.72 -8.86 39.90
CA ILE C 40 22.66 -8.36 39.01
C ILE C 40 21.32 -8.46 39.74
N PRO C 41 20.44 -7.46 39.71
CA PRO C 41 19.15 -7.60 40.39
C PRO C 41 18.30 -8.65 39.71
N PRO C 42 17.35 -9.27 40.43
CA PRO C 42 16.63 -10.40 39.82
C PRO C 42 15.69 -9.99 38.70
N ASP C 43 14.91 -8.92 38.90
CA ASP C 43 13.89 -8.55 37.93
C ASP C 43 14.49 -8.08 36.61
N GLN C 44 15.71 -7.55 36.64
CA GLN C 44 16.29 -6.99 35.42
C GLN C 44 16.71 -8.09 34.45
N GLN C 45 17.33 -9.15 34.96
CA GLN C 45 17.91 -10.17 34.09
C GLN C 45 16.81 -11.04 33.47
N ARG C 46 17.23 -11.96 32.61
CA ARG C 46 16.33 -12.89 31.97
C ARG C 46 17.12 -14.13 31.57
N LEU C 47 16.47 -15.28 31.65
CA LEU C 47 17.07 -16.58 31.38
C LEU C 47 16.34 -17.26 30.24
N ILE C 48 17.09 -18.02 29.44
CA ILE C 48 16.54 -18.77 28.32
C ILE C 48 17.22 -20.13 28.27
N PHE C 49 16.44 -21.15 27.94
CA PHE C 49 16.91 -22.53 27.90
C PHE C 49 16.22 -23.24 26.74
N ALA C 50 17.02 -23.92 25.92
CA ALA C 50 16.53 -24.59 24.70
C ALA C 50 15.83 -23.61 23.77
N GLY C 51 16.28 -22.35 23.78
CA GLY C 51 15.61 -21.30 23.03
C GLY C 51 14.17 -21.10 23.43
N LYS C 52 13.86 -21.23 24.72
CA LYS C 52 12.51 -21.06 25.25
C LYS C 52 12.59 -20.17 26.48
N GLN C 53 11.72 -19.18 26.55
CA GLN C 53 11.74 -18.23 27.65
C GLN C 53 11.34 -18.92 28.95
N LEU C 54 12.14 -18.74 30.00
CA LEU C 54 11.83 -19.31 31.30
C LEU C 54 10.68 -18.53 31.91
N GLU C 55 9.50 -19.17 31.99
CA GLU C 55 8.35 -18.52 32.59
C GLU C 55 8.57 -18.35 34.09
N ASP C 56 8.38 -17.14 34.58
CA ASP C 56 8.62 -16.86 35.99
C ASP C 56 7.54 -17.51 36.86
N GLY C 57 7.93 -17.85 38.08
CA GLY C 57 7.00 -18.46 39.01
C GLY C 57 6.67 -19.91 38.72
N ARG C 58 7.56 -20.62 38.03
CA ARG C 58 7.39 -22.04 37.71
C ARG C 58 8.66 -22.79 38.06
N THR C 59 8.50 -23.98 38.63
CA THR C 59 9.65 -24.77 39.04
C THR C 59 10.44 -25.25 37.83
N LEU C 60 11.76 -25.37 38.01
CA LEU C 60 12.62 -25.85 36.94
C LEU C 60 12.39 -27.32 36.63
N SER C 61 11.75 -28.07 37.52
CA SER C 61 11.45 -29.48 37.25
C SER C 61 10.52 -29.63 36.05
N ASP C 62 9.64 -28.66 35.82
CA ASP C 62 8.79 -28.70 34.64
C ASP C 62 9.62 -28.63 33.37
N TYR C 63 10.63 -27.76 33.35
CA TYR C 63 11.57 -27.73 32.25
C TYR C 63 12.52 -28.93 32.33
N ASN C 64 13.07 -29.29 31.17
CA ASN C 64 13.94 -30.46 31.07
C ASN C 64 15.39 -30.09 31.46
N ILE C 65 15.55 -29.73 32.72
CA ILE C 65 16.84 -29.35 33.28
C ILE C 65 17.49 -30.61 33.85
N GLN C 66 18.72 -30.89 33.43
CA GLN C 66 19.48 -32.07 33.84
C GLN C 66 20.84 -31.63 34.34
N LYS C 67 21.68 -32.62 34.67
CA LYS C 67 23.01 -32.35 35.17
C LYS C 67 23.85 -31.68 34.07
N GLU C 68 24.68 -30.72 34.49
CA GLU C 68 25.49 -29.92 33.57
C GLU C 68 24.62 -29.21 32.53
N SER C 69 23.50 -28.67 33.01
CA SER C 69 22.65 -27.90 32.13
C SER C 69 23.34 -26.64 31.70
N THR C 70 22.87 -26.06 30.62
CA THR C 70 23.37 -24.77 30.13
C THR C 70 22.19 -23.81 30.03
N LEU C 71 22.22 -22.76 30.85
CA LEU C 71 21.18 -21.73 30.87
C LEU C 71 21.81 -20.42 30.40
N HIS C 72 21.27 -19.86 29.31
CA HIS C 72 21.83 -18.64 28.75
C HIS C 72 21.15 -17.41 29.35
N LEU C 73 21.98 -16.46 29.79
CA LEU C 73 21.54 -15.28 30.53
C LEU C 73 21.64 -14.06 29.62
N VAL C 74 20.58 -13.27 29.60
CA VAL C 74 20.53 -12.03 28.82
C VAL C 74 19.98 -10.93 29.72
N LEU C 75 20.63 -9.77 29.68
CA LEU C 75 20.23 -8.60 30.44
C LEU C 75 19.58 -7.59 29.50
N ARG C 76 18.42 -7.06 29.91
CA ARG C 76 17.70 -6.12 29.06
C ARG C 76 18.52 -4.85 28.85
N LEU C 77 19.10 -4.33 29.92
CA LEU C 77 19.90 -3.11 29.89
C LEU C 77 21.39 -3.47 29.97
N ARG C 78 22.18 -2.78 29.17
CA ARG C 78 23.60 -3.12 29.06
C ARG C 78 24.32 -2.89 30.37
N GLY C 79 25.24 -3.80 30.69
CA GLY C 79 26.05 -3.66 31.90
C GLY C 79 25.24 -3.69 33.18
N GLY C 80 24.26 -4.58 33.27
CA GLY C 80 23.43 -4.67 34.46
C GLY C 80 22.32 -3.64 34.45
#